data_2EQI
#
_entry.id   2EQI
#
_entity_poly.entity_id   1
_entity_poly.type   'polypeptide(L)'
_entity_poly.pdbx_seq_one_letter_code
;GSSGSSGRTVKALYDYKAKRSDELTFCRGALIHNVSKEPGGWWKGDYGTRIQQYFPSNYVEDISGPSSG
;
_entity_poly.pdbx_strand_id   A
#
# COMPACT_ATOMS: atom_id res chain seq x y z
N GLY A 1 -13.29 -9.73 -14.12
CA GLY A 1 -12.08 -10.20 -14.77
C GLY A 1 -10.87 -9.37 -14.42
N SER A 2 -9.88 -10.01 -13.80
CA SER A 2 -8.66 -9.33 -13.40
C SER A 2 -7.50 -10.31 -13.25
N SER A 3 -6.43 -10.08 -14.00
CA SER A 3 -5.26 -10.95 -13.95
C SER A 3 -4.10 -10.26 -13.23
N GLY A 4 -3.51 -10.98 -12.28
CA GLY A 4 -2.39 -10.42 -11.53
C GLY A 4 -2.75 -10.16 -10.07
N SER A 5 -2.41 -11.10 -9.20
CA SER A 5 -2.70 -10.97 -7.78
C SER A 5 -1.44 -11.21 -6.94
N SER A 6 -1.19 -10.31 -6.00
CA SER A 6 -0.02 -10.42 -5.14
C SER A 6 -0.41 -10.23 -3.67
N GLY A 7 0.34 -10.86 -2.77
CA GLY A 7 0.06 -10.75 -1.36
C GLY A 7 1.09 -9.91 -0.63
N ARG A 8 1.56 -8.85 -1.28
CA ARG A 8 2.55 -7.97 -0.68
C ARG A 8 1.93 -7.04 0.36
N THR A 9 2.71 -6.65 1.34
CA THR A 9 2.22 -5.76 2.40
C THR A 9 3.24 -4.66 2.70
N VAL A 10 2.73 -3.48 3.06
CA VAL A 10 3.58 -2.35 3.37
C VAL A 10 3.05 -1.57 4.56
N LYS A 11 3.96 -1.06 5.40
CA LYS A 11 3.58 -0.30 6.58
C LYS A 11 3.93 1.18 6.41
N ALA A 12 3.04 2.04 6.86
CA ALA A 12 3.25 3.49 6.76
C ALA A 12 4.27 3.96 7.80
N LEU A 13 5.34 4.59 7.31
CA LEU A 13 6.39 5.09 8.19
C LEU A 13 6.07 6.50 8.68
N TYR A 14 4.98 7.06 8.16
CA TYR A 14 4.56 8.40 8.54
C TYR A 14 3.07 8.61 8.27
N ASP A 15 2.45 9.51 9.02
CA ASP A 15 1.04 9.80 8.86
C ASP A 15 0.77 10.50 7.53
N TYR A 16 -0.30 10.12 6.87
CA TYR A 16 -0.66 10.72 5.58
C TYR A 16 -2.17 10.92 5.47
N LYS A 17 -2.58 11.74 4.52
CA LYS A 17 -3.99 12.02 4.32
C LYS A 17 -4.30 12.24 2.83
N ALA A 18 -5.33 11.56 2.34
CA ALA A 18 -5.72 11.68 0.94
C ALA A 18 -6.32 13.05 0.66
N LYS A 19 -5.65 13.81 -0.21
CA LYS A 19 -6.10 15.15 -0.57
C LYS A 19 -6.48 15.22 -2.04
N ARG A 20 -6.94 14.08 -2.58
CA ARG A 20 -7.34 14.01 -3.98
C ARG A 20 -8.32 12.87 -4.22
N SER A 21 -8.95 12.87 -5.38
CA SER A 21 -9.93 11.84 -5.73
C SER A 21 -9.27 10.47 -5.78
N ASP A 22 -7.99 10.44 -6.14
CA ASP A 22 -7.24 9.20 -6.24
C ASP A 22 -6.11 9.17 -5.21
N GLU A 23 -6.42 8.68 -4.01
CA GLU A 23 -5.43 8.61 -2.94
C GLU A 23 -5.93 7.73 -1.80
N LEU A 24 -5.01 7.24 -0.98
CA LEU A 24 -5.36 6.39 0.15
C LEU A 24 -5.06 7.10 1.47
N THR A 25 -5.88 6.84 2.48
CA THR A 25 -5.70 7.45 3.80
C THR A 25 -5.17 6.44 4.80
N PHE A 26 -4.20 6.84 5.60
CA PHE A 26 -3.61 5.97 6.61
C PHE A 26 -2.72 6.77 7.57
N CYS A 27 -2.44 6.19 8.72
CA CYS A 27 -1.60 6.84 9.72
C CYS A 27 -0.30 6.06 9.93
N ARG A 28 0.67 6.70 10.56
CA ARG A 28 1.96 6.06 10.82
C ARG A 28 1.77 4.72 11.52
N GLY A 29 2.18 3.65 10.85
CA GLY A 29 2.06 2.32 11.42
C GLY A 29 1.08 1.45 10.64
N ALA A 30 0.10 2.08 10.02
CA ALA A 30 -0.91 1.36 9.24
C ALA A 30 -0.24 0.35 8.30
N LEU A 31 -1.05 -0.51 7.70
CA LEU A 31 -0.55 -1.54 6.78
C LEU A 31 -1.48 -1.69 5.59
N ILE A 32 -0.90 -1.92 4.41
CA ILE A 32 -1.69 -2.11 3.20
C ILE A 32 -1.35 -3.43 2.52
N HIS A 33 -2.38 -4.24 2.29
CA HIS A 33 -2.18 -5.54 1.65
C HIS A 33 -2.45 -5.44 0.15
N ASN A 34 -1.99 -6.45 -0.59
CA ASN A 34 -2.18 -6.48 -2.04
C ASN A 34 -1.48 -5.29 -2.70
N VAL A 35 -0.18 -5.14 -2.42
CA VAL A 35 0.59 -4.05 -2.99
C VAL A 35 1.16 -4.42 -4.36
N SER A 36 0.77 -3.65 -5.38
CA SER A 36 1.23 -3.91 -6.74
C SER A 36 2.34 -2.94 -7.12
N LYS A 37 3.57 -3.30 -6.75
CA LYS A 37 4.73 -2.46 -7.06
C LYS A 37 4.72 -2.04 -8.53
N GLU A 38 4.17 -0.86 -8.80
CA GLU A 38 4.10 -0.35 -10.17
C GLU A 38 5.47 0.13 -10.64
N PRO A 39 5.68 0.12 -11.96
CA PRO A 39 6.95 0.54 -12.57
C PRO A 39 7.17 2.05 -12.44
N GLY A 40 6.08 2.80 -12.36
CA GLY A 40 6.18 4.24 -12.24
C GLY A 40 6.48 4.68 -10.82
N GLY A 41 5.44 4.98 -10.05
CA GLY A 41 5.64 5.41 -8.68
C GLY A 41 4.54 4.93 -7.76
N TRP A 42 3.38 5.56 -7.84
CA TRP A 42 2.24 5.19 -7.00
C TRP A 42 1.95 3.69 -7.11
N TRP A 43 1.59 3.09 -5.99
CA TRP A 43 1.28 1.66 -5.97
C TRP A 43 -0.21 1.42 -5.75
N LYS A 44 -0.65 0.18 -5.93
CA LYS A 44 -2.05 -0.17 -5.74
C LYS A 44 -2.22 -1.12 -4.56
N GLY A 45 -3.06 -0.73 -3.61
CA GLY A 45 -3.31 -1.55 -2.44
C GLY A 45 -4.64 -1.26 -1.78
N ASP A 46 -4.96 -2.01 -0.74
CA ASP A 46 -6.22 -1.83 -0.03
C ASP A 46 -5.97 -1.43 1.43
N TYR A 47 -6.89 -0.66 1.99
CA TYR A 47 -6.77 -0.21 3.37
C TYR A 47 -8.13 0.19 3.93
N GLY A 48 -8.65 -0.64 4.84
CA GLY A 48 -9.94 -0.35 5.45
C GLY A 48 -11.00 -0.04 4.42
N THR A 49 -11.79 1.01 4.68
CA THR A 49 -12.85 1.42 3.78
C THR A 49 -12.31 1.65 2.38
N ARG A 50 -11.00 1.90 2.27
CA ARG A 50 -10.36 2.14 0.98
C ARG A 50 -9.91 0.84 0.35
N ILE A 51 -9.94 0.78 -0.97
CA ILE A 51 -9.52 -0.41 -1.70
C ILE A 51 -8.82 -0.04 -3.00
N GLN A 52 -7.76 -0.78 -3.32
CA GLN A 52 -6.99 -0.53 -4.53
C GLN A 52 -6.89 0.97 -4.82
N GLN A 53 -6.42 1.71 -3.82
CA GLN A 53 -6.27 3.16 -3.96
C GLN A 53 -4.79 3.55 -3.99
N TYR A 54 -4.44 4.40 -4.95
CA TYR A 54 -3.06 4.86 -5.08
C TYR A 54 -2.54 5.45 -3.77
N PHE A 55 -1.24 5.29 -3.53
CA PHE A 55 -0.63 5.81 -2.31
C PHE A 55 0.87 6.01 -2.50
N PRO A 56 1.44 6.97 -1.76
CA PRO A 56 2.88 7.29 -1.83
C PRO A 56 3.74 6.18 -1.24
N SER A 57 4.59 5.60 -2.08
CA SER A 57 5.48 4.52 -1.65
C SER A 57 6.57 5.06 -0.71
N ASN A 58 6.77 6.37 -0.75
CA ASN A 58 7.78 7.01 0.09
C ASN A 58 7.30 7.13 1.53
N TYR A 59 6.01 6.87 1.73
CA TYR A 59 5.43 6.96 3.06
C TYR A 59 5.10 5.57 3.60
N VAL A 60 5.65 4.55 2.96
CA VAL A 60 5.43 3.18 3.37
C VAL A 60 6.65 2.30 3.09
N GLU A 61 6.80 1.22 3.85
CA GLU A 61 7.93 0.33 3.69
C GLU A 61 7.46 -1.13 3.62
N ASP A 62 8.09 -1.90 2.74
CA ASP A 62 7.73 -3.31 2.58
C ASP A 62 8.04 -4.10 3.84
N ILE A 63 7.06 -4.86 4.32
CA ILE A 63 7.23 -5.66 5.54
C ILE A 63 7.08 -7.15 5.22
N SER A 64 6.48 -7.45 4.08
CA SER A 64 6.27 -8.84 3.67
C SER A 64 7.57 -9.44 3.12
N GLY A 65 7.92 -10.61 3.62
CA GLY A 65 9.14 -11.28 3.18
C GLY A 65 9.83 -12.03 4.29
N PRO A 66 10.80 -12.88 3.92
CA PRO A 66 11.57 -13.68 4.89
C PRO A 66 12.51 -12.83 5.73
N SER A 67 12.34 -12.92 7.05
CA SER A 67 13.18 -12.15 7.97
C SER A 67 14.35 -12.99 8.48
N SER A 68 14.06 -14.25 8.80
CA SER A 68 15.08 -15.16 9.30
C SER A 68 15.36 -16.27 8.29
N GLY A 69 14.31 -16.99 7.90
CA GLY A 69 14.47 -18.07 6.95
C GLY A 69 15.66 -18.94 7.25
N GLY A 1 -9.71 -11.20 -9.23
CA GLY A 1 -9.60 -12.40 -10.03
C GLY A 1 -9.13 -13.60 -9.22
N SER A 2 -9.22 -14.78 -9.81
CA SER A 2 -8.79 -16.01 -9.14
C SER A 2 -7.38 -16.40 -9.56
N SER A 3 -7.15 -16.42 -10.88
CA SER A 3 -5.84 -16.78 -11.42
C SER A 3 -4.88 -15.60 -11.33
N GLY A 4 -3.72 -15.84 -10.71
CA GLY A 4 -2.73 -14.79 -10.58
C GLY A 4 -3.14 -13.74 -9.57
N SER A 5 -2.62 -13.86 -8.35
CA SER A 5 -2.93 -12.91 -7.28
C SER A 5 -1.66 -12.44 -6.57
N SER A 6 -1.82 -11.52 -5.64
CA SER A 6 -0.70 -10.97 -4.90
C SER A 6 -1.09 -10.67 -3.46
N GLY A 7 -0.11 -10.69 -2.55
CA GLY A 7 -0.38 -10.42 -1.16
C GLY A 7 0.67 -9.51 -0.53
N ARG A 8 1.32 -8.71 -1.36
CA ARG A 8 2.35 -7.80 -0.89
C ARG A 8 1.80 -6.88 0.21
N THR A 9 2.66 -6.53 1.15
CA THR A 9 2.26 -5.66 2.26
C THR A 9 3.30 -4.56 2.48
N VAL A 10 2.83 -3.40 2.95
CA VAL A 10 3.72 -2.28 3.22
C VAL A 10 3.20 -1.44 4.39
N LYS A 11 4.11 -0.98 5.24
CA LYS A 11 3.76 -0.16 6.39
C LYS A 11 4.14 1.29 6.16
N ALA A 12 3.32 2.20 6.69
CA ALA A 12 3.58 3.63 6.55
C ALA A 12 4.51 4.13 7.65
N LEU A 13 5.59 4.78 7.25
CA LEU A 13 6.56 5.31 8.20
C LEU A 13 6.18 6.72 8.64
N TYR A 14 5.09 7.24 8.08
CA TYR A 14 4.62 8.57 8.41
C TYR A 14 3.13 8.71 8.11
N ASP A 15 2.44 9.50 8.94
CA ASP A 15 1.01 9.72 8.77
C ASP A 15 0.73 10.52 7.49
N TYR A 16 -0.11 9.97 6.63
CA TYR A 16 -0.47 10.63 5.38
C TYR A 16 -1.97 10.60 5.15
N LYS A 17 -2.59 11.78 5.19
CA LYS A 17 -4.03 11.89 4.98
C LYS A 17 -4.34 12.24 3.53
N ALA A 18 -5.05 11.34 2.86
CA ALA A 18 -5.42 11.56 1.46
C ALA A 18 -6.32 12.79 1.32
N LYS A 19 -6.00 13.63 0.35
CA LYS A 19 -6.79 14.84 0.10
C LYS A 19 -7.64 14.70 -1.15
N ARG A 20 -7.07 14.08 -2.18
CA ARG A 20 -7.79 13.88 -3.45
C ARG A 20 -8.54 12.55 -3.42
N SER A 21 -9.46 12.39 -4.36
CA SER A 21 -10.26 11.17 -4.46
C SER A 21 -9.37 9.97 -4.79
N ASP A 22 -8.51 10.14 -5.79
CA ASP A 22 -7.60 9.08 -6.21
C ASP A 22 -6.43 8.96 -5.25
N GLU A 23 -6.71 8.74 -3.98
CA GLU A 23 -5.67 8.61 -2.97
C GLU A 23 -6.12 7.67 -1.85
N LEU A 24 -5.20 7.34 -0.96
CA LEU A 24 -5.48 6.45 0.16
C LEU A 24 -5.21 7.14 1.49
N THR A 25 -6.11 6.96 2.45
CA THR A 25 -5.97 7.56 3.77
C THR A 25 -5.37 6.57 4.77
N PHE A 26 -4.36 7.01 5.50
CA PHE A 26 -3.70 6.16 6.50
C PHE A 26 -2.79 6.98 7.40
N CYS A 27 -2.42 6.41 8.53
CA CYS A 27 -1.56 7.09 9.49
C CYS A 27 -0.27 6.29 9.73
N ARG A 28 0.69 6.92 10.38
CA ARG A 28 1.97 6.28 10.66
C ARG A 28 1.75 4.93 11.36
N GLY A 29 2.20 3.85 10.70
CA GLY A 29 2.05 2.53 11.27
C GLY A 29 1.05 1.68 10.50
N ALA A 30 0.18 2.35 9.76
CA ALA A 30 -0.84 1.64 8.97
C ALA A 30 -0.19 0.68 7.98
N LEU A 31 -0.95 -0.33 7.57
CA LEU A 31 -0.46 -1.32 6.61
C LEU A 31 -1.38 -1.43 5.41
N ILE A 32 -0.79 -1.68 4.24
CA ILE A 32 -1.57 -1.81 3.02
C ILE A 32 -1.26 -3.13 2.31
N HIS A 33 -2.27 -3.98 2.19
CA HIS A 33 -2.11 -5.28 1.53
C HIS A 33 -2.57 -5.20 0.08
N ASN A 34 -2.16 -6.18 -0.72
CA ASN A 34 -2.52 -6.23 -2.13
C ASN A 34 -1.88 -5.09 -2.90
N VAL A 35 -0.59 -4.88 -2.68
CA VAL A 35 0.15 -3.82 -3.35
C VAL A 35 0.65 -4.30 -4.72
N SER A 36 0.25 -3.58 -5.77
CA SER A 36 0.66 -3.93 -7.12
C SER A 36 2.17 -3.77 -7.29
N LYS A 37 2.73 -2.76 -6.64
CA LYS A 37 4.16 -2.51 -6.71
C LYS A 37 4.58 -2.17 -8.14
N GLU A 38 3.71 -1.47 -8.86
CA GLU A 38 3.98 -1.09 -10.24
C GLU A 38 5.39 -0.48 -10.36
N PRO A 39 6.00 -0.67 -11.54
CA PRO A 39 7.34 -0.15 -11.82
C PRO A 39 7.37 1.37 -11.92
N GLY A 40 7.68 2.02 -10.81
CA GLY A 40 7.73 3.48 -10.80
C GLY A 40 7.70 4.05 -9.40
N GLY A 41 6.48 4.31 -8.90
CA GLY A 41 6.33 4.86 -7.56
C GLY A 41 5.02 4.46 -6.92
N TRP A 42 3.99 5.27 -7.13
CA TRP A 42 2.68 5.00 -6.56
C TRP A 42 2.26 3.56 -6.82
N TRP A 43 1.79 2.89 -5.77
CA TRP A 43 1.35 1.50 -5.89
C TRP A 43 -0.14 1.37 -5.61
N LYS A 44 -0.75 0.32 -6.14
CA LYS A 44 -2.17 0.08 -5.95
C LYS A 44 -2.41 -0.97 -4.86
N GLY A 45 -3.15 -0.59 -3.83
CA GLY A 45 -3.44 -1.51 -2.74
C GLY A 45 -4.75 -1.20 -2.06
N ASP A 46 -5.11 -2.02 -1.08
CA ASP A 46 -6.36 -1.84 -0.35
C ASP A 46 -6.10 -1.67 1.15
N TYR A 47 -6.67 -0.62 1.73
CA TYR A 47 -6.49 -0.34 3.15
C TYR A 47 -7.83 0.00 3.81
N GLY A 48 -8.54 -1.03 4.25
CA GLY A 48 -9.83 -0.82 4.90
C GLY A 48 -10.85 -0.19 3.96
N THR A 49 -11.65 0.72 4.50
CA THR A 49 -12.67 1.39 3.70
C THR A 49 -12.20 1.63 2.28
N ARG A 50 -10.95 2.09 2.15
CA ARG A 50 -10.37 2.35 0.83
C ARG A 50 -10.04 1.06 0.10
N ILE A 51 -10.04 1.11 -1.22
CA ILE A 51 -9.73 -0.07 -2.03
C ILE A 51 -8.99 0.32 -3.31
N GLN A 52 -7.97 -0.46 -3.65
CA GLN A 52 -7.18 -0.19 -4.84
C GLN A 52 -6.97 1.31 -5.04
N GLN A 53 -6.66 2.01 -3.96
CA GLN A 53 -6.44 3.45 -4.02
C GLN A 53 -4.94 3.77 -4.09
N TYR A 54 -4.58 4.62 -5.05
CA TYR A 54 -3.18 5.00 -5.22
C TYR A 54 -2.62 5.63 -3.96
N PHE A 55 -1.43 5.20 -3.56
CA PHE A 55 -0.79 5.73 -2.35
C PHE A 55 0.70 5.94 -2.59
N PRO A 56 1.27 6.91 -1.86
CA PRO A 56 2.70 7.23 -1.96
C PRO A 56 3.59 6.14 -1.39
N SER A 57 4.37 5.50 -2.26
CA SER A 57 5.27 4.44 -1.83
C SER A 57 6.42 4.99 -1.00
N ASN A 58 6.67 6.29 -1.14
CA ASN A 58 7.74 6.93 -0.39
C ASN A 58 7.37 7.09 1.08
N TYR A 59 6.09 6.98 1.38
CA TYR A 59 5.59 7.10 2.74
C TYR A 59 5.33 5.73 3.36
N VAL A 60 5.86 4.69 2.71
CA VAL A 60 5.68 3.32 3.20
C VAL A 60 6.90 2.46 2.87
N GLU A 61 7.02 1.33 3.55
CA GLU A 61 8.13 0.42 3.32
C GLU A 61 7.67 -1.03 3.40
N ASP A 62 8.27 -1.88 2.56
CA ASP A 62 7.92 -3.29 2.53
C ASP A 62 8.23 -3.95 3.88
N ILE A 63 7.27 -4.72 4.38
CA ILE A 63 7.44 -5.41 5.66
C ILE A 63 7.38 -6.92 5.48
N SER A 64 6.68 -7.36 4.44
CA SER A 64 6.53 -8.79 4.15
C SER A 64 7.64 -9.27 3.23
N GLY A 65 8.70 -8.48 3.13
CA GLY A 65 9.82 -8.84 2.28
C GLY A 65 10.64 -9.98 2.83
N PRO A 66 11.71 -10.37 2.11
CA PRO A 66 12.59 -11.46 2.52
C PRO A 66 13.42 -11.11 3.74
N SER A 67 14.04 -9.93 3.71
CA SER A 67 14.86 -9.47 4.83
C SER A 67 14.16 -9.70 6.17
N SER A 68 14.95 -9.79 7.23
CA SER A 68 14.41 -10.01 8.57
C SER A 68 13.32 -8.98 8.89
N GLY A 69 12.60 -9.21 9.99
CA GLY A 69 11.55 -8.30 10.39
C GLY A 69 10.17 -8.94 10.34
N GLY A 1 -5.38 -13.48 -13.59
CA GLY A 1 -4.61 -14.71 -13.48
C GLY A 1 -5.11 -15.62 -12.39
N SER A 2 -5.10 -16.93 -12.65
CA SER A 2 -5.56 -17.91 -11.68
C SER A 2 -4.40 -18.44 -10.85
N SER A 3 -3.40 -18.99 -11.53
CA SER A 3 -2.22 -19.55 -10.86
C SER A 3 -1.20 -18.45 -10.58
N GLY A 4 -0.85 -18.29 -9.30
CA GLY A 4 0.12 -17.27 -8.93
C GLY A 4 -0.49 -16.17 -8.09
N SER A 5 0.34 -15.57 -7.23
CA SER A 5 -0.13 -14.49 -6.36
C SER A 5 1.03 -13.66 -5.85
N SER A 6 0.73 -12.57 -5.15
CA SER A 6 1.75 -11.68 -4.62
C SER A 6 1.54 -11.45 -3.13
N GLY A 7 0.39 -10.90 -2.77
CA GLY A 7 0.09 -10.64 -1.38
C GLY A 7 1.13 -9.74 -0.72
N ARG A 8 1.45 -8.64 -1.37
CA ARG A 8 2.45 -7.70 -0.85
C ARG A 8 1.85 -6.87 0.29
N THR A 9 2.69 -6.51 1.25
CA THR A 9 2.25 -5.71 2.38
C THR A 9 3.26 -4.61 2.71
N VAL A 10 2.75 -3.42 3.03
CA VAL A 10 3.61 -2.29 3.36
C VAL A 10 3.05 -1.50 4.54
N LYS A 11 3.94 -1.01 5.40
CA LYS A 11 3.54 -0.24 6.56
C LYS A 11 3.86 1.24 6.37
N ALA A 12 3.04 2.10 6.97
CA ALA A 12 3.23 3.55 6.88
C ALA A 12 4.30 4.02 7.85
N LEU A 13 5.31 4.71 7.32
CA LEU A 13 6.40 5.22 8.15
C LEU A 13 6.08 6.62 8.67
N TYR A 14 5.04 7.22 8.10
CA TYR A 14 4.63 8.57 8.51
C TYR A 14 3.16 8.80 8.19
N ASP A 15 2.50 9.61 9.01
CA ASP A 15 1.09 9.93 8.81
C ASP A 15 0.86 10.56 7.44
N TYR A 16 0.00 9.93 6.65
CA TYR A 16 -0.31 10.44 5.31
C TYR A 16 -1.81 10.49 5.08
N LYS A 17 -2.33 11.70 4.91
CA LYS A 17 -3.76 11.90 4.69
C LYS A 17 -4.04 12.23 3.23
N ALA A 18 -4.91 11.45 2.60
CA ALA A 18 -5.25 11.66 1.20
C ALA A 18 -6.14 12.90 1.04
N LYS A 19 -5.64 13.89 0.30
CA LYS A 19 -6.38 15.12 0.07
C LYS A 19 -7.32 14.97 -1.13
N ARG A 20 -6.83 14.32 -2.17
CA ARG A 20 -7.63 14.12 -3.38
C ARG A 20 -8.47 12.84 -3.26
N SER A 21 -9.37 12.64 -4.23
CA SER A 21 -10.23 11.48 -4.23
C SER A 21 -9.48 10.24 -4.72
N ASP A 22 -8.53 10.46 -5.62
CA ASP A 22 -7.73 9.36 -6.17
C ASP A 22 -6.51 9.08 -5.29
N GLU A 23 -6.76 8.84 -4.00
CA GLU A 23 -5.68 8.56 -3.06
C GLU A 23 -6.20 7.75 -1.87
N LEU A 24 -5.28 7.35 -1.00
CA LEU A 24 -5.65 6.56 0.17
C LEU A 24 -5.28 7.30 1.46
N THR A 25 -6.08 7.10 2.50
CA THR A 25 -5.84 7.74 3.78
C THR A 25 -5.31 6.75 4.81
N PHE A 26 -4.22 7.11 5.47
CA PHE A 26 -3.62 6.25 6.48
C PHE A 26 -2.67 7.04 7.38
N CYS A 27 -2.41 6.51 8.57
CA CYS A 27 -1.52 7.16 9.52
C CYS A 27 -0.25 6.34 9.74
N ARG A 28 0.70 6.90 10.48
CA ARG A 28 1.95 6.23 10.76
C ARG A 28 1.71 4.89 11.44
N GLY A 29 2.17 3.81 10.81
CA GLY A 29 1.98 2.48 11.37
C GLY A 29 1.00 1.65 10.58
N ALA A 30 0.09 2.32 9.87
CA ALA A 30 -0.91 1.63 9.08
C ALA A 30 -0.27 0.60 8.15
N LEU A 31 -1.09 -0.31 7.62
CA LEU A 31 -0.59 -1.34 6.72
C LEU A 31 -1.53 -1.52 5.53
N ILE A 32 -0.96 -1.81 4.37
CA ILE A 32 -1.75 -2.00 3.16
C ILE A 32 -1.41 -3.34 2.50
N HIS A 33 -2.42 -4.20 2.38
CA HIS A 33 -2.23 -5.51 1.76
C HIS A 33 -2.53 -5.46 0.27
N ASN A 34 -2.04 -6.45 -0.47
CA ASN A 34 -2.25 -6.52 -1.91
C ASN A 34 -1.66 -5.29 -2.60
N VAL A 35 -0.39 -5.02 -2.33
CA VAL A 35 0.29 -3.88 -2.93
C VAL A 35 0.82 -4.21 -4.32
N SER A 36 0.40 -3.44 -5.31
CA SER A 36 0.83 -3.67 -6.69
C SER A 36 2.07 -2.85 -7.00
N LYS A 37 3.23 -3.35 -6.57
CA LYS A 37 4.50 -2.67 -6.80
C LYS A 37 4.68 -2.35 -8.29
N GLU A 38 4.12 -1.23 -8.72
CA GLU A 38 4.22 -0.81 -10.11
C GLU A 38 5.62 -0.29 -10.42
N PRO A 39 6.00 -0.35 -11.71
CA PRO A 39 7.31 0.11 -12.17
C PRO A 39 7.45 1.63 -12.09
N GLY A 40 6.34 2.33 -12.29
CA GLY A 40 6.37 3.79 -12.23
C GLY A 40 6.90 4.30 -10.92
N GLY A 41 6.01 4.80 -10.07
CA GLY A 41 6.41 5.33 -8.78
C GLY A 41 5.39 5.06 -7.69
N TRP A 42 4.13 5.36 -7.98
CA TRP A 42 3.06 5.14 -7.02
C TRP A 42 2.44 3.75 -7.18
N TRP A 43 2.31 3.04 -6.07
CA TRP A 43 1.73 1.69 -6.10
C TRP A 43 0.29 1.70 -5.62
N LYS A 44 -0.44 0.63 -5.91
CA LYS A 44 -1.83 0.52 -5.51
C LYS A 44 -2.00 -0.54 -4.43
N GLY A 45 -3.10 -0.44 -3.67
CA GLY A 45 -3.35 -1.40 -2.62
C GLY A 45 -4.72 -1.20 -1.98
N ASP A 46 -4.97 -1.93 -0.89
CA ASP A 46 -6.24 -1.83 -0.20
C ASP A 46 -6.03 -1.66 1.31
N TYR A 47 -6.65 -0.63 1.88
CA TYR A 47 -6.51 -0.37 3.30
C TYR A 47 -7.88 -0.13 3.94
N GLY A 48 -8.64 -1.22 4.12
CA GLY A 48 -9.95 -1.11 4.72
C GLY A 48 -10.99 -0.58 3.74
N THR A 49 -11.90 0.25 4.23
CA THR A 49 -12.95 0.82 3.40
C THR A 49 -12.44 1.11 1.99
N ARG A 50 -11.24 1.67 1.91
CA ARG A 50 -10.63 2.00 0.62
C ARG A 50 -10.03 0.76 -0.03
N ILE A 51 -10.37 0.54 -1.30
CA ILE A 51 -9.86 -0.61 -2.03
C ILE A 51 -9.15 -0.18 -3.30
N GLN A 52 -7.94 -0.70 -3.49
CA GLN A 52 -7.15 -0.36 -4.67
C GLN A 52 -7.00 1.15 -4.82
N GLN A 53 -6.57 1.81 -3.76
CA GLN A 53 -6.40 3.26 -3.77
C GLN A 53 -4.93 3.63 -3.94
N TYR A 54 -4.67 4.61 -4.80
CA TYR A 54 -3.31 5.05 -5.05
C TYR A 54 -2.68 5.65 -3.80
N PHE A 55 -1.38 5.41 -3.62
CA PHE A 55 -0.66 5.91 -2.45
C PHE A 55 0.84 5.93 -2.71
N PRO A 56 1.52 6.93 -2.15
CA PRO A 56 2.98 7.09 -2.31
C PRO A 56 3.76 6.01 -1.56
N SER A 57 4.52 5.22 -2.29
CA SER A 57 5.32 4.15 -1.70
C SER A 57 6.45 4.72 -0.83
N ASN A 58 6.84 5.96 -1.13
CA ASN A 58 7.90 6.62 -0.39
C ASN A 58 7.45 6.94 1.04
N TYR A 59 6.16 6.77 1.30
CA TYR A 59 5.60 7.04 2.62
C TYR A 59 5.38 5.74 3.40
N VAL A 60 5.69 4.61 2.75
CA VAL A 60 5.52 3.31 3.38
C VAL A 60 6.75 2.43 3.16
N GLU A 61 6.76 1.26 3.79
CA GLU A 61 7.88 0.34 3.67
C GLU A 61 7.38 -1.10 3.61
N ASP A 62 8.09 -1.93 2.84
CA ASP A 62 7.72 -3.34 2.70
C ASP A 62 8.08 -4.13 3.96
N ILE A 63 7.06 -4.65 4.64
CA ILE A 63 7.26 -5.41 5.86
C ILE A 63 7.16 -6.91 5.58
N SER A 64 6.45 -7.26 4.51
CA SER A 64 6.28 -8.65 4.14
C SER A 64 7.62 -9.31 3.81
N GLY A 65 7.90 -10.44 4.46
CA GLY A 65 9.14 -11.15 4.22
C GLY A 65 9.40 -11.40 2.75
N PRO A 66 10.61 -11.87 2.43
CA PRO A 66 11.00 -12.17 1.06
C PRO A 66 10.28 -13.38 0.48
N SER A 67 9.12 -13.13 -0.13
CA SER A 67 8.32 -14.21 -0.71
C SER A 67 9.11 -14.95 -1.78
N SER A 68 9.35 -16.24 -1.54
CA SER A 68 10.09 -17.06 -2.48
C SER A 68 9.24 -17.40 -3.70
N GLY A 69 8.07 -17.98 -3.46
CA GLY A 69 7.19 -18.35 -4.55
C GLY A 69 6.27 -19.50 -4.19
N GLY A 1 -8.08 -16.58 -11.63
CA GLY A 1 -7.59 -15.35 -11.05
C GLY A 1 -6.11 -15.13 -11.30
N SER A 2 -5.52 -14.17 -10.61
CA SER A 2 -4.10 -13.86 -10.77
C SER A 2 -3.25 -15.10 -10.58
N SER A 3 -2.22 -15.26 -11.41
CA SER A 3 -1.33 -16.40 -11.32
C SER A 3 0.03 -16.00 -10.75
N GLY A 4 0.00 -15.17 -9.71
CA GLY A 4 1.23 -14.72 -9.09
C GLY A 4 1.03 -14.33 -7.65
N SER A 5 1.30 -15.25 -6.73
CA SER A 5 1.15 -14.97 -5.30
C SER A 5 1.93 -13.72 -4.90
N SER A 6 1.19 -12.64 -4.66
CA SER A 6 1.81 -11.37 -4.26
C SER A 6 1.77 -11.20 -2.75
N GLY A 7 0.58 -11.24 -2.18
CA GLY A 7 0.42 -11.08 -0.74
C GLY A 7 1.44 -10.11 -0.17
N ARG A 8 1.73 -9.05 -0.90
CA ARG A 8 2.68 -8.05 -0.45
C ARG A 8 2.09 -7.19 0.67
N THR A 9 2.93 -6.81 1.62
CA THR A 9 2.49 -6.00 2.75
C THR A 9 3.49 -4.89 3.04
N VAL A 10 2.97 -3.68 3.32
CA VAL A 10 3.82 -2.54 3.61
C VAL A 10 3.24 -1.71 4.76
N LYS A 11 4.12 -1.09 5.53
CA LYS A 11 3.69 -0.27 6.66
C LYS A 11 4.04 1.20 6.43
N ALA A 12 3.16 2.09 6.87
CA ALA A 12 3.39 3.52 6.71
C ALA A 12 4.39 4.05 7.73
N LEU A 13 5.40 4.76 7.25
CA LEU A 13 6.43 5.31 8.12
C LEU A 13 6.10 6.75 8.51
N TYR A 14 4.99 7.26 7.98
CA TYR A 14 4.57 8.62 8.28
C TYR A 14 3.09 8.81 7.96
N ASP A 15 2.38 9.47 8.87
CA ASP A 15 0.94 9.71 8.68
C ASP A 15 0.69 10.45 7.36
N TYR A 16 -0.06 9.81 6.47
CA TYR A 16 -0.37 10.40 5.18
C TYR A 16 -1.88 10.42 4.95
N LYS A 17 -2.41 11.61 4.67
CA LYS A 17 -3.85 11.77 4.43
C LYS A 17 -4.12 11.96 2.94
N ALA A 18 -5.32 11.60 2.51
CA ALA A 18 -5.72 11.74 1.12
C ALA A 18 -5.85 13.20 0.73
N LYS A 19 -5.06 13.62 -0.26
CA LYS A 19 -5.08 15.00 -0.72
C LYS A 19 -6.16 15.20 -1.79
N ARG A 20 -6.40 14.14 -2.57
CA ARG A 20 -7.40 14.19 -3.63
C ARG A 20 -8.23 12.92 -3.66
N SER A 21 -9.46 13.02 -4.15
CA SER A 21 -10.36 11.88 -4.23
C SER A 21 -9.60 10.63 -4.67
N ASP A 22 -8.69 10.80 -5.63
CA ASP A 22 -7.90 9.69 -6.15
C ASP A 22 -6.67 9.45 -5.29
N GLU A 23 -6.89 9.07 -4.04
CA GLU A 23 -5.80 8.80 -3.11
C GLU A 23 -6.25 7.91 -1.95
N LEU A 24 -5.30 7.41 -1.18
CA LEU A 24 -5.61 6.55 -0.05
C LEU A 24 -5.29 7.25 1.27
N THR A 25 -6.05 6.93 2.31
CA THR A 25 -5.84 7.52 3.62
C THR A 25 -5.32 6.48 4.61
N PHE A 26 -4.26 6.84 5.32
CA PHE A 26 -3.66 5.95 6.30
C PHE A 26 -2.68 6.71 7.21
N CYS A 27 -2.63 6.30 8.48
CA CYS A 27 -1.75 6.94 9.44
C CYS A 27 -0.55 6.04 9.76
N ARG A 28 0.57 6.67 10.12
CA ARG A 28 1.78 5.94 10.46
C ARG A 28 1.45 4.64 11.20
N GLY A 29 2.31 3.63 11.03
CA GLY A 29 2.08 2.36 11.69
C GLY A 29 1.12 1.48 10.94
N ALA A 30 0.21 2.10 10.19
CA ALA A 30 -0.78 1.36 9.42
C ALA A 30 -0.11 0.35 8.50
N LEU A 31 -0.92 -0.52 7.90
CA LEU A 31 -0.40 -1.54 6.99
C LEU A 31 -1.34 -1.71 5.79
N ILE A 32 -0.74 -1.95 4.62
CA ILE A 32 -1.51 -2.14 3.40
C ILE A 32 -1.11 -3.44 2.70
N HIS A 33 -2.11 -4.24 2.35
CA HIS A 33 -1.87 -5.51 1.67
C HIS A 33 -2.17 -5.39 0.18
N ASN A 34 -1.99 -6.49 -0.54
CA ASN A 34 -2.23 -6.51 -1.98
C ASN A 34 -1.62 -5.29 -2.66
N VAL A 35 -0.38 -4.98 -2.28
CA VAL A 35 0.32 -3.83 -2.84
C VAL A 35 0.85 -4.15 -4.24
N SER A 36 0.62 -3.23 -5.18
CA SER A 36 1.06 -3.41 -6.55
C SER A 36 2.31 -2.58 -6.83
N LYS A 37 3.47 -3.24 -6.82
CA LYS A 37 4.74 -2.57 -7.09
C LYS A 37 4.77 -1.98 -8.49
N GLU A 38 4.05 -0.88 -8.69
CA GLU A 38 3.99 -0.23 -9.99
C GLU A 38 5.40 -0.01 -10.54
N PRO A 39 5.49 0.17 -11.87
CA PRO A 39 6.77 0.39 -12.56
C PRO A 39 7.38 1.75 -12.22
N GLY A 40 6.54 2.67 -11.77
CA GLY A 40 7.02 4.00 -11.41
C GLY A 40 5.89 4.92 -10.98
N GLY A 41 5.82 5.17 -9.67
CA GLY A 41 4.79 6.04 -9.14
C GLY A 41 4.09 5.45 -7.93
N TRP A 42 2.87 5.89 -7.68
CA TRP A 42 2.10 5.40 -6.54
C TRP A 42 1.84 3.91 -6.66
N TRP A 43 1.48 3.27 -5.55
CA TRP A 43 1.20 1.84 -5.54
C TRP A 43 -0.28 1.58 -5.33
N LYS A 44 -0.73 0.39 -5.72
CA LYS A 44 -2.13 0.01 -5.56
C LYS A 44 -2.30 -0.99 -4.42
N GLY A 45 -3.15 -0.63 -3.45
CA GLY A 45 -3.39 -1.50 -2.33
C GLY A 45 -4.79 -1.35 -1.76
N ASP A 46 -5.13 -2.20 -0.80
CA ASP A 46 -6.45 -2.15 -0.18
C ASP A 46 -6.33 -1.87 1.32
N TYR A 47 -6.82 -0.70 1.73
CA TYR A 47 -6.76 -0.32 3.14
C TYR A 47 -8.16 0.02 3.67
N GLY A 48 -8.79 -0.96 4.30
CA GLY A 48 -10.12 -0.75 4.85
C GLY A 48 -11.12 -0.36 3.78
N THR A 49 -11.98 0.61 4.10
CA THR A 49 -13.00 1.07 3.16
C THR A 49 -12.40 1.36 1.79
N ARG A 50 -11.13 1.80 1.78
CA ARG A 50 -10.45 2.10 0.54
C ARG A 50 -9.93 0.84 -0.13
N ILE A 51 -10.16 0.73 -1.43
CA ILE A 51 -9.72 -0.44 -2.20
C ILE A 51 -8.88 -0.02 -3.40
N GLN A 52 -7.76 -0.70 -3.60
CA GLN A 52 -6.88 -0.41 -4.72
C GLN A 52 -6.78 1.10 -4.95
N GLN A 53 -6.43 1.83 -3.90
CA GLN A 53 -6.30 3.28 -4.00
C GLN A 53 -4.86 3.69 -4.25
N TYR A 54 -4.67 4.89 -4.78
CA TYR A 54 -3.33 5.40 -5.08
C TYR A 54 -2.65 5.91 -3.82
N PHE A 55 -1.36 5.64 -3.69
CA PHE A 55 -0.59 6.07 -2.54
C PHE A 55 0.91 6.02 -2.83
N PRO A 56 1.65 6.98 -2.24
CA PRO A 56 3.10 7.06 -2.42
C PRO A 56 3.84 5.92 -1.74
N SER A 57 4.59 5.14 -2.51
CA SER A 57 5.34 4.02 -1.99
C SER A 57 6.50 4.50 -1.13
N ASN A 58 6.85 5.77 -1.25
CA ASN A 58 7.93 6.36 -0.49
C ASN A 58 7.49 6.67 0.94
N TYR A 59 6.21 6.52 1.21
CA TYR A 59 5.66 6.78 2.52
C TYR A 59 5.46 5.49 3.31
N VAL A 60 5.79 4.37 2.68
CA VAL A 60 5.65 3.06 3.31
C VAL A 60 6.86 2.17 3.02
N GLU A 61 7.06 1.17 3.88
CA GLU A 61 8.18 0.26 3.72
C GLU A 61 7.72 -1.19 3.88
N ASP A 62 8.32 -2.08 3.11
CA ASP A 62 7.98 -3.51 3.17
C ASP A 62 8.24 -4.06 4.57
N ILE A 63 7.26 -4.78 5.10
CA ILE A 63 7.38 -5.37 6.43
C ILE A 63 7.27 -6.89 6.36
N SER A 64 6.79 -7.41 5.23
CA SER A 64 6.63 -8.84 5.05
C SER A 64 7.73 -9.40 4.14
N GLY A 65 8.80 -8.62 3.98
CA GLY A 65 9.91 -9.05 3.14
C GLY A 65 10.43 -10.41 3.53
N PRO A 66 11.58 -10.79 2.95
CA PRO A 66 12.22 -12.08 3.22
C PRO A 66 12.81 -12.16 4.63
N SER A 67 13.44 -11.06 5.05
CA SER A 67 14.04 -11.00 6.38
C SER A 67 13.10 -11.57 7.44
N SER A 68 13.68 -12.22 8.44
CA SER A 68 12.88 -12.82 9.52
C SER A 68 13.53 -12.55 10.88
N GLY A 69 12.76 -12.78 11.94
CA GLY A 69 13.26 -12.55 13.28
C GLY A 69 13.06 -11.14 13.76
N GLY A 1 -15.62 -7.13 -10.07
CA GLY A 1 -14.48 -7.20 -10.96
C GLY A 1 -13.22 -7.64 -10.25
N SER A 2 -12.76 -8.85 -10.55
CA SER A 2 -11.55 -9.40 -9.92
C SER A 2 -10.59 -9.92 -10.98
N SER A 3 -9.45 -9.27 -11.10
CA SER A 3 -8.43 -9.67 -12.07
C SER A 3 -7.05 -9.71 -11.44
N GLY A 4 -6.67 -8.61 -10.79
CA GLY A 4 -5.37 -8.55 -10.15
C GLY A 4 -5.45 -8.74 -8.65
N SER A 5 -4.86 -9.83 -8.15
CA SER A 5 -4.88 -10.12 -6.73
C SER A 5 -3.47 -10.46 -6.23
N SER A 6 -2.89 -9.55 -5.46
CA SER A 6 -1.55 -9.74 -4.92
C SER A 6 -1.61 -10.04 -3.42
N GLY A 7 -0.44 -10.28 -2.83
CA GLY A 7 -0.38 -10.57 -1.41
C GLY A 7 0.77 -9.87 -0.72
N ARG A 8 1.01 -8.62 -1.10
CA ARG A 8 2.08 -7.83 -0.51
C ARG A 8 1.56 -6.90 0.57
N THR A 9 2.38 -6.66 1.59
CA THR A 9 1.99 -5.79 2.69
C THR A 9 3.09 -4.77 3.00
N VAL A 10 2.68 -3.56 3.35
CA VAL A 10 3.63 -2.50 3.68
C VAL A 10 3.11 -1.64 4.82
N LYS A 11 4.02 -1.25 5.72
CA LYS A 11 3.66 -0.42 6.86
C LYS A 11 3.96 1.04 6.58
N ALA A 12 3.16 1.93 7.18
CA ALA A 12 3.35 3.36 6.99
C ALA A 12 4.43 3.90 7.91
N LEU A 13 5.36 4.68 7.36
CA LEU A 13 6.45 5.26 8.13
C LEU A 13 6.13 6.70 8.53
N TYR A 14 5.10 7.26 7.92
CA TYR A 14 4.69 8.63 8.21
C TYR A 14 3.22 8.84 7.87
N ASP A 15 2.55 9.65 8.69
CA ASP A 15 1.13 9.94 8.47
C ASP A 15 0.94 10.75 7.20
N TYR A 16 0.15 10.19 6.27
CA TYR A 16 -0.12 10.86 5.00
C TYR A 16 -1.63 10.93 4.75
N LYS A 17 -2.14 12.15 4.57
CA LYS A 17 -3.56 12.36 4.30
C LYS A 17 -3.85 12.29 2.81
N ALA A 18 -5.06 11.87 2.47
CA ALA A 18 -5.47 11.76 1.07
C ALA A 18 -6.59 12.74 0.75
N LYS A 19 -6.64 13.19 -0.50
CA LYS A 19 -7.68 14.12 -0.93
C LYS A 19 -9.02 13.41 -1.09
N ARG A 20 -9.00 12.09 -1.00
CA ARG A 20 -10.22 11.30 -1.14
C ARG A 20 -10.72 11.31 -2.58
N SER A 21 -9.79 11.49 -3.52
CA SER A 21 -10.14 11.53 -4.93
C SER A 21 -9.37 10.46 -5.70
N ASP A 22 -8.05 10.58 -5.70
CA ASP A 22 -7.19 9.63 -6.41
C ASP A 22 -6.00 9.21 -5.53
N GLU A 23 -6.23 9.18 -4.22
CA GLU A 23 -5.17 8.81 -3.28
C GLU A 23 -5.73 7.93 -2.16
N LEU A 24 -4.87 7.59 -1.21
CA LEU A 24 -5.28 6.75 -0.09
C LEU A 24 -4.96 7.44 1.24
N THR A 25 -5.95 7.52 2.12
CA THR A 25 -5.77 8.16 3.42
C THR A 25 -5.33 7.15 4.46
N PHE A 26 -4.24 7.46 5.16
CA PHE A 26 -3.70 6.58 6.18
C PHE A 26 -2.78 7.34 7.13
N CYS A 27 -2.47 6.73 8.27
CA CYS A 27 -1.61 7.36 9.26
C CYS A 27 -0.41 6.46 9.58
N ARG A 28 0.65 7.05 10.12
CA ARG A 28 1.85 6.31 10.48
C ARG A 28 1.49 5.01 11.19
N GLY A 29 2.09 3.92 10.74
CA GLY A 29 1.83 2.63 11.35
C GLY A 29 0.86 1.79 10.52
N ALA A 30 -0.11 2.44 9.91
CA ALA A 30 -1.10 1.75 9.09
C ALA A 30 -0.44 0.72 8.18
N LEU A 31 -1.25 -0.15 7.59
CA LEU A 31 -0.75 -1.19 6.69
C LEU A 31 -1.58 -1.26 5.41
N ILE A 32 -0.91 -1.52 4.30
CA ILE A 32 -1.60 -1.62 3.02
C ILE A 32 -1.30 -2.96 2.34
N HIS A 33 -2.33 -3.76 2.13
CA HIS A 33 -2.18 -5.06 1.50
C HIS A 33 -2.46 -4.97 0.00
N ASN A 34 -2.17 -6.04 -0.72
CA ASN A 34 -2.39 -6.08 -2.17
C ASN A 34 -1.67 -4.94 -2.86
N VAL A 35 -0.41 -4.73 -2.49
CA VAL A 35 0.41 -3.68 -3.08
C VAL A 35 0.98 -4.11 -4.42
N SER A 36 0.72 -3.32 -5.45
CA SER A 36 1.20 -3.62 -6.79
C SER A 36 2.39 -2.72 -7.15
N LYS A 37 3.59 -3.31 -7.14
CA LYS A 37 4.80 -2.57 -7.47
C LYS A 37 4.83 -2.18 -8.94
N GLU A 38 4.29 -1.00 -9.24
CA GLU A 38 4.25 -0.51 -10.61
C GLU A 38 5.45 0.37 -10.91
N PRO A 39 5.84 0.42 -12.20
CA PRO A 39 6.99 1.22 -12.64
C PRO A 39 6.72 2.73 -12.56
N GLY A 40 5.54 3.08 -12.05
CA GLY A 40 5.20 4.48 -11.92
C GLY A 40 5.27 4.98 -10.49
N GLY A 41 6.29 4.53 -9.77
CA GLY A 41 6.45 4.94 -8.38
C GLY A 41 5.26 4.54 -7.52
N TRP A 42 4.26 5.41 -7.48
CA TRP A 42 3.06 5.15 -6.68
C TRP A 42 2.53 3.74 -6.94
N TRP A 43 2.11 3.06 -5.87
CA TRP A 43 1.59 1.71 -5.99
C TRP A 43 0.13 1.66 -5.57
N LYS A 44 -0.56 0.58 -5.95
CA LYS A 44 -1.97 0.42 -5.62
C LYS A 44 -2.15 -0.68 -4.56
N GLY A 45 -3.02 -0.42 -3.60
CA GLY A 45 -3.27 -1.40 -2.55
C GLY A 45 -4.60 -1.17 -1.85
N ASP A 46 -4.98 -2.11 -1.00
CA ASP A 46 -6.24 -2.01 -0.27
C ASP A 46 -5.99 -1.71 1.21
N TYR A 47 -6.60 -0.64 1.70
CA TYR A 47 -6.43 -0.24 3.09
C TYR A 47 -7.78 0.02 3.75
N GLY A 48 -8.45 -1.05 4.17
CA GLY A 48 -9.75 -0.91 4.80
C GLY A 48 -10.77 -0.27 3.90
N THR A 49 -11.59 0.62 4.47
CA THR A 49 -12.62 1.30 3.70
C THR A 49 -12.16 1.58 2.28
N ARG A 50 -10.91 1.99 2.13
CA ARG A 50 -10.35 2.28 0.81
C ARG A 50 -9.92 1.00 0.11
N ILE A 51 -10.01 0.99 -1.22
CA ILE A 51 -9.63 -0.17 -2.00
C ILE A 51 -8.99 0.25 -3.32
N GLN A 52 -7.76 -0.21 -3.55
CA GLN A 52 -7.03 0.11 -4.77
C GLN A 52 -6.85 1.62 -4.92
N GLN A 53 -6.33 2.25 -3.88
CA GLN A 53 -6.11 3.69 -3.88
C GLN A 53 -4.63 4.01 -3.98
N TYR A 54 -4.29 4.99 -4.82
CA TYR A 54 -2.91 5.39 -5.02
C TYR A 54 -2.29 5.85 -3.70
N PHE A 55 -1.13 5.30 -3.36
CA PHE A 55 -0.44 5.66 -2.14
C PHE A 55 1.08 5.67 -2.34
N PRO A 56 1.78 6.49 -1.55
CA PRO A 56 3.24 6.60 -1.63
C PRO A 56 3.95 5.35 -1.13
N SER A 57 4.82 4.80 -1.97
CA SER A 57 5.56 3.60 -1.62
C SER A 57 6.72 3.93 -0.67
N ASN A 58 7.39 5.04 -0.94
CA ASN A 58 8.52 5.47 -0.12
C ASN A 58 8.08 5.74 1.31
N TYR A 59 6.85 6.24 1.46
CA TYR A 59 6.31 6.55 2.78
C TYR A 59 6.07 5.27 3.58
N VAL A 60 5.90 4.16 2.87
CA VAL A 60 5.67 2.87 3.51
C VAL A 60 6.83 1.92 3.28
N GLU A 61 6.98 0.94 4.17
CA GLU A 61 8.05 -0.04 4.05
C GLU A 61 7.51 -1.47 4.07
N ASP A 62 8.13 -2.34 3.29
CA ASP A 62 7.70 -3.73 3.22
C ASP A 62 7.96 -4.45 4.54
N ILE A 63 6.95 -5.16 5.03
CA ILE A 63 7.07 -5.89 6.28
C ILE A 63 6.93 -7.40 6.06
N SER A 64 6.22 -7.77 5.01
CA SER A 64 6.01 -9.17 4.68
C SER A 64 7.15 -9.70 3.82
N GLY A 65 8.31 -9.07 3.94
CA GLY A 65 9.48 -9.50 3.17
C GLY A 65 10.36 -10.45 3.95
N PRO A 66 11.30 -11.10 3.25
CA PRO A 66 12.23 -12.06 3.86
C PRO A 66 13.25 -11.37 4.76
N SER A 67 13.12 -10.05 4.89
CA SER A 67 14.04 -9.28 5.72
C SER A 67 13.74 -9.48 7.20
N SER A 68 12.46 -9.37 7.55
CA SER A 68 12.03 -9.53 8.94
C SER A 68 11.80 -11.00 9.27
N GLY A 69 12.70 -11.86 8.79
CA GLY A 69 12.58 -13.28 9.04
C GLY A 69 12.63 -13.62 10.52
N GLY A 1 -3.36 -14.45 -20.67
CA GLY A 1 -4.31 -13.97 -19.69
C GLY A 1 -4.19 -14.68 -18.35
N SER A 2 -3.09 -14.41 -17.64
CA SER A 2 -2.85 -15.04 -16.35
C SER A 2 -2.44 -14.00 -15.31
N SER A 3 -3.07 -14.06 -14.13
CA SER A 3 -2.77 -13.13 -13.06
C SER A 3 -2.99 -13.77 -11.70
N GLY A 4 -2.22 -13.34 -10.71
CA GLY A 4 -2.35 -13.89 -9.37
C GLY A 4 -2.30 -12.82 -8.30
N SER A 5 -3.44 -12.52 -7.70
CA SER A 5 -3.53 -11.50 -6.66
C SER A 5 -2.29 -11.54 -5.76
N SER A 6 -1.48 -10.49 -5.83
CA SER A 6 -0.27 -10.40 -5.03
C SER A 6 -0.60 -10.26 -3.56
N GLY A 7 0.30 -10.75 -2.70
CA GLY A 7 0.08 -10.66 -1.27
C GLY A 7 1.08 -9.75 -0.59
N ARG A 8 1.58 -8.77 -1.32
CA ARG A 8 2.56 -7.83 -0.79
C ARG A 8 1.93 -6.97 0.31
N THR A 9 2.75 -6.60 1.30
CA THR A 9 2.28 -5.78 2.41
C THR A 9 3.27 -4.68 2.74
N VAL A 10 2.77 -3.46 2.93
CA VAL A 10 3.62 -2.32 3.25
C VAL A 10 3.09 -1.58 4.47
N LYS A 11 4.00 -1.03 5.27
CA LYS A 11 3.62 -0.29 6.47
C LYS A 11 3.94 1.19 6.31
N ALA A 12 3.08 2.04 6.86
CA ALA A 12 3.26 3.49 6.78
C ALA A 12 4.28 3.96 7.81
N LEU A 13 5.36 4.57 7.33
CA LEU A 13 6.42 5.08 8.21
C LEU A 13 6.09 6.49 8.68
N TYR A 14 5.03 7.06 8.14
CA TYR A 14 4.61 8.42 8.50
C TYR A 14 3.14 8.65 8.15
N ASP A 15 2.43 9.31 9.06
CA ASP A 15 1.02 9.60 8.84
C ASP A 15 0.82 10.48 7.61
N TYR A 16 -0.05 10.03 6.71
CA TYR A 16 -0.32 10.77 5.48
C TYR A 16 -1.82 10.86 5.23
N LYS A 17 -2.34 12.09 5.16
CA LYS A 17 -3.75 12.31 4.91
C LYS A 17 -4.04 12.42 3.42
N ALA A 18 -5.08 11.72 2.96
CA ALA A 18 -5.45 11.75 1.56
C ALA A 18 -6.82 12.41 1.37
N LYS A 19 -6.90 13.31 0.39
CA LYS A 19 -8.14 14.01 0.11
C LYS A 19 -8.50 13.89 -1.37
N ARG A 20 -7.49 13.73 -2.21
CA ARG A 20 -7.71 13.60 -3.65
C ARG A 20 -8.73 12.51 -3.95
N SER A 21 -9.17 12.45 -5.20
CA SER A 21 -10.15 11.45 -5.62
C SER A 21 -9.47 10.11 -5.88
N ASP A 22 -8.14 10.14 -6.00
CA ASP A 22 -7.38 8.92 -6.25
C ASP A 22 -6.22 8.81 -5.28
N GLU A 23 -6.53 8.68 -4.00
CA GLU A 23 -5.51 8.56 -2.96
C GLU A 23 -5.92 7.55 -1.90
N LEU A 24 -5.12 7.43 -0.85
CA LEU A 24 -5.41 6.50 0.23
C LEU A 24 -5.05 7.11 1.59
N THR A 25 -6.01 7.10 2.51
CA THR A 25 -5.81 7.66 3.84
C THR A 25 -5.24 6.61 4.79
N PHE A 26 -4.25 7.01 5.57
CA PHE A 26 -3.62 6.10 6.54
C PHE A 26 -2.66 6.86 7.45
N CYS A 27 -2.55 6.40 8.69
CA CYS A 27 -1.66 7.03 9.66
C CYS A 27 -0.35 6.25 9.79
N ARG A 28 0.56 6.79 10.60
CA ARG A 28 1.85 6.14 10.80
C ARG A 28 1.69 4.79 11.49
N GLY A 29 2.09 3.73 10.81
CA GLY A 29 1.98 2.39 11.38
C GLY A 29 1.01 1.52 10.60
N ALA A 30 0.08 2.16 9.89
CA ALA A 30 -0.90 1.43 9.10
C ALA A 30 -0.23 0.46 8.13
N LEU A 31 -1.00 -0.51 7.64
CA LEU A 31 -0.48 -1.50 6.70
C LEU A 31 -1.43 -1.68 5.52
N ILE A 32 -0.86 -1.90 4.34
CA ILE A 32 -1.66 -2.10 3.14
C ILE A 32 -1.34 -3.44 2.49
N HIS A 33 -2.38 -4.25 2.31
CA HIS A 33 -2.22 -5.57 1.70
C HIS A 33 -2.50 -5.51 0.20
N ASN A 34 -2.09 -6.55 -0.51
CA ASN A 34 -2.30 -6.61 -1.96
C ASN A 34 -1.70 -5.40 -2.65
N VAL A 35 -0.43 -5.14 -2.37
CA VAL A 35 0.28 -4.01 -2.96
C VAL A 35 0.85 -4.37 -4.33
N SER A 36 0.55 -3.55 -5.33
CA SER A 36 1.03 -3.79 -6.68
C SER A 36 2.17 -2.83 -7.04
N LYS A 37 3.37 -3.15 -6.56
CA LYS A 37 4.53 -2.31 -6.82
C LYS A 37 4.58 -1.88 -8.29
N GLU A 38 4.03 -0.70 -8.57
CA GLU A 38 4.01 -0.18 -9.93
C GLU A 38 5.41 -0.15 -10.52
N PRO A 39 5.48 -0.09 -11.87
CA PRO A 39 6.75 -0.06 -12.59
C PRO A 39 7.51 1.25 -12.39
N GLY A 40 6.90 2.17 -11.65
CA GLY A 40 7.52 3.45 -11.40
C GLY A 40 6.54 4.49 -10.91
N GLY A 41 6.56 4.76 -9.60
CA GLY A 41 5.65 5.74 -9.03
C GLY A 41 4.94 5.22 -7.80
N TRP A 42 3.66 5.54 -7.68
CA TRP A 42 2.87 5.11 -6.53
C TRP A 42 2.39 3.67 -6.71
N TRP A 43 2.05 3.03 -5.61
CA TRP A 43 1.58 1.65 -5.65
C TRP A 43 0.11 1.56 -5.25
N LYS A 44 -0.54 0.47 -5.63
CA LYS A 44 -1.95 0.26 -5.32
C LYS A 44 -2.11 -0.61 -4.07
N GLY A 45 -3.33 -0.74 -3.59
CA GLY A 45 -3.60 -1.54 -2.40
C GLY A 45 -4.92 -1.20 -1.76
N ASP A 46 -5.28 -1.95 -0.72
CA ASP A 46 -6.53 -1.73 0.00
C ASP A 46 -6.27 -1.50 1.48
N TYR A 47 -6.80 -0.40 2.01
CA TYR A 47 -6.63 -0.07 3.42
C TYR A 47 -7.96 0.35 4.05
N GLY A 48 -8.79 -0.63 4.36
CA GLY A 48 -10.08 -0.36 4.96
C GLY A 48 -11.07 0.23 3.98
N THR A 49 -11.80 1.25 4.42
CA THR A 49 -12.79 1.90 3.57
C THR A 49 -12.30 2.01 2.13
N ARG A 50 -10.99 2.25 1.97
CA ARG A 50 -10.39 2.36 0.65
C ARG A 50 -10.07 0.99 0.07
N ILE A 51 -10.02 0.91 -1.25
CA ILE A 51 -9.71 -0.34 -1.93
C ILE A 51 -9.01 -0.09 -3.27
N GLN A 52 -7.76 -0.51 -3.35
CA GLN A 52 -6.98 -0.34 -4.56
C GLN A 52 -6.78 1.14 -4.88
N GLN A 53 -6.29 1.89 -3.90
CA GLN A 53 -6.06 3.33 -4.06
C GLN A 53 -4.58 3.61 -4.32
N TYR A 54 -4.31 4.78 -4.88
CA TYR A 54 -2.94 5.18 -5.18
C TYR A 54 -2.30 5.90 -4.00
N PHE A 55 -1.15 5.41 -3.55
CA PHE A 55 -0.45 6.01 -2.42
C PHE A 55 1.05 6.07 -2.70
N PRO A 56 1.72 7.06 -2.07
CA PRO A 56 3.17 7.26 -2.23
C PRO A 56 3.98 6.14 -1.57
N SER A 57 4.80 5.46 -2.38
CA SER A 57 5.63 4.38 -1.88
C SER A 57 6.75 4.91 -0.99
N ASN A 58 7.04 6.20 -1.14
CA ASN A 58 8.10 6.84 -0.35
C ASN A 58 7.64 7.08 1.09
N TYR A 59 6.37 6.81 1.34
CA TYR A 59 5.80 7.00 2.67
C TYR A 59 5.51 5.65 3.34
N VAL A 60 5.77 4.58 2.61
CA VAL A 60 5.55 3.22 3.13
C VAL A 60 6.71 2.30 2.79
N GLU A 61 6.87 1.25 3.58
CA GLU A 61 7.95 0.28 3.36
C GLU A 61 7.41 -1.13 3.37
N ASP A 62 7.98 -1.98 2.52
CA ASP A 62 7.56 -3.38 2.43
C ASP A 62 7.96 -4.15 3.68
N ILE A 63 7.02 -4.91 4.24
CA ILE A 63 7.28 -5.69 5.43
C ILE A 63 7.12 -7.18 5.16
N SER A 64 6.27 -7.51 4.19
CA SER A 64 6.01 -8.90 3.84
C SER A 64 7.19 -9.48 3.06
N GLY A 65 7.54 -10.72 3.36
CA GLY A 65 8.65 -11.38 2.70
C GLY A 65 8.49 -12.88 2.63
N PRO A 66 9.27 -13.52 1.74
CA PRO A 66 9.22 -14.98 1.56
C PRO A 66 9.79 -15.73 2.77
N SER A 67 10.46 -15.00 3.65
CA SER A 67 11.05 -15.60 4.84
C SER A 67 10.76 -14.75 6.07
N SER A 68 10.89 -15.36 7.26
CA SER A 68 10.65 -14.67 8.51
C SER A 68 11.60 -13.48 8.68
N GLY A 69 11.18 -12.32 8.19
CA GLY A 69 12.00 -11.14 8.28
C GLY A 69 11.79 -10.39 9.58
N GLY A 1 -3.05 -9.34 -19.77
CA GLY A 1 -2.64 -10.45 -18.92
C GLY A 1 -1.67 -10.01 -17.83
N SER A 2 -2.07 -10.18 -16.58
CA SER A 2 -1.23 -9.80 -15.45
C SER A 2 -1.58 -10.61 -14.21
N SER A 3 -0.71 -11.52 -13.83
CA SER A 3 -0.93 -12.37 -12.65
C SER A 3 -0.61 -11.61 -11.37
N GLY A 4 -1.11 -12.12 -10.25
CA GLY A 4 -0.87 -11.47 -8.97
C GLY A 4 -0.59 -12.48 -7.87
N SER A 5 -1.55 -12.62 -6.95
CA SER A 5 -1.41 -13.55 -5.84
C SER A 5 -0.08 -13.35 -5.12
N SER A 6 0.28 -12.08 -4.91
CA SER A 6 1.54 -11.74 -4.24
C SER A 6 1.34 -11.64 -2.73
N GLY A 7 0.31 -10.90 -2.32
CA GLY A 7 0.03 -10.74 -0.91
C GLY A 7 1.07 -9.87 -0.21
N ARG A 8 1.44 -8.78 -0.85
CA ARG A 8 2.44 -7.87 -0.28
C ARG A 8 1.82 -7.01 0.81
N THR A 9 2.61 -6.66 1.82
CA THR A 9 2.15 -5.85 2.93
C THR A 9 3.17 -4.77 3.28
N VAL A 10 2.73 -3.52 3.28
CA VAL A 10 3.61 -2.40 3.61
C VAL A 10 3.02 -1.55 4.73
N LYS A 11 3.89 -1.02 5.58
CA LYS A 11 3.46 -0.19 6.70
C LYS A 11 3.84 1.27 6.46
N ALA A 12 2.95 2.18 6.85
CA ALA A 12 3.20 3.60 6.68
C ALA A 12 4.27 4.09 7.65
N LEU A 13 5.28 4.76 7.10
CA LEU A 13 6.38 5.28 7.92
C LEU A 13 6.04 6.66 8.48
N TYR A 14 5.01 7.28 7.91
CA TYR A 14 4.59 8.60 8.36
C TYR A 14 3.13 8.86 7.97
N ASP A 15 2.44 9.65 8.79
CA ASP A 15 1.05 9.98 8.53
C ASP A 15 0.88 10.63 7.17
N TYR A 16 -0.08 10.13 6.39
CA TYR A 16 -0.34 10.66 5.06
C TYR A 16 -1.84 10.68 4.76
N LYS A 17 -2.41 11.88 4.74
CA LYS A 17 -3.84 12.04 4.46
C LYS A 17 -4.10 12.18 2.97
N ALA A 18 -5.16 11.53 2.49
CA ALA A 18 -5.51 11.59 1.08
C ALA A 18 -6.06 12.96 0.70
N LYS A 19 -5.29 13.71 -0.08
CA LYS A 19 -5.71 15.04 -0.51
C LYS A 19 -6.92 14.97 -1.43
N ARG A 20 -6.94 13.95 -2.29
CA ARG A 20 -8.04 13.76 -3.22
C ARG A 20 -8.54 12.31 -3.20
N SER A 21 -9.48 12.00 -4.09
CA SER A 21 -10.03 10.65 -4.16
C SER A 21 -9.07 9.70 -4.86
N ASP A 22 -7.87 10.19 -5.14
CA ASP A 22 -6.84 9.38 -5.80
C ASP A 22 -5.69 9.09 -4.85
N GLU A 23 -5.99 8.99 -3.57
CA GLU A 23 -4.98 8.71 -2.55
C GLU A 23 -5.57 7.91 -1.40
N LEU A 24 -4.70 7.50 -0.46
CA LEU A 24 -5.13 6.71 0.69
C LEU A 24 -5.07 7.56 1.97
N THR A 25 -6.06 7.37 2.83
CA THR A 25 -6.12 8.11 4.09
C THR A 25 -5.74 7.21 5.27
N PHE A 26 -4.53 7.40 5.78
CA PHE A 26 -4.06 6.62 6.91
C PHE A 26 -3.06 7.41 7.74
N CYS A 27 -2.57 6.80 8.82
CA CYS A 27 -1.61 7.44 9.71
C CYS A 27 -0.43 6.54 9.98
N ARG A 28 0.71 7.14 10.31
CA ARG A 28 1.93 6.39 10.60
C ARG A 28 1.60 5.07 11.31
N GLY A 29 1.94 3.96 10.67
CA GLY A 29 1.66 2.65 11.24
C GLY A 29 0.74 1.82 10.39
N ALA A 30 -0.23 2.47 9.76
CA ALA A 30 -1.19 1.78 8.90
C ALA A 30 -0.50 0.72 8.05
N LEU A 31 -1.28 -0.22 7.53
CA LEU A 31 -0.74 -1.29 6.70
C LEU A 31 -1.63 -1.52 5.47
N ILE A 32 -1.00 -1.84 4.36
CA ILE A 32 -1.72 -2.10 3.12
C ILE A 32 -1.33 -3.43 2.51
N HIS A 33 -2.31 -4.32 2.34
CA HIS A 33 -2.06 -5.64 1.77
C HIS A 33 -2.31 -5.63 0.27
N ASN A 34 -2.01 -6.75 -0.39
CA ASN A 34 -2.20 -6.87 -1.82
C ASN A 34 -1.65 -5.65 -2.55
N VAL A 35 -0.39 -5.32 -2.29
CA VAL A 35 0.25 -4.17 -2.92
C VAL A 35 0.72 -4.52 -4.33
N SER A 36 0.42 -3.63 -5.27
CA SER A 36 0.80 -3.83 -6.66
C SER A 36 1.90 -2.86 -7.08
N LYS A 37 3.09 -3.39 -7.34
CA LYS A 37 4.22 -2.57 -7.74
C LYS A 37 4.09 -2.13 -9.20
N GLU A 38 4.18 -0.84 -9.43
CA GLU A 38 4.06 -0.28 -10.78
C GLU A 38 5.29 0.56 -11.13
N PRO A 39 5.60 0.65 -12.42
CA PRO A 39 6.75 1.42 -12.92
C PRO A 39 6.53 2.93 -12.78
N GLY A 40 5.38 3.31 -12.23
CA GLY A 40 5.07 4.71 -12.05
C GLY A 40 5.13 5.14 -10.59
N GLY A 41 6.08 4.56 -9.85
CA GLY A 41 6.22 4.89 -8.45
C GLY A 41 5.01 4.50 -7.63
N TRP A 42 3.95 5.31 -7.72
CA TRP A 42 2.72 5.04 -6.98
C TRP A 42 2.29 3.59 -7.16
N TRP A 43 1.79 2.99 -6.09
CA TRP A 43 1.33 1.59 -6.13
C TRP A 43 -0.14 1.49 -5.74
N LYS A 44 -0.70 0.30 -5.87
CA LYS A 44 -2.09 0.07 -5.53
C LYS A 44 -2.21 -0.92 -4.36
N GLY A 45 -3.28 -0.78 -3.58
CA GLY A 45 -3.48 -1.67 -2.45
C GLY A 45 -4.84 -1.48 -1.81
N ASP A 46 -5.24 -2.43 -0.96
CA ASP A 46 -6.52 -2.37 -0.28
C ASP A 46 -6.33 -2.05 1.20
N TYR A 47 -6.59 -0.81 1.58
CA TYR A 47 -6.46 -0.39 2.97
C TYR A 47 -7.80 -0.35 3.66
N GLY A 48 -8.39 -1.53 3.86
CA GLY A 48 -9.68 -1.62 4.53
C GLY A 48 -10.77 -0.88 3.77
N THR A 49 -11.07 0.33 4.21
CA THR A 49 -12.10 1.14 3.57
C THR A 49 -11.73 1.47 2.13
N ARG A 50 -10.44 1.69 1.89
CA ARG A 50 -9.95 2.01 0.56
C ARG A 50 -9.65 0.74 -0.23
N ILE A 51 -9.50 0.89 -1.54
CA ILE A 51 -9.21 -0.24 -2.42
C ILE A 51 -8.38 0.19 -3.62
N GLN A 52 -7.34 -0.58 -3.92
CA GLN A 52 -6.47 -0.28 -5.06
C GLN A 52 -6.39 1.23 -5.29
N GLN A 53 -6.00 1.96 -4.24
CA GLN A 53 -5.87 3.41 -4.33
C GLN A 53 -4.45 3.81 -4.66
N TYR A 54 -4.27 5.05 -5.09
CA TYR A 54 -2.95 5.56 -5.44
C TYR A 54 -2.26 6.18 -4.23
N PHE A 55 -1.56 5.35 -3.47
CA PHE A 55 -0.85 5.80 -2.28
C PHE A 55 0.65 5.87 -2.52
N PRO A 56 1.33 6.76 -1.80
CA PRO A 56 2.78 6.94 -1.91
C PRO A 56 3.56 5.75 -1.36
N SER A 57 4.41 5.17 -2.21
CA SER A 57 5.21 4.02 -1.81
C SER A 57 6.43 4.46 -1.00
N ASN A 58 6.71 5.76 -1.02
CA ASN A 58 7.84 6.31 -0.29
C ASN A 58 7.50 6.51 1.18
N TYR A 59 6.20 6.67 1.47
CA TYR A 59 5.74 6.88 2.83
C TYR A 59 5.38 5.54 3.49
N VAL A 60 5.90 4.45 2.93
CA VAL A 60 5.63 3.12 3.46
C VAL A 60 6.86 2.22 3.32
N GLU A 61 6.85 1.11 4.05
CA GLU A 61 7.96 0.16 4.00
C GLU A 61 7.45 -1.28 4.08
N ASP A 62 8.07 -2.16 3.31
CA ASP A 62 7.68 -3.57 3.30
C ASP A 62 7.94 -4.22 4.65
N ILE A 63 6.94 -4.93 5.16
CA ILE A 63 7.06 -5.61 6.44
C ILE A 63 6.85 -7.11 6.30
N SER A 64 6.00 -7.49 5.36
CA SER A 64 5.72 -8.91 5.11
C SER A 64 7.00 -9.73 5.16
N GLY A 65 6.95 -10.85 5.87
CA GLY A 65 8.11 -11.72 5.99
C GLY A 65 7.86 -13.10 5.42
N PRO A 66 8.93 -13.88 5.27
CA PRO A 66 8.85 -15.25 4.74
C PRO A 66 8.16 -16.21 5.70
N SER A 67 7.04 -16.77 5.27
CA SER A 67 6.29 -17.71 6.09
C SER A 67 6.31 -19.11 5.48
N SER A 68 6.03 -20.10 6.31
CA SER A 68 6.02 -21.49 5.86
C SER A 68 5.45 -22.41 6.94
N GLY A 69 4.40 -23.14 6.57
CA GLY A 69 3.78 -24.06 7.51
C GLY A 69 4.71 -25.16 7.97
N GLY A 1 -8.80 -16.37 -16.82
CA GLY A 1 -7.39 -16.12 -16.53
C GLY A 1 -6.89 -16.91 -15.34
N SER A 2 -5.58 -16.86 -15.11
CA SER A 2 -4.97 -17.58 -14.00
C SER A 2 -4.02 -16.68 -13.22
N SER A 3 -4.44 -15.43 -13.01
CA SER A 3 -3.63 -14.46 -12.28
C SER A 3 -3.89 -14.55 -10.77
N GLY A 4 -2.92 -15.09 -10.04
CA GLY A 4 -3.06 -15.22 -8.61
C GLY A 4 -2.82 -13.92 -7.88
N SER A 5 -2.89 -13.96 -6.55
CA SER A 5 -2.69 -12.78 -5.73
C SER A 5 -1.33 -12.84 -5.02
N SER A 6 -0.41 -11.97 -5.42
CA SER A 6 0.92 -11.93 -4.83
C SER A 6 0.82 -11.94 -3.31
N GLY A 7 0.19 -10.91 -2.75
CA GLY A 7 0.04 -10.82 -1.30
C GLY A 7 1.12 -9.97 -0.67
N ARG A 8 1.33 -8.77 -1.22
CA ARG A 8 2.34 -7.86 -0.69
C ARG A 8 1.75 -6.93 0.36
N THR A 9 2.58 -6.55 1.33
CA THR A 9 2.13 -5.66 2.40
C THR A 9 3.17 -4.58 2.68
N VAL A 10 2.70 -3.39 3.02
CA VAL A 10 3.59 -2.27 3.32
C VAL A 10 3.06 -1.45 4.50
N LYS A 11 3.98 -0.99 5.34
CA LYS A 11 3.61 -0.20 6.51
C LYS A 11 3.96 1.27 6.30
N ALA A 12 3.16 2.16 6.89
CA ALA A 12 3.39 3.59 6.76
C ALA A 12 4.52 4.05 7.67
N LEU A 13 5.44 4.83 7.11
CA LEU A 13 6.58 5.34 7.88
C LEU A 13 6.29 6.72 8.44
N TYR A 14 5.18 7.32 7.99
CA TYR A 14 4.79 8.64 8.46
C TYR A 14 3.33 8.92 8.13
N ASP A 15 2.67 9.68 9.00
CA ASP A 15 1.26 10.02 8.82
C ASP A 15 1.05 10.68 7.46
N TYR A 16 0.07 10.17 6.71
CA TYR A 16 -0.24 10.71 5.40
C TYR A 16 -1.75 10.74 5.16
N LYS A 17 -2.28 11.93 4.89
CA LYS A 17 -3.71 12.09 4.64
C LYS A 17 -3.99 12.20 3.14
N ALA A 18 -5.23 11.92 2.75
CA ALA A 18 -5.63 11.99 1.35
C ALA A 18 -6.07 13.40 0.98
N LYS A 19 -5.22 14.10 0.23
CA LYS A 19 -5.51 15.46 -0.20
C LYS A 19 -6.62 15.47 -1.24
N ARG A 20 -6.78 14.35 -1.94
CA ARG A 20 -7.80 14.23 -2.98
C ARG A 20 -8.51 12.88 -2.89
N SER A 21 -9.65 12.77 -3.56
CA SER A 21 -10.42 11.54 -3.55
C SER A 21 -9.72 10.44 -4.35
N ASP A 22 -8.55 10.78 -4.89
CA ASP A 22 -7.77 9.82 -5.67
C ASP A 22 -6.57 9.31 -4.88
N GLU A 23 -6.71 9.32 -3.55
CA GLU A 23 -5.64 8.85 -2.67
C GLU A 23 -6.20 8.09 -1.49
N LEU A 24 -5.31 7.64 -0.61
CA LEU A 24 -5.72 6.89 0.58
C LEU A 24 -5.44 7.70 1.85
N THR A 25 -6.23 7.45 2.89
CA THR A 25 -6.07 8.15 4.16
C THR A 25 -5.62 7.20 5.26
N PHE A 26 -4.36 7.36 5.69
CA PHE A 26 -3.80 6.51 6.73
C PHE A 26 -2.80 7.29 7.58
N CYS A 27 -2.36 6.68 8.67
CA CYS A 27 -1.39 7.31 9.57
C CYS A 27 -0.16 6.43 9.74
N ARG A 28 0.84 6.97 10.43
CA ARG A 28 2.08 6.24 10.67
C ARG A 28 1.80 4.89 11.33
N GLY A 29 2.32 3.82 10.73
CA GLY A 29 2.11 2.49 11.26
C GLY A 29 1.14 1.67 10.43
N ALA A 30 0.14 2.36 9.86
CA ALA A 30 -0.86 1.69 9.04
C ALA A 30 -0.21 0.68 8.10
N LEU A 31 -1.02 -0.24 7.58
CA LEU A 31 -0.52 -1.26 6.66
C LEU A 31 -1.46 -1.41 5.46
N ILE A 32 -0.87 -1.67 4.30
CA ILE A 32 -1.65 -1.84 3.07
C ILE A 32 -1.29 -3.14 2.38
N HIS A 33 -2.29 -4.02 2.22
CA HIS A 33 -2.08 -5.31 1.56
C HIS A 33 -2.37 -5.20 0.07
N ASN A 34 -2.17 -6.30 -0.65
CA ASN A 34 -2.40 -6.35 -2.08
C ASN A 34 -1.66 -5.21 -2.79
N VAL A 35 -0.41 -5.00 -2.40
CA VAL A 35 0.42 -3.95 -2.99
C VAL A 35 1.00 -4.40 -4.32
N SER A 36 0.65 -3.68 -5.39
CA SER A 36 1.14 -4.01 -6.72
C SER A 36 2.33 -3.13 -7.10
N LYS A 37 3.47 -3.38 -6.46
CA LYS A 37 4.68 -2.61 -6.73
C LYS A 37 4.75 -2.21 -8.19
N GLU A 38 4.29 -0.99 -8.48
CA GLU A 38 4.31 -0.49 -9.86
C GLU A 38 5.74 -0.41 -10.39
N PRO A 39 5.86 -0.34 -11.72
CA PRO A 39 7.16 -0.27 -12.40
C PRO A 39 7.86 1.06 -12.16
N GLY A 40 7.18 1.97 -11.47
CA GLY A 40 7.75 3.28 -11.19
C GLY A 40 6.70 4.31 -10.85
N GLY A 41 6.36 4.40 -9.57
CA GLY A 41 5.36 5.36 -9.13
C GLY A 41 4.49 4.84 -8.01
N TRP A 42 3.38 5.51 -7.75
CA TRP A 42 2.46 5.09 -6.69
C TRP A 42 2.16 3.60 -6.78
N TRP A 43 1.62 3.04 -5.70
CA TRP A 43 1.29 1.63 -5.67
C TRP A 43 -0.21 1.43 -5.42
N LYS A 44 -0.70 0.24 -5.73
CA LYS A 44 -2.12 -0.08 -5.54
C LYS A 44 -2.30 -1.16 -4.47
N GLY A 45 -3.13 -0.87 -3.48
CA GLY A 45 -3.37 -1.82 -2.41
C GLY A 45 -4.73 -1.65 -1.78
N ASP A 46 -5.06 -2.53 -0.83
CA ASP A 46 -6.34 -2.46 -0.15
C ASP A 46 -6.17 -2.02 1.30
N TYR A 47 -6.89 -0.98 1.68
CA TYR A 47 -6.80 -0.44 3.04
C TYR A 47 -8.20 -0.26 3.64
N GLY A 48 -8.90 -1.37 3.84
CA GLY A 48 -10.24 -1.32 4.40
C GLY A 48 -11.27 -0.81 3.41
N THR A 49 -12.13 0.09 3.88
CA THR A 49 -13.17 0.66 3.04
C THR A 49 -12.68 0.83 1.60
N ARG A 50 -11.47 1.38 1.46
CA ARG A 50 -10.89 1.61 0.15
C ARG A 50 -10.25 0.33 -0.39
N ILE A 51 -10.20 0.20 -1.72
CA ILE A 51 -9.62 -0.97 -2.35
C ILE A 51 -8.95 -0.60 -3.67
N GLN A 52 -7.70 -1.02 -3.83
CA GLN A 52 -6.95 -0.73 -5.04
C GLN A 52 -6.83 0.77 -5.27
N GLN A 53 -6.34 1.47 -4.25
CA GLN A 53 -6.18 2.92 -4.33
C GLN A 53 -4.72 3.29 -4.56
N TYR A 54 -4.47 4.53 -4.97
CA TYR A 54 -3.12 5.01 -5.21
C TYR A 54 -2.54 5.68 -3.96
N PHE A 55 -1.31 5.30 -3.62
CA PHE A 55 -0.65 5.87 -2.45
C PHE A 55 0.86 6.02 -2.70
N PRO A 56 1.48 6.97 -2.00
CA PRO A 56 2.91 7.25 -2.14
C PRO A 56 3.77 6.13 -1.56
N SER A 57 4.46 5.41 -2.44
CA SER A 57 5.32 4.32 -2.01
C SER A 57 6.52 4.82 -1.22
N ASN A 58 6.69 6.15 -1.21
CA ASN A 58 7.80 6.77 -0.50
C ASN A 58 7.44 6.99 0.97
N TYR A 59 6.16 6.84 1.29
CA TYR A 59 5.68 7.04 2.65
C TYR A 59 5.37 5.69 3.31
N VAL A 60 5.79 4.61 2.66
CA VAL A 60 5.55 3.27 3.19
C VAL A 60 6.73 2.34 2.88
N GLU A 61 6.90 1.33 3.72
CA GLU A 61 7.99 0.38 3.54
C GLU A 61 7.47 -1.06 3.61
N ASP A 62 8.01 -1.92 2.75
CA ASP A 62 7.59 -3.32 2.72
C ASP A 62 7.97 -4.02 4.02
N ILE A 63 7.00 -4.73 4.60
CA ILE A 63 7.22 -5.45 5.84
C ILE A 63 7.19 -6.95 5.62
N SER A 64 6.32 -7.40 4.73
CA SER A 64 6.20 -8.82 4.41
C SER A 64 7.17 -9.22 3.31
N GLY A 65 8.23 -8.45 3.15
CA GLY A 65 9.22 -8.73 2.13
C GLY A 65 10.43 -9.47 2.67
N PRO A 66 11.16 -10.15 1.78
CA PRO A 66 12.36 -10.90 2.16
C PRO A 66 13.52 -9.99 2.56
N SER A 67 14.49 -10.56 3.26
CA SER A 67 15.66 -9.80 3.70
C SER A 67 16.83 -10.73 4.02
N SER A 68 17.97 -10.13 4.35
CA SER A 68 19.17 -10.90 4.67
C SER A 68 19.47 -10.84 6.17
N GLY A 69 19.96 -11.95 6.71
CA GLY A 69 20.29 -12.01 8.12
C GLY A 69 21.79 -11.98 8.37
N GLY A 1 -8.52 -11.25 -16.38
CA GLY A 1 -8.08 -9.95 -15.92
C GLY A 1 -7.35 -10.02 -14.59
N SER A 2 -7.97 -10.68 -13.61
CA SER A 2 -7.37 -10.82 -12.29
C SER A 2 -6.86 -12.24 -12.07
N SER A 3 -5.57 -12.45 -12.35
CA SER A 3 -4.97 -13.77 -12.18
C SER A 3 -4.04 -13.79 -10.96
N GLY A 4 -4.37 -14.64 -9.99
CA GLY A 4 -3.56 -14.74 -8.79
C GLY A 4 -3.36 -13.40 -8.12
N SER A 5 -4.15 -13.14 -7.08
CA SER A 5 -4.07 -11.89 -6.34
C SER A 5 -2.83 -11.86 -5.46
N SER A 6 -1.83 -11.08 -5.85
CA SER A 6 -0.59 -10.97 -5.09
C SER A 6 -0.88 -10.82 -3.59
N GLY A 7 0.15 -11.03 -2.78
CA GLY A 7 -0.02 -10.92 -1.34
C GLY A 7 1.05 -10.05 -0.70
N ARG A 8 1.36 -8.92 -1.35
CA ARG A 8 2.38 -8.01 -0.84
C ARG A 8 1.81 -7.16 0.30
N THR A 9 2.67 -6.79 1.25
CA THR A 9 2.27 -5.98 2.38
C THR A 9 3.29 -4.88 2.66
N VAL A 10 2.78 -3.70 3.02
CA VAL A 10 3.65 -2.57 3.32
C VAL A 10 3.11 -1.75 4.49
N LYS A 11 4.01 -1.22 5.30
CA LYS A 11 3.62 -0.41 6.46
C LYS A 11 3.96 1.06 6.24
N ALA A 12 3.06 1.94 6.66
CA ALA A 12 3.26 3.37 6.51
C ALA A 12 4.32 3.88 7.48
N LEU A 13 5.25 4.68 6.97
CA LEU A 13 6.32 5.23 7.80
C LEU A 13 5.91 6.58 8.39
N TYR A 14 4.91 7.20 7.79
CA TYR A 14 4.42 8.49 8.25
C TYR A 14 2.93 8.65 7.96
N ASP A 15 2.23 9.36 8.85
CA ASP A 15 0.80 9.59 8.69
C ASP A 15 0.53 10.52 7.51
N TYR A 16 -0.27 10.03 6.56
CA TYR A 16 -0.61 10.82 5.37
C TYR A 16 -2.12 10.92 5.19
N LYS A 17 -2.57 11.99 4.57
CA LYS A 17 -3.98 12.20 4.32
C LYS A 17 -4.29 12.29 2.83
N ALA A 18 -5.40 11.70 2.42
CA ALA A 18 -5.79 11.72 1.01
C ALA A 18 -6.42 13.06 0.63
N LYS A 19 -5.74 13.81 -0.22
CA LYS A 19 -6.23 15.11 -0.67
C LYS A 19 -7.26 14.95 -1.78
N ARG A 20 -7.42 13.72 -2.27
CA ARG A 20 -8.37 13.45 -3.34
C ARG A 20 -8.80 11.98 -3.31
N SER A 21 -9.94 11.70 -3.93
CA SER A 21 -10.47 10.34 -3.97
C SER A 21 -9.47 9.39 -4.59
N ASP A 22 -8.50 9.94 -5.31
CA ASP A 22 -7.48 9.13 -5.97
C ASP A 22 -6.43 8.66 -4.97
N GLU A 23 -6.10 9.53 -4.01
CA GLU A 23 -5.10 9.21 -3.00
C GLU A 23 -5.70 8.30 -1.93
N LEU A 24 -4.83 7.62 -1.18
CA LEU A 24 -5.27 6.72 -0.13
C LEU A 24 -4.97 7.30 1.24
N THR A 25 -5.94 7.20 2.15
CA THR A 25 -5.77 7.72 3.51
C THR A 25 -5.24 6.63 4.45
N PHE A 26 -4.28 7.01 5.29
CA PHE A 26 -3.69 6.07 6.24
C PHE A 26 -2.74 6.80 7.19
N CYS A 27 -2.59 6.26 8.39
CA CYS A 27 -1.72 6.85 9.40
C CYS A 27 -0.48 6.00 9.61
N ARG A 28 0.59 6.63 10.11
CA ARG A 28 1.84 5.94 10.34
C ARG A 28 1.60 4.62 11.08
N GLY A 29 2.34 3.58 10.68
CA GLY A 29 2.19 2.29 11.32
C GLY A 29 1.21 1.40 10.59
N ALA A 30 0.24 2.01 9.93
CA ALA A 30 -0.77 1.26 9.19
C ALA A 30 -0.13 0.26 8.23
N LEU A 31 -0.95 -0.59 7.62
CA LEU A 31 -0.46 -1.58 6.68
C LEU A 31 -1.40 -1.72 5.48
N ILE A 32 -0.82 -1.93 4.31
CA ILE A 32 -1.60 -2.08 3.09
C ILE A 32 -1.30 -3.40 2.40
N HIS A 33 -2.33 -4.24 2.25
CA HIS A 33 -2.17 -5.53 1.60
C HIS A 33 -2.45 -5.43 0.10
N ASN A 34 -2.25 -6.53 -0.61
CA ASN A 34 -2.48 -6.56 -2.05
C ASN A 34 -1.81 -5.39 -2.74
N VAL A 35 -0.56 -5.12 -2.36
CA VAL A 35 0.19 -4.01 -2.94
C VAL A 35 0.74 -4.39 -4.31
N SER A 36 0.40 -3.59 -5.32
CA SER A 36 0.87 -3.85 -6.68
C SER A 36 2.03 -2.93 -7.03
N LYS A 37 3.18 -3.17 -6.41
CA LYS A 37 4.37 -2.37 -6.66
C LYS A 37 4.43 -1.91 -8.12
N GLU A 38 4.07 -0.65 -8.36
CA GLU A 38 4.08 -0.10 -9.71
C GLU A 38 5.50 -0.01 -10.25
N PRO A 39 5.63 0.10 -11.58
CA PRO A 39 6.93 0.19 -12.25
C PRO A 39 7.62 1.52 -11.98
N GLY A 40 6.87 2.46 -11.41
CA GLY A 40 7.43 3.77 -11.10
C GLY A 40 6.38 4.77 -10.69
N GLY A 41 6.18 4.92 -9.38
CA GLY A 41 5.18 5.85 -8.88
C GLY A 41 4.42 5.31 -7.71
N TRP A 42 3.17 5.75 -7.55
CA TRP A 42 2.33 5.30 -6.44
C TRP A 42 2.02 3.82 -6.56
N TRP A 43 1.66 3.20 -5.45
CA TRP A 43 1.33 1.77 -5.43
C TRP A 43 -0.15 1.56 -5.15
N LYS A 44 -0.70 0.48 -5.70
CA LYS A 44 -2.11 0.17 -5.52
C LYS A 44 -2.28 -0.89 -4.43
N GLY A 45 -3.11 -0.57 -3.43
CA GLY A 45 -3.36 -1.50 -2.34
C GLY A 45 -4.69 -1.26 -1.66
N ASP A 46 -5.05 -2.15 -0.75
CA ASP A 46 -6.31 -2.02 -0.02
C ASP A 46 -6.07 -1.70 1.46
N TYR A 47 -6.58 -0.56 1.90
CA TYR A 47 -6.41 -0.13 3.28
C TYR A 47 -7.76 0.25 3.89
N GLY A 48 -8.56 -0.75 4.22
CA GLY A 48 -9.86 -0.50 4.82
C GLY A 48 -10.77 0.29 3.89
N THR A 49 -11.39 1.33 4.44
CA THR A 49 -12.30 2.17 3.66
C THR A 49 -11.84 2.28 2.21
N ARG A 50 -10.53 2.50 2.02
CA ARG A 50 -9.96 2.63 0.69
C ARG A 50 -9.73 1.26 0.07
N ILE A 51 -9.78 1.20 -1.26
CA ILE A 51 -9.57 -0.04 -1.98
C ILE A 51 -8.74 0.17 -3.24
N GLN A 52 -7.54 -0.41 -3.27
CA GLN A 52 -6.65 -0.27 -4.41
C GLN A 52 -6.52 1.19 -4.84
N GLN A 53 -6.20 2.05 -3.87
CA GLN A 53 -6.05 3.48 -4.16
C GLN A 53 -4.58 3.85 -4.30
N TYR A 54 -4.27 4.66 -5.31
CA TYR A 54 -2.90 5.10 -5.56
C TYR A 54 -2.32 5.80 -4.33
N PHE A 55 -1.38 5.13 -3.67
CA PHE A 55 -0.74 5.69 -2.48
C PHE A 55 0.77 5.84 -2.69
N PRO A 56 1.37 6.80 -1.98
CA PRO A 56 2.81 7.06 -2.06
C PRO A 56 3.65 5.94 -1.44
N SER A 57 4.60 5.43 -2.21
CA SER A 57 5.46 4.35 -1.73
C SER A 57 6.51 4.89 -0.76
N ASN A 58 6.89 6.15 -0.94
CA ASN A 58 7.88 6.78 -0.09
C ASN A 58 7.37 6.92 1.34
N TYR A 59 6.07 6.71 1.51
CA TYR A 59 5.45 6.82 2.83
C TYR A 59 5.16 5.43 3.41
N VAL A 60 5.70 4.40 2.76
CA VAL A 60 5.51 3.03 3.20
C VAL A 60 6.75 2.19 2.94
N GLU A 61 6.93 1.15 3.75
CA GLU A 61 8.08 0.25 3.60
C GLU A 61 7.65 -1.20 3.68
N ASP A 62 8.26 -2.03 2.85
CA ASP A 62 7.95 -3.45 2.81
C ASP A 62 8.26 -4.12 4.15
N ILE A 63 7.29 -4.83 4.69
CA ILE A 63 7.46 -5.52 5.97
C ILE A 63 7.42 -7.03 5.80
N SER A 64 6.79 -7.47 4.71
CA SER A 64 6.67 -8.91 4.43
C SER A 64 8.03 -9.51 4.10
N GLY A 65 8.35 -10.63 4.74
CA GLY A 65 9.62 -11.29 4.51
C GLY A 65 9.46 -12.58 3.72
N PRO A 66 10.59 -13.24 3.42
CA PRO A 66 10.61 -14.48 2.66
C PRO A 66 10.02 -15.65 3.45
N SER A 67 9.48 -16.63 2.73
CA SER A 67 8.88 -17.79 3.36
C SER A 67 9.61 -19.07 2.95
N SER A 68 10.66 -19.41 3.69
CA SER A 68 11.45 -20.60 3.40
C SER A 68 12.00 -20.56 1.98
N GLY A 69 12.47 -19.38 1.57
CA GLY A 69 13.02 -19.22 0.24
C GLY A 69 14.29 -18.40 0.24
N GLY A 1 -2.29 -9.57 -14.21
CA GLY A 1 -1.39 -10.56 -14.75
C GLY A 1 -2.09 -11.85 -15.14
N SER A 2 -1.31 -12.85 -15.51
CA SER A 2 -1.88 -14.14 -15.92
C SER A 2 -3.14 -14.46 -15.13
N SER A 3 -3.06 -14.29 -13.81
CA SER A 3 -4.20 -14.57 -12.93
C SER A 3 -4.72 -13.28 -12.32
N GLY A 4 -3.81 -12.43 -11.86
CA GLY A 4 -4.21 -11.18 -11.24
C GLY A 4 -4.47 -11.31 -9.76
N SER A 5 -3.39 -11.37 -8.98
CA SER A 5 -3.51 -11.51 -7.53
C SER A 5 -2.18 -11.20 -6.85
N SER A 6 -2.23 -10.33 -5.85
CA SER A 6 -1.02 -9.94 -5.12
C SER A 6 -1.24 -10.05 -3.61
N GLY A 7 -0.15 -10.16 -2.86
CA GLY A 7 -0.24 -10.28 -1.42
C GLY A 7 0.83 -9.48 -0.70
N ARG A 8 1.33 -8.44 -1.35
CA ARG A 8 2.37 -7.60 -0.77
C ARG A 8 1.83 -6.81 0.41
N THR A 9 2.69 -6.57 1.40
CA THR A 9 2.30 -5.84 2.60
C THR A 9 3.37 -4.83 3.00
N VAL A 10 2.96 -3.58 3.20
CA VAL A 10 3.89 -2.53 3.59
C VAL A 10 3.28 -1.65 4.68
N LYS A 11 4.13 -1.23 5.62
CA LYS A 11 3.68 -0.38 6.72
C LYS A 11 4.03 1.08 6.44
N ALA A 12 3.15 1.99 6.88
CA ALA A 12 3.36 3.42 6.69
C ALA A 12 4.36 3.96 7.71
N LEU A 13 5.40 4.62 7.22
CA LEU A 13 6.41 5.21 8.09
C LEU A 13 6.07 6.65 8.45
N TYR A 14 4.94 7.13 7.93
CA TYR A 14 4.50 8.49 8.21
C TYR A 14 3.00 8.63 7.98
N ASP A 15 2.38 9.55 8.72
CA ASP A 15 0.94 9.79 8.60
C ASP A 15 0.63 10.67 7.39
N TYR A 16 -0.15 10.14 6.46
CA TYR A 16 -0.51 10.87 5.26
C TYR A 16 -2.03 10.88 5.06
N LYS A 17 -2.62 12.07 5.08
CA LYS A 17 -4.06 12.21 4.90
C LYS A 17 -4.41 12.35 3.42
N ALA A 18 -5.45 11.64 3.00
CA ALA A 18 -5.90 11.70 1.61
C ALA A 18 -6.78 12.92 1.36
N LYS A 19 -6.26 13.89 0.62
CA LYS A 19 -6.99 15.10 0.32
C LYS A 19 -8.08 14.82 -0.73
N ARG A 20 -7.74 14.00 -1.72
CA ARG A 20 -8.68 13.66 -2.78
C ARG A 20 -9.21 12.23 -2.60
N SER A 21 -10.00 11.78 -3.56
CA SER A 21 -10.57 10.44 -3.51
C SER A 21 -9.64 9.43 -4.17
N ASP A 22 -8.88 9.88 -5.15
CA ASP A 22 -7.95 9.02 -5.86
C ASP A 22 -6.84 8.53 -4.93
N GLU A 23 -6.37 9.43 -4.06
CA GLU A 23 -5.30 9.09 -3.13
C GLU A 23 -5.83 8.19 -2.01
N LEU A 24 -4.92 7.63 -1.23
CA LEU A 24 -5.28 6.75 -0.13
C LEU A 24 -5.06 7.42 1.22
N THR A 25 -5.84 7.02 2.21
CA THR A 25 -5.73 7.60 3.55
C THR A 25 -5.17 6.58 4.54
N PHE A 26 -4.22 7.02 5.35
CA PHE A 26 -3.60 6.14 6.35
C PHE A 26 -2.70 6.94 7.28
N CYS A 27 -2.43 6.37 8.45
CA CYS A 27 -1.56 7.03 9.43
C CYS A 27 -0.26 6.26 9.61
N ARG A 28 0.67 6.85 10.36
CA ARG A 28 1.97 6.23 10.61
C ARG A 28 1.81 4.92 11.37
N GLY A 29 2.11 3.81 10.70
CA GLY A 29 1.99 2.51 11.34
C GLY A 29 0.87 1.67 10.75
N ALA A 30 0.28 2.16 9.66
CA ALA A 30 -0.81 1.45 9.00
C ALA A 30 -0.29 0.55 7.88
N LEU A 31 -0.57 -0.74 7.98
CA LEU A 31 -0.14 -1.70 6.98
C LEU A 31 -1.10 -1.74 5.79
N ILE A 32 -0.54 -1.91 4.60
CA ILE A 32 -1.35 -1.96 3.38
C ILE A 32 -1.11 -3.25 2.62
N HIS A 33 -2.16 -4.06 2.47
CA HIS A 33 -2.05 -5.32 1.76
C HIS A 33 -2.47 -5.15 0.29
N ASN A 34 -2.13 -6.15 -0.53
CA ASN A 34 -2.46 -6.10 -1.95
C ASN A 34 -1.75 -4.94 -2.65
N VAL A 35 -0.51 -4.69 -2.24
CA VAL A 35 0.28 -3.62 -2.82
C VAL A 35 0.90 -4.05 -4.14
N SER A 36 0.58 -3.32 -5.21
CA SER A 36 1.10 -3.63 -6.54
C SER A 36 2.37 -2.83 -6.82
N LYS A 37 3.52 -3.45 -6.56
CA LYS A 37 4.80 -2.79 -6.77
C LYS A 37 4.98 -2.44 -8.25
N GLU A 38 4.31 -1.37 -8.68
CA GLU A 38 4.40 -0.92 -10.06
C GLU A 38 5.79 -0.40 -10.38
N PRO A 39 6.16 -0.43 -11.66
CA PRO A 39 7.47 0.03 -12.13
C PRO A 39 7.62 1.55 -12.03
N GLY A 40 6.50 2.26 -12.17
CA GLY A 40 6.52 3.71 -12.08
C GLY A 40 6.78 4.21 -10.68
N GLY A 41 5.71 4.57 -9.97
CA GLY A 41 5.85 5.06 -8.62
C GLY A 41 4.69 4.63 -7.73
N TRP A 42 3.62 5.40 -7.75
CA TRP A 42 2.45 5.10 -6.93
C TRP A 42 2.04 3.65 -7.08
N TRP A 43 1.81 2.98 -5.96
CA TRP A 43 1.41 1.58 -5.96
C TRP A 43 -0.10 1.43 -5.80
N LYS A 44 -0.58 0.19 -5.85
CA LYS A 44 -2.00 -0.08 -5.71
C LYS A 44 -2.25 -1.05 -4.55
N GLY A 45 -2.94 -0.56 -3.52
CA GLY A 45 -3.23 -1.38 -2.36
C GLY A 45 -4.65 -1.19 -1.86
N ASP A 46 -4.95 -1.79 -0.71
CA ASP A 46 -6.28 -1.68 -0.11
C ASP A 46 -6.18 -1.45 1.39
N TYR A 47 -6.68 -0.30 1.84
CA TYR A 47 -6.65 0.05 3.26
C TYR A 47 -8.02 0.51 3.74
N GLY A 48 -8.85 -0.45 4.14
CA GLY A 48 -10.18 -0.12 4.61
C GLY A 48 -11.14 0.22 3.49
N THR A 49 -11.97 1.23 3.70
CA THR A 49 -12.94 1.64 2.69
C THR A 49 -12.27 1.84 1.34
N ARG A 50 -11.00 2.22 1.35
CA ARG A 50 -10.25 2.44 0.13
C ARG A 50 -9.87 1.12 -0.53
N ILE A 51 -10.13 1.01 -1.82
CA ILE A 51 -9.82 -0.21 -2.57
C ILE A 51 -9.03 0.10 -3.84
N GLN A 52 -7.76 -0.27 -3.84
CA GLN A 52 -6.90 -0.03 -4.99
C GLN A 52 -6.75 1.46 -5.26
N GLN A 53 -6.60 2.24 -4.19
CA GLN A 53 -6.45 3.68 -4.30
C GLN A 53 -4.98 4.07 -4.30
N TYR A 54 -4.59 4.89 -5.28
CA TYR A 54 -3.21 5.34 -5.39
C TYR A 54 -2.67 5.80 -4.04
N PHE A 55 -1.37 5.63 -3.84
CA PHE A 55 -0.73 6.03 -2.58
C PHE A 55 0.79 6.06 -2.73
N PRO A 56 1.44 6.94 -1.96
CA PRO A 56 2.90 7.08 -1.99
C PRO A 56 3.62 5.87 -1.39
N SER A 57 4.49 5.26 -2.20
CA SER A 57 5.24 4.09 -1.75
C SER A 57 6.44 4.51 -0.90
N ASN A 58 6.99 5.69 -1.19
CA ASN A 58 8.13 6.19 -0.47
C ASN A 58 7.78 6.47 0.99
N TYR A 59 6.50 6.48 1.29
CA TYR A 59 6.02 6.74 2.65
C TYR A 59 5.81 5.43 3.40
N VAL A 60 5.99 4.31 2.71
CA VAL A 60 5.83 2.99 3.30
C VAL A 60 7.03 2.10 3.04
N GLU A 61 7.17 1.05 3.84
CA GLU A 61 8.29 0.12 3.68
C GLU A 61 7.79 -1.33 3.74
N ASP A 62 8.44 -2.19 2.95
CA ASP A 62 8.06 -3.60 2.91
C ASP A 62 8.31 -4.26 4.26
N ILE A 63 7.32 -5.02 4.72
CA ILE A 63 7.42 -5.72 6.00
C ILE A 63 7.24 -7.22 5.82
N SER A 64 6.51 -7.61 4.79
CA SER A 64 6.26 -9.02 4.51
C SER A 64 7.53 -9.84 4.71
N GLY A 65 7.45 -10.87 5.54
CA GLY A 65 8.60 -11.72 5.80
C GLY A 65 9.29 -11.37 7.10
N PRO A 66 10.29 -12.18 7.48
CA PRO A 66 11.06 -11.97 8.71
C PRO A 66 11.95 -10.74 8.63
N SER A 67 11.81 -9.85 9.62
CA SER A 67 12.60 -8.63 9.66
C SER A 67 14.03 -8.92 10.10
N SER A 68 14.16 -9.47 11.31
CA SER A 68 15.47 -9.79 11.86
C SER A 68 16.02 -11.09 11.24
N GLY A 69 16.80 -10.94 10.17
CA GLY A 69 17.37 -12.10 9.50
C GLY A 69 18.15 -11.71 8.27
N GLY A 1 -11.51 -8.61 -16.93
CA GLY A 1 -11.53 -9.98 -16.44
C GLY A 1 -11.00 -10.09 -15.03
N SER A 2 -9.76 -10.58 -14.90
CA SER A 2 -9.13 -10.74 -13.60
C SER A 2 -8.36 -9.48 -13.21
N SER A 3 -8.15 -9.31 -11.91
CA SER A 3 -7.42 -8.15 -11.40
C SER A 3 -5.97 -8.50 -11.11
N GLY A 4 -5.77 -9.57 -10.35
CA GLY A 4 -4.42 -9.99 -10.00
C GLY A 4 -4.39 -10.82 -8.72
N SER A 5 -3.25 -11.45 -8.47
CA SER A 5 -3.08 -12.28 -7.28
C SER A 5 -1.75 -12.00 -6.60
N SER A 6 -1.77 -11.12 -5.61
CA SER A 6 -0.55 -10.75 -4.89
C SER A 6 -0.82 -10.65 -3.39
N GLY A 7 0.21 -10.90 -2.59
CA GLY A 7 0.06 -10.84 -1.15
C GLY A 7 1.10 -9.95 -0.50
N ARG A 8 1.46 -8.86 -1.18
CA ARG A 8 2.44 -7.92 -0.67
C ARG A 8 1.84 -7.02 0.41
N THR A 9 2.65 -6.66 1.39
CA THR A 9 2.19 -5.79 2.48
C THR A 9 3.23 -4.73 2.81
N VAL A 10 2.75 -3.50 3.02
CA VAL A 10 3.64 -2.39 3.35
C VAL A 10 3.09 -1.58 4.51
N LYS A 11 3.98 -1.15 5.39
CA LYS A 11 3.60 -0.35 6.56
C LYS A 11 3.90 1.13 6.34
N ALA A 12 3.14 1.99 6.99
CA ALA A 12 3.33 3.43 6.88
C ALA A 12 4.50 3.89 7.74
N LEU A 13 5.34 4.75 7.17
CA LEU A 13 6.50 5.27 7.88
C LEU A 13 6.24 6.69 8.39
N TYR A 14 5.16 7.29 7.91
CA TYR A 14 4.79 8.63 8.31
C TYR A 14 3.32 8.91 8.00
N ASP A 15 2.72 9.82 8.77
CA ASP A 15 1.33 10.19 8.58
C ASP A 15 1.11 10.82 7.20
N TYR A 16 0.16 10.27 6.45
CA TYR A 16 -0.14 10.78 5.13
C TYR A 16 -1.65 10.79 4.87
N LYS A 17 -2.21 11.99 4.79
CA LYS A 17 -3.65 12.15 4.55
C LYS A 17 -3.94 12.27 3.06
N ALA A 18 -5.02 11.64 2.62
CA ALA A 18 -5.42 11.69 1.22
C ALA A 18 -6.63 12.59 1.01
N LYS A 19 -6.64 13.32 -0.10
CA LYS A 19 -7.75 14.21 -0.41
C LYS A 19 -9.07 13.45 -0.52
N ARG A 20 -8.97 12.13 -0.54
CA ARG A 20 -10.16 11.28 -0.63
C ARG A 20 -10.74 11.31 -2.04
N SER A 21 -9.86 11.46 -3.03
CA SER A 21 -10.29 11.50 -4.42
C SER A 21 -9.48 10.53 -5.27
N ASP A 22 -8.16 10.73 -5.30
CA ASP A 22 -7.28 9.87 -6.07
C ASP A 22 -6.08 9.42 -5.23
N GLU A 23 -6.28 9.36 -3.92
CA GLU A 23 -5.22 8.96 -3.00
C GLU A 23 -5.76 8.01 -1.93
N LEU A 24 -4.88 7.60 -1.02
CA LEU A 24 -5.27 6.69 0.06
C LEU A 24 -4.94 7.29 1.42
N THR A 25 -5.94 7.37 2.29
CA THR A 25 -5.76 7.93 3.62
C THR A 25 -5.22 6.87 4.59
N PHE A 26 -4.08 7.17 5.19
CA PHE A 26 -3.45 6.25 6.14
C PHE A 26 -2.45 6.98 7.03
N CYS A 27 -2.40 6.59 8.30
CA CYS A 27 -1.49 7.21 9.25
C CYS A 27 -0.24 6.35 9.45
N ARG A 28 0.72 6.87 10.20
CA ARG A 28 1.96 6.16 10.46
C ARG A 28 1.69 4.85 11.18
N GLY A 29 2.26 3.76 10.65
CA GLY A 29 2.07 2.46 11.26
C GLY A 29 1.09 1.59 10.50
N ALA A 30 0.08 2.23 9.92
CA ALA A 30 -0.93 1.50 9.15
C ALA A 30 -0.28 0.51 8.19
N LEU A 31 -1.09 -0.39 7.64
CA LEU A 31 -0.59 -1.40 6.71
C LEU A 31 -1.53 -1.53 5.51
N ILE A 32 -0.95 -1.78 4.34
CA ILE A 32 -1.73 -1.93 3.12
C ILE A 32 -1.43 -3.27 2.44
N HIS A 33 -2.46 -4.09 2.28
CA HIS A 33 -2.31 -5.40 1.64
C HIS A 33 -2.55 -5.30 0.14
N ASN A 34 -2.25 -6.38 -0.58
CA ASN A 34 -2.44 -6.42 -2.03
C ASN A 34 -1.71 -5.26 -2.70
N VAL A 35 -0.45 -5.07 -2.33
CA VAL A 35 0.35 -3.99 -2.90
C VAL A 35 0.95 -4.40 -4.24
N SER A 36 0.72 -3.58 -5.26
CA SER A 36 1.24 -3.87 -6.60
C SER A 36 2.34 -2.88 -6.98
N LYS A 37 3.58 -3.22 -6.61
CA LYS A 37 4.72 -2.36 -6.91
C LYS A 37 4.88 -2.17 -8.41
N GLU A 38 4.38 -1.04 -8.91
CA GLU A 38 4.46 -0.73 -10.33
C GLU A 38 5.85 -0.23 -10.70
N PRO A 39 6.22 -0.38 -11.98
CA PRO A 39 7.52 0.06 -12.49
C PRO A 39 7.65 1.58 -12.53
N GLY A 40 6.62 2.27 -12.05
CA GLY A 40 6.63 3.72 -12.04
C GLY A 40 6.98 4.29 -10.68
N GLY A 41 6.03 4.96 -10.06
CA GLY A 41 6.25 5.55 -8.75
C GLY A 41 5.25 5.08 -7.72
N TRP A 42 4.02 5.57 -7.83
CA TRP A 42 2.95 5.20 -6.90
C TRP A 42 2.49 3.77 -7.15
N TRP A 43 2.07 3.09 -6.08
CA TRP A 43 1.59 1.71 -6.19
C TRP A 43 0.13 1.62 -5.79
N LYS A 44 -0.46 0.45 -6.00
CA LYS A 44 -1.86 0.21 -5.67
C LYS A 44 -1.98 -0.61 -4.39
N GLY A 45 -3.15 -0.56 -3.77
CA GLY A 45 -3.38 -1.31 -2.54
C GLY A 45 -4.75 -1.04 -1.95
N ASP A 46 -5.17 -1.91 -1.04
CA ASP A 46 -6.47 -1.76 -0.38
C ASP A 46 -6.31 -1.42 1.09
N TYR A 47 -7.11 -0.48 1.58
CA TYR A 47 -7.06 -0.06 2.97
C TYR A 47 -8.44 0.32 3.48
N GLY A 48 -8.99 -0.51 4.36
CA GLY A 48 -10.31 -0.25 4.91
C GLY A 48 -11.30 0.19 3.85
N THR A 49 -12.09 1.22 4.18
CA THR A 49 -13.08 1.73 3.25
C THR A 49 -12.49 1.94 1.86
N ARG A 50 -11.22 2.31 1.82
CA ARG A 50 -10.53 2.54 0.55
C ARG A 50 -10.00 1.23 -0.03
N ILE A 51 -10.07 1.10 -1.35
CA ILE A 51 -9.60 -0.09 -2.03
C ILE A 51 -8.88 0.25 -3.33
N GLN A 52 -7.71 -0.34 -3.53
CA GLN A 52 -6.92 -0.09 -4.73
C GLN A 52 -6.71 1.40 -4.94
N GLN A 53 -6.32 2.10 -3.88
CA GLN A 53 -6.08 3.53 -3.94
C GLN A 53 -4.59 3.83 -4.08
N TYR A 54 -4.26 4.71 -5.02
CA TYR A 54 -2.86 5.08 -5.25
C TYR A 54 -2.26 5.73 -4.01
N PHE A 55 -1.21 5.10 -3.48
CA PHE A 55 -0.54 5.61 -2.29
C PHE A 55 0.97 5.72 -2.53
N PRO A 56 1.62 6.65 -1.80
CA PRO A 56 3.06 6.88 -1.92
C PRO A 56 3.87 5.72 -1.34
N SER A 57 4.69 5.11 -2.18
CA SER A 57 5.53 3.99 -1.75
C SER A 57 6.71 4.48 -0.91
N ASN A 58 6.99 5.77 -0.99
CA ASN A 58 8.08 6.37 -0.23
C ASN A 58 7.70 6.53 1.25
N TYR A 59 6.41 6.71 1.49
CA TYR A 59 5.92 6.88 2.85
C TYR A 59 5.54 5.54 3.47
N VAL A 60 5.94 4.45 2.81
CA VAL A 60 5.64 3.12 3.29
C VAL A 60 6.80 2.16 3.00
N GLU A 61 6.97 1.17 3.89
CA GLU A 61 8.05 0.19 3.72
C GLU A 61 7.50 -1.23 3.84
N ASP A 62 8.02 -2.12 3.00
CA ASP A 62 7.59 -3.51 3.01
C ASP A 62 7.85 -4.15 4.38
N ILE A 63 6.84 -4.85 4.89
CA ILE A 63 6.96 -5.51 6.18
C ILE A 63 6.87 -7.02 6.04
N SER A 64 6.00 -7.48 5.15
CA SER A 64 5.82 -8.90 4.91
C SER A 64 7.08 -9.52 4.32
N GLY A 65 7.58 -10.58 4.96
CA GLY A 65 8.78 -11.24 4.48
C GLY A 65 9.44 -12.09 5.55
N PRO A 66 10.24 -13.07 5.13
CA PRO A 66 10.95 -13.97 6.05
C PRO A 66 12.07 -13.26 6.80
N SER A 67 12.34 -12.02 6.42
CA SER A 67 13.38 -11.22 7.06
C SER A 67 12.98 -9.76 7.15
N SER A 68 13.65 -9.02 8.02
CA SER A 68 13.37 -7.60 8.21
C SER A 68 14.45 -6.74 7.56
N GLY A 69 14.88 -7.13 6.37
CA GLY A 69 15.92 -6.39 5.68
C GLY A 69 15.69 -4.89 5.73
N GLY A 1 0.89 -14.08 -17.56
CA GLY A 1 1.37 -15.39 -18.00
C GLY A 1 0.60 -16.52 -17.37
N SER A 2 0.98 -16.92 -16.17
CA SER A 2 0.32 -18.01 -15.46
C SER A 2 -0.51 -17.48 -14.30
N SER A 3 0.16 -16.83 -13.34
CA SER A 3 -0.52 -16.28 -12.18
C SER A 3 -0.54 -14.76 -12.24
N GLY A 4 -1.63 -14.16 -11.75
CA GLY A 4 -1.75 -12.72 -11.76
C GLY A 4 -2.22 -12.17 -10.41
N SER A 5 -1.41 -12.37 -9.39
CA SER A 5 -1.74 -11.90 -8.05
C SER A 5 -0.48 -11.75 -7.19
N SER A 6 -0.56 -10.91 -6.18
CA SER A 6 0.56 -10.68 -5.28
C SER A 6 0.10 -10.11 -3.95
N GLY A 7 0.21 -10.91 -2.89
CA GLY A 7 -0.21 -10.47 -1.57
C GLY A 7 0.87 -9.66 -0.87
N ARG A 8 1.39 -8.65 -1.55
CA ARG A 8 2.43 -7.80 -0.99
C ARG A 8 1.88 -6.95 0.15
N THR A 9 2.73 -6.65 1.13
CA THR A 9 2.33 -5.84 2.28
C THR A 9 3.35 -4.75 2.57
N VAL A 10 2.86 -3.57 2.94
CA VAL A 10 3.73 -2.45 3.26
C VAL A 10 3.18 -1.63 4.42
N LYS A 11 4.07 -1.18 5.30
CA LYS A 11 3.66 -0.37 6.45
C LYS A 11 3.94 1.10 6.21
N ALA A 12 3.11 1.96 6.81
CA ALA A 12 3.27 3.41 6.66
C ALA A 12 4.39 3.92 7.56
N LEU A 13 5.26 4.75 7.00
CA LEU A 13 6.37 5.33 7.76
C LEU A 13 6.00 6.69 8.32
N TYR A 14 4.92 7.26 7.80
CA TYR A 14 4.46 8.57 8.25
C TYR A 14 2.95 8.71 8.07
N ASP A 15 2.33 9.56 8.88
CA ASP A 15 0.89 9.78 8.80
C ASP A 15 0.54 10.61 7.56
N TYR A 16 -0.37 10.10 6.76
CA TYR A 16 -0.79 10.78 5.54
C TYR A 16 -2.31 10.81 5.43
N LYS A 17 -2.82 11.74 4.63
CA LYS A 17 -4.26 11.87 4.44
C LYS A 17 -4.58 12.15 2.97
N ALA A 18 -5.65 11.52 2.49
CA ALA A 18 -6.07 11.69 1.10
C ALA A 18 -6.59 13.10 0.85
N LYS A 19 -5.82 13.90 0.14
CA LYS A 19 -6.20 15.27 -0.17
C LYS A 19 -7.48 15.31 -1.00
N ARG A 20 -7.60 14.37 -1.93
CA ARG A 20 -8.78 14.29 -2.79
C ARG A 20 -9.28 12.85 -2.91
N SER A 21 -10.30 12.66 -3.74
CA SER A 21 -10.86 11.33 -3.94
C SER A 21 -9.93 10.44 -4.75
N ASP A 22 -8.76 10.99 -5.10
CA ASP A 22 -7.77 10.25 -5.88
C ASP A 22 -6.55 9.92 -5.03
N GLU A 23 -6.79 9.58 -3.77
CA GLU A 23 -5.71 9.24 -2.85
C GLU A 23 -6.19 8.26 -1.79
N LEU A 24 -5.23 7.66 -1.07
CA LEU A 24 -5.55 6.70 -0.02
C LEU A 24 -5.29 7.30 1.36
N THR A 25 -6.23 7.08 2.28
CA THR A 25 -6.09 7.58 3.64
C THR A 25 -5.47 6.55 4.56
N PHE A 26 -4.41 6.94 5.26
CA PHE A 26 -3.72 6.04 6.18
C PHE A 26 -2.74 6.81 7.05
N CYS A 27 -2.62 6.39 8.31
CA CYS A 27 -1.72 7.03 9.25
C CYS A 27 -0.48 6.17 9.50
N ARG A 28 0.55 6.78 10.06
CA ARG A 28 1.79 6.06 10.35
C ARG A 28 1.50 4.75 11.07
N GLY A 29 2.18 3.68 10.65
CA GLY A 29 1.98 2.39 11.25
C GLY A 29 1.03 1.51 10.46
N ALA A 30 0.03 2.14 9.85
CA ALA A 30 -0.95 1.40 9.06
C ALA A 30 -0.28 0.38 8.14
N LEU A 31 -1.07 -0.50 7.57
CA LEU A 31 -0.55 -1.52 6.67
C LEU A 31 -1.45 -1.70 5.44
N ILE A 32 -0.83 -1.93 4.29
CA ILE A 32 -1.58 -2.11 3.05
C ILE A 32 -1.24 -3.45 2.40
N HIS A 33 -2.27 -4.26 2.15
CA HIS A 33 -2.08 -5.56 1.53
C HIS A 33 -2.30 -5.48 0.02
N ASN A 34 -2.02 -6.58 -0.67
CA ASN A 34 -2.18 -6.64 -2.12
C ASN A 34 -1.54 -5.42 -2.78
N VAL A 35 -0.35 -5.07 -2.33
CA VAL A 35 0.37 -3.93 -2.88
C VAL A 35 0.97 -4.26 -4.25
N SER A 36 0.51 -3.55 -5.28
CA SER A 36 0.99 -3.78 -6.63
C SER A 36 2.24 -2.94 -6.92
N LYS A 37 3.39 -3.46 -6.50
CA LYS A 37 4.65 -2.76 -6.71
C LYS A 37 4.87 -2.44 -8.18
N GLU A 38 4.28 -1.33 -8.63
CA GLU A 38 4.40 -0.91 -10.02
C GLU A 38 5.85 -0.57 -10.36
N PRO A 39 6.17 -0.54 -11.66
CA PRO A 39 7.51 -0.23 -12.14
C PRO A 39 7.88 1.23 -11.92
N GLY A 40 8.41 1.53 -10.74
CA GLY A 40 8.81 2.89 -10.42
C GLY A 40 7.62 3.82 -10.28
N GLY A 41 7.42 4.36 -9.08
CA GLY A 41 6.32 5.27 -8.85
C GLY A 41 5.45 4.83 -7.69
N TRP A 42 4.29 5.45 -7.55
CA TRP A 42 3.37 5.11 -6.47
C TRP A 42 2.75 3.74 -6.69
N TRP A 43 2.40 3.06 -5.60
CA TRP A 43 1.81 1.74 -5.67
C TRP A 43 0.37 1.76 -5.13
N LYS A 44 -0.42 0.77 -5.54
CA LYS A 44 -1.80 0.67 -5.10
C LYS A 44 -1.95 -0.42 -4.03
N GLY A 45 -3.13 -0.47 -3.41
CA GLY A 45 -3.38 -1.47 -2.38
C GLY A 45 -4.74 -1.29 -1.72
N ASP A 46 -5.11 -2.23 -0.87
CA ASP A 46 -6.39 -2.18 -0.17
C ASP A 46 -6.17 -1.93 1.33
N TYR A 47 -6.80 -0.88 1.83
CA TYR A 47 -6.68 -0.54 3.25
C TYR A 47 -8.01 -0.04 3.81
N GLY A 48 -8.60 -0.83 4.71
CA GLY A 48 -9.86 -0.45 5.30
C GLY A 48 -10.80 0.21 4.30
N THR A 49 -11.54 1.21 4.76
CA THR A 49 -12.47 1.93 3.91
C THR A 49 -11.93 2.07 2.49
N ARG A 50 -10.62 2.24 2.38
CA ARG A 50 -9.98 2.38 1.07
C ARG A 50 -9.77 1.02 0.42
N ILE A 51 -9.89 0.98 -0.91
CA ILE A 51 -9.73 -0.26 -1.65
C ILE A 51 -9.04 -0.01 -2.99
N GLN A 52 -7.81 -0.50 -3.13
CA GLN A 52 -7.05 -0.33 -4.36
C GLN A 52 -6.98 1.15 -4.75
N GLN A 53 -6.60 1.99 -3.80
CA GLN A 53 -6.50 3.42 -4.05
C GLN A 53 -5.05 3.82 -4.30
N TYR A 54 -4.86 4.82 -5.16
CA TYR A 54 -3.52 5.30 -5.49
C TYR A 54 -2.86 5.93 -4.27
N PHE A 55 -1.77 5.30 -3.80
CA PHE A 55 -1.04 5.80 -2.65
C PHE A 55 0.46 5.80 -2.92
N PRO A 56 1.18 6.72 -2.26
CA PRO A 56 2.63 6.85 -2.41
C PRO A 56 3.37 5.67 -1.77
N SER A 57 4.25 5.05 -2.56
CA SER A 57 5.03 3.91 -2.07
C SER A 57 6.20 4.38 -1.23
N ASN A 58 6.61 5.64 -1.42
CA ASN A 58 7.72 6.20 -0.67
C ASN A 58 7.34 6.42 0.80
N TYR A 59 6.06 6.67 1.03
CA TYR A 59 5.56 6.90 2.38
C TYR A 59 5.52 5.60 3.17
N VAL A 60 5.47 4.48 2.45
CA VAL A 60 5.42 3.17 3.08
C VAL A 60 6.67 2.35 2.74
N GLU A 61 6.94 1.33 3.54
CA GLU A 61 8.09 0.47 3.33
C GLU A 61 7.68 -1.00 3.29
N ASP A 62 8.36 -1.78 2.46
CA ASP A 62 8.07 -3.20 2.33
C ASP A 62 8.35 -3.94 3.64
N ILE A 63 7.36 -4.67 4.14
CA ILE A 63 7.51 -5.42 5.39
C ILE A 63 7.32 -6.91 5.15
N SER A 64 6.51 -7.25 4.15
CA SER A 64 6.24 -8.65 3.83
C SER A 64 7.54 -9.44 3.69
N GLY A 65 7.79 -10.31 4.65
CA GLY A 65 9.00 -11.12 4.61
C GLY A 65 8.71 -12.60 4.70
N PRO A 66 9.78 -13.41 4.71
CA PRO A 66 9.67 -14.87 4.79
C PRO A 66 9.17 -15.34 6.16
N SER A 67 9.27 -14.47 7.15
CA SER A 67 8.83 -14.79 8.50
C SER A 67 7.56 -14.02 8.86
N SER A 68 6.51 -14.76 9.20
CA SER A 68 5.23 -14.14 9.56
C SER A 68 5.27 -13.62 10.99
N GLY A 69 5.01 -12.33 11.15
CA GLY A 69 5.03 -11.72 12.48
C GLY A 69 6.34 -11.02 12.78
N GLY A 1 -12.34 -9.65 -13.44
CA GLY A 1 -12.35 -11.11 -13.40
C GLY A 1 -11.00 -11.71 -13.79
N SER A 2 -9.97 -11.39 -13.01
CA SER A 2 -8.64 -11.90 -13.27
C SER A 2 -8.16 -12.80 -12.13
N SER A 3 -7.14 -13.60 -12.41
CA SER A 3 -6.58 -14.51 -11.42
C SER A 3 -5.14 -14.13 -11.08
N GLY A 4 -4.88 -13.95 -9.78
CA GLY A 4 -3.55 -13.60 -9.34
C GLY A 4 -3.56 -12.67 -8.14
N SER A 5 -4.32 -13.03 -7.12
CA SER A 5 -4.43 -12.22 -5.91
C SER A 5 -3.05 -12.01 -5.27
N SER A 6 -2.70 -10.75 -5.06
CA SER A 6 -1.41 -10.41 -4.47
C SER A 6 -1.51 -10.35 -2.95
N GLY A 7 -0.44 -10.74 -2.27
CA GLY A 7 -0.42 -10.72 -0.82
C GLY A 7 0.64 -9.79 -0.26
N ARG A 8 1.14 -8.89 -1.10
CA ARG A 8 2.16 -7.94 -0.69
C ARG A 8 1.64 -7.04 0.44
N THR A 9 2.50 -6.75 1.40
CA THR A 9 2.13 -5.91 2.52
C THR A 9 3.21 -4.87 2.81
N VAL A 10 2.79 -3.65 3.15
CA VAL A 10 3.72 -2.56 3.45
C VAL A 10 3.15 -1.64 4.51
N LYS A 11 4.01 -1.20 5.43
CA LYS A 11 3.60 -0.31 6.49
C LYS A 11 3.88 1.15 6.13
N ALA A 12 3.15 2.07 6.77
CA ALA A 12 3.33 3.49 6.51
C ALA A 12 4.36 4.09 7.45
N LEU A 13 5.39 4.71 6.87
CA LEU A 13 6.45 5.33 7.66
C LEU A 13 6.16 6.81 7.90
N TYR A 14 4.95 7.24 7.51
CA TYR A 14 4.55 8.63 7.68
C TYR A 14 3.04 8.77 7.58
N ASP A 15 2.48 9.65 8.41
CA ASP A 15 1.04 9.88 8.41
C ASP A 15 0.62 10.70 7.20
N TYR A 16 -0.30 10.14 6.41
CA TYR A 16 -0.79 10.81 5.21
C TYR A 16 -2.30 10.97 5.25
N LYS A 17 -2.78 12.18 4.96
CA LYS A 17 -4.21 12.45 4.96
C LYS A 17 -4.70 12.77 3.56
N ALA A 18 -5.62 11.95 3.06
CA ALA A 18 -6.18 12.16 1.72
C ALA A 18 -6.83 13.53 1.61
N LYS A 19 -6.21 14.41 0.83
CA LYS A 19 -6.73 15.75 0.63
C LYS A 19 -7.70 15.80 -0.56
N ARG A 20 -7.59 14.80 -1.43
CA ARG A 20 -8.45 14.72 -2.60
C ARG A 20 -8.68 13.27 -3.02
N SER A 21 -9.74 13.04 -3.77
CA SER A 21 -10.07 11.69 -4.24
C SER A 21 -8.85 11.00 -4.84
N ASP A 22 -9.03 9.76 -5.26
CA ASP A 22 -7.94 8.99 -5.86
C ASP A 22 -6.73 8.95 -4.93
N GLU A 23 -6.97 8.67 -3.65
CA GLU A 23 -5.90 8.61 -2.66
C GLU A 23 -6.32 7.76 -1.47
N LEU A 24 -5.36 7.48 -0.59
CA LEU A 24 -5.62 6.68 0.60
C LEU A 24 -5.41 7.49 1.87
N THR A 25 -6.25 7.25 2.87
CA THR A 25 -6.15 7.97 4.13
C THR A 25 -5.68 7.04 5.25
N PHE A 26 -4.42 7.22 5.65
CA PHE A 26 -3.84 6.40 6.71
C PHE A 26 -2.86 7.21 7.55
N CYS A 27 -2.44 6.64 8.68
CA CYS A 27 -1.50 7.32 9.56
C CYS A 27 -0.14 6.62 9.54
N ARG A 28 0.77 7.10 10.38
CA ARG A 28 2.12 6.53 10.46
C ARG A 28 2.09 5.17 11.14
N GLY A 29 2.18 4.11 10.35
CA GLY A 29 2.16 2.76 10.89
C GLY A 29 1.01 1.94 10.36
N ALA A 30 0.42 2.38 9.26
CA ALA A 30 -0.70 1.67 8.65
C ALA A 30 -0.21 0.69 7.59
N LEU A 31 -0.61 -0.57 7.73
CA LEU A 31 -0.23 -1.61 6.78
C LEU A 31 -1.19 -1.67 5.60
N ILE A 32 -0.66 -1.90 4.41
CA ILE A 32 -1.48 -1.99 3.20
C ILE A 32 -1.22 -3.29 2.46
N HIS A 33 -2.28 -4.05 2.22
CA HIS A 33 -2.17 -5.31 1.50
C HIS A 33 -2.59 -5.16 0.04
N ASN A 34 -2.38 -6.21 -0.75
CA ASN A 34 -2.73 -6.18 -2.16
C ASN A 34 -2.00 -5.06 -2.89
N VAL A 35 -0.70 -4.93 -2.62
CA VAL A 35 0.12 -3.90 -3.24
C VAL A 35 0.52 -4.31 -4.65
N SER A 36 0.35 -3.40 -5.60
CA SER A 36 0.69 -3.66 -6.99
C SER A 36 2.19 -3.55 -7.20
N LYS A 37 2.81 -2.60 -6.52
CA LYS A 37 4.26 -2.39 -6.63
C LYS A 37 4.64 -2.08 -8.07
N GLU A 38 3.77 -1.38 -8.78
CA GLU A 38 4.03 -1.03 -10.17
C GLU A 38 5.46 -0.53 -10.36
N PRO A 39 6.01 -0.74 -11.56
CA PRO A 39 7.38 -0.33 -11.89
C PRO A 39 7.53 1.19 -11.97
N GLY A 40 7.86 1.81 -10.84
CA GLY A 40 8.02 3.25 -10.81
C GLY A 40 8.01 3.80 -9.40
N GLY A 41 6.84 4.27 -8.96
CA GLY A 41 6.72 4.82 -7.63
C GLY A 41 5.36 4.55 -7.01
N TRP A 42 4.39 5.42 -7.29
CA TRP A 42 3.05 5.27 -6.76
C TRP A 42 2.52 3.87 -7.01
N TRP A 43 2.25 3.15 -5.92
CA TRP A 43 1.75 1.78 -6.02
C TRP A 43 0.24 1.74 -5.78
N LYS A 44 -0.36 0.57 -5.95
CA LYS A 44 -1.79 0.40 -5.74
C LYS A 44 -2.07 -0.67 -4.70
N GLY A 45 -2.84 -0.30 -3.68
CA GLY A 45 -3.16 -1.24 -2.62
C GLY A 45 -4.49 -0.94 -1.96
N ASP A 46 -4.88 -1.77 -0.99
CA ASP A 46 -6.14 -1.58 -0.28
C ASP A 46 -5.90 -1.39 1.21
N TYR A 47 -6.50 -0.34 1.76
CA TYR A 47 -6.35 -0.04 3.18
C TYR A 47 -7.71 0.19 3.84
N GLY A 48 -8.41 -0.91 4.13
CA GLY A 48 -9.71 -0.81 4.76
C GLY A 48 -10.81 -0.51 3.75
N THR A 49 -11.74 0.36 4.13
CA THR A 49 -12.85 0.72 3.27
C THR A 49 -12.40 0.85 1.82
N ARG A 50 -11.28 1.53 1.61
CA ARG A 50 -10.73 1.72 0.28
C ARG A 50 -10.17 0.42 -0.28
N ILE A 51 -10.19 0.28 -1.60
CA ILE A 51 -9.68 -0.92 -2.25
C ILE A 51 -8.95 -0.57 -3.54
N GLN A 52 -7.68 -0.94 -3.61
CA GLN A 52 -6.86 -0.65 -4.79
C GLN A 52 -6.79 0.84 -5.07
N GLN A 53 -6.45 1.61 -4.03
CA GLN A 53 -6.36 3.06 -4.17
C GLN A 53 -4.89 3.50 -4.22
N TYR A 54 -4.57 4.34 -5.20
CA TYR A 54 -3.20 4.83 -5.37
C TYR A 54 -2.66 5.39 -4.05
N PHE A 55 -1.39 5.13 -3.78
CA PHE A 55 -0.76 5.60 -2.56
C PHE A 55 0.74 5.79 -2.77
N PRO A 56 1.33 6.72 -2.00
CA PRO A 56 2.76 7.01 -2.07
C PRO A 56 3.62 5.88 -1.54
N SER A 57 4.26 5.14 -2.44
CA SER A 57 5.11 4.02 -2.06
C SER A 57 6.34 4.50 -1.28
N ASN A 58 6.66 5.78 -1.45
CA ASN A 58 7.82 6.37 -0.77
C ASN A 58 7.48 6.68 0.69
N TYR A 59 6.22 6.50 1.05
CA TYR A 59 5.77 6.76 2.41
C TYR A 59 5.51 5.47 3.17
N VAL A 60 5.91 4.35 2.55
CA VAL A 60 5.72 3.04 3.17
C VAL A 60 6.97 2.18 3.01
N GLU A 61 7.01 1.06 3.73
CA GLU A 61 8.15 0.15 3.68
C GLU A 61 7.68 -1.30 3.59
N ASP A 62 8.42 -2.10 2.85
CA ASP A 62 8.10 -3.51 2.68
C ASP A 62 8.38 -4.29 3.96
N ILE A 63 7.31 -4.77 4.61
CA ILE A 63 7.44 -5.53 5.85
C ILE A 63 7.38 -7.02 5.58
N SER A 64 6.90 -7.39 4.40
CA SER A 64 6.78 -8.79 4.02
C SER A 64 7.97 -9.22 3.16
N GLY A 65 9.05 -8.44 3.21
CA GLY A 65 10.23 -8.76 2.44
C GLY A 65 11.04 -9.89 3.04
N PRO A 66 12.24 -10.11 2.49
CA PRO A 66 13.14 -11.17 2.98
C PRO A 66 13.71 -10.87 4.36
N SER A 67 13.63 -9.60 4.77
CA SER A 67 14.14 -9.19 6.07
C SER A 67 13.49 -9.99 7.19
N SER A 68 14.31 -10.56 8.06
CA SER A 68 13.82 -11.36 9.17
C SER A 68 14.73 -11.21 10.39
N GLY A 69 14.26 -11.69 11.53
CA GLY A 69 15.03 -11.60 12.76
C GLY A 69 15.49 -12.95 13.27
N GLY A 1 -8.74 -20.08 -11.70
CA GLY A 1 -7.75 -20.19 -12.76
C GLY A 1 -6.36 -20.47 -12.23
N SER A 2 -5.98 -19.77 -11.17
CA SER A 2 -4.66 -19.95 -10.58
C SER A 2 -4.72 -19.72 -9.07
N SER A 3 -4.20 -20.68 -8.30
CA SER A 3 -4.19 -20.58 -6.85
C SER A 3 -2.94 -19.87 -6.36
N GLY A 4 -3.10 -19.02 -5.35
CA GLY A 4 -1.97 -18.28 -4.81
C GLY A 4 -1.86 -16.89 -5.39
N SER A 5 -1.44 -15.94 -4.55
CA SER A 5 -1.29 -14.55 -4.98
C SER A 5 -0.09 -13.90 -4.31
N SER A 6 0.27 -12.72 -4.78
CA SER A 6 1.41 -12.00 -4.23
C SER A 6 1.23 -11.75 -2.74
N GLY A 7 0.20 -11.01 -2.39
CA GLY A 7 -0.07 -10.71 -0.99
C GLY A 7 0.97 -9.78 -0.38
N ARG A 8 1.29 -8.72 -1.10
CA ARG A 8 2.28 -7.76 -0.62
C ARG A 8 1.72 -6.91 0.51
N THR A 9 2.58 -6.56 1.46
CA THR A 9 2.15 -5.76 2.61
C THR A 9 3.19 -4.68 2.93
N VAL A 10 2.72 -3.44 3.06
CA VAL A 10 3.60 -2.33 3.38
C VAL A 10 3.05 -1.48 4.53
N LYS A 11 3.93 -1.08 5.42
CA LYS A 11 3.54 -0.28 6.57
C LYS A 11 3.83 1.20 6.33
N ALA A 12 3.08 2.07 7.01
CA ALA A 12 3.26 3.51 6.85
C ALA A 12 4.43 4.01 7.71
N LEU A 13 5.28 4.84 7.12
CA LEU A 13 6.43 5.39 7.83
C LEU A 13 6.11 6.77 8.39
N TYR A 14 5.02 7.37 7.92
CA TYR A 14 4.61 8.69 8.38
C TYR A 14 3.15 8.95 8.03
N ASP A 15 2.43 9.56 8.98
CA ASP A 15 1.02 9.87 8.77
C ASP A 15 0.81 10.59 7.44
N TYR A 16 -0.10 10.06 6.64
CA TYR A 16 -0.40 10.65 5.33
C TYR A 16 -1.91 10.74 5.11
N LYS A 17 -2.38 11.95 4.82
CA LYS A 17 -3.80 12.18 4.58
C LYS A 17 -4.10 12.17 3.09
N ALA A 18 -5.30 11.68 2.73
CA ALA A 18 -5.71 11.62 1.33
C ALA A 18 -6.11 13.01 0.83
N LYS A 19 -5.29 13.56 -0.07
CA LYS A 19 -5.56 14.87 -0.63
C LYS A 19 -6.82 14.84 -1.49
N ARG A 20 -7.00 13.76 -2.24
CA ARG A 20 -8.15 13.62 -3.11
C ARG A 20 -8.89 12.31 -2.82
N SER A 21 -9.95 12.03 -3.59
CA SER A 21 -10.72 10.82 -3.42
C SER A 21 -10.04 9.64 -4.11
N ASP A 22 -8.78 9.81 -4.46
CA ASP A 22 -8.01 8.76 -5.12
C ASP A 22 -6.91 8.24 -4.21
N GLU A 23 -6.34 9.13 -3.41
CA GLU A 23 -5.26 8.75 -2.50
C GLU A 23 -5.80 7.86 -1.37
N LEU A 24 -4.93 7.53 -0.42
CA LEU A 24 -5.31 6.67 0.70
C LEU A 24 -5.20 7.44 2.01
N THR A 25 -6.13 7.16 2.93
CA THR A 25 -6.14 7.82 4.23
C THR A 25 -5.67 6.87 5.32
N PHE A 26 -4.47 7.12 5.85
CA PHE A 26 -3.90 6.30 6.90
C PHE A 26 -2.89 7.09 7.73
N CYS A 27 -2.58 6.59 8.92
CA CYS A 27 -1.64 7.25 9.80
C CYS A 27 -0.41 6.36 10.03
N ARG A 28 0.70 6.98 10.41
CA ARG A 28 1.94 6.25 10.65
C ARG A 28 1.66 4.93 11.36
N GLY A 29 2.17 3.85 10.79
CA GLY A 29 1.97 2.53 11.37
C GLY A 29 0.77 1.82 10.78
N ALA A 30 0.47 2.13 9.52
CA ALA A 30 -0.66 1.50 8.84
C ALA A 30 -0.18 0.54 7.74
N LEU A 31 -0.64 -0.70 7.81
CA LEU A 31 -0.26 -1.71 6.83
C LEU A 31 -1.24 -1.73 5.66
N ILE A 32 -0.71 -1.92 4.45
CA ILE A 32 -1.53 -1.96 3.25
C ILE A 32 -1.26 -3.23 2.45
N HIS A 33 -2.30 -4.03 2.26
CA HIS A 33 -2.17 -5.27 1.51
C HIS A 33 -2.54 -5.06 0.04
N ASN A 34 -2.29 -6.08 -0.79
CA ASN A 34 -2.60 -5.98 -2.21
C ASN A 34 -1.82 -4.86 -2.87
N VAL A 35 -0.57 -4.69 -2.46
CA VAL A 35 0.28 -3.65 -3.02
C VAL A 35 0.76 -4.01 -4.42
N SER A 36 0.72 -3.03 -5.32
CA SER A 36 1.15 -3.25 -6.70
C SER A 36 2.41 -2.46 -7.00
N LYS A 37 3.57 -3.08 -6.76
CA LYS A 37 4.84 -2.44 -7.01
C LYS A 37 5.03 -2.16 -8.50
N GLU A 38 4.34 -1.14 -8.99
CA GLU A 38 4.42 -0.76 -10.40
C GLU A 38 5.84 -0.33 -10.76
N PRO A 39 6.20 -0.52 -12.04
CA PRO A 39 7.54 -0.18 -12.54
C PRO A 39 7.75 1.33 -12.60
N GLY A 40 6.73 2.09 -12.22
CA GLY A 40 6.83 3.54 -12.23
C GLY A 40 7.15 4.11 -10.87
N GLY A 41 6.22 3.94 -9.93
CA GLY A 41 6.41 4.46 -8.59
C GLY A 41 5.18 4.31 -7.72
N TRP A 42 4.15 5.08 -8.02
CA TRP A 42 2.91 5.04 -7.27
C TRP A 42 2.23 3.68 -7.42
N TRP A 43 2.02 3.00 -6.29
CA TRP A 43 1.38 1.69 -6.30
C TRP A 43 -0.08 1.80 -5.88
N LYS A 44 -0.79 0.67 -5.94
CA LYS A 44 -2.20 0.63 -5.56
C LYS A 44 -2.48 -0.55 -4.65
N GLY A 45 -2.98 -0.26 -3.45
CA GLY A 45 -3.29 -1.31 -2.50
C GLY A 45 -4.69 -1.17 -1.91
N ASP A 46 -4.98 -1.98 -0.89
CA ASP A 46 -6.28 -1.93 -0.24
C ASP A 46 -6.13 -1.67 1.25
N TYR A 47 -6.75 -0.60 1.72
CA TYR A 47 -6.68 -0.23 3.14
C TYR A 47 -8.06 0.12 3.68
N GLY A 48 -8.84 -0.91 4.02
CA GLY A 48 -10.17 -0.68 4.55
C GLY A 48 -11.14 -0.18 3.49
N THR A 49 -12.10 0.63 3.92
CA THR A 49 -13.09 1.19 3.00
C THR A 49 -12.48 1.45 1.63
N ARG A 50 -11.22 1.89 1.62
CA ARG A 50 -10.52 2.18 0.37
C ARG A 50 -9.95 0.91 -0.24
N ILE A 51 -10.03 0.81 -1.56
CA ILE A 51 -9.52 -0.36 -2.28
C ILE A 51 -8.77 0.06 -3.54
N GLN A 52 -7.65 -0.62 -3.80
CA GLN A 52 -6.85 -0.33 -4.98
C GLN A 52 -6.69 1.18 -5.18
N GLN A 53 -6.46 1.89 -4.08
CA GLN A 53 -6.30 3.34 -4.13
C GLN A 53 -4.83 3.72 -4.19
N TYR A 54 -4.47 4.57 -5.14
CA TYR A 54 -3.09 5.01 -5.29
C TYR A 54 -2.56 5.61 -4.00
N PHE A 55 -1.31 5.29 -3.67
CA PHE A 55 -0.68 5.80 -2.46
C PHE A 55 0.82 5.97 -2.65
N PRO A 56 1.41 6.89 -1.88
CA PRO A 56 2.86 7.17 -1.96
C PRO A 56 3.69 6.04 -1.39
N SER A 57 4.26 5.22 -2.28
CA SER A 57 5.08 4.09 -1.88
C SER A 57 6.29 4.56 -1.08
N ASN A 58 6.56 5.86 -1.15
CA ASN A 58 7.70 6.44 -0.45
C ASN A 58 7.39 6.63 1.03
N TYR A 59 6.10 6.75 1.35
CA TYR A 59 5.67 6.95 2.72
C TYR A 59 5.33 5.62 3.38
N VAL A 60 5.83 4.53 2.79
CA VAL A 60 5.59 3.20 3.32
C VAL A 60 6.79 2.28 3.08
N GLU A 61 6.93 1.27 3.93
CA GLU A 61 8.03 0.33 3.82
C GLU A 61 7.53 -1.11 3.78
N ASP A 62 8.08 -1.91 2.88
CA ASP A 62 7.68 -3.31 2.74
C ASP A 62 8.05 -4.10 3.99
N ILE A 63 7.03 -4.53 4.74
CA ILE A 63 7.26 -5.30 5.95
C ILE A 63 7.15 -6.80 5.68
N SER A 64 6.25 -7.17 4.78
CA SER A 64 6.06 -8.58 4.43
C SER A 64 7.39 -9.31 4.37
N GLY A 65 7.53 -10.36 5.19
CA GLY A 65 8.76 -11.12 5.21
C GLY A 65 8.58 -12.51 4.62
N PRO A 66 9.70 -13.10 4.17
CA PRO A 66 9.69 -14.44 3.56
C PRO A 66 9.40 -15.54 4.59
N SER A 67 9.25 -15.14 5.85
CA SER A 67 8.98 -16.08 6.92
C SER A 67 7.48 -16.11 7.24
N SER A 68 6.95 -17.31 7.47
CA SER A 68 5.54 -17.47 7.79
C SER A 68 5.36 -18.06 9.19
N GLY A 69 4.97 -17.20 10.13
CA GLY A 69 4.77 -17.65 11.50
C GLY A 69 6.04 -17.58 12.32
N GLY A 1 -14.58 -8.96 -10.68
CA GLY A 1 -13.56 -9.19 -11.70
C GLY A 1 -12.18 -8.75 -11.24
N SER A 2 -11.63 -9.45 -10.26
CA SER A 2 -10.31 -9.13 -9.73
C SER A 2 -9.30 -10.23 -10.08
N SER A 3 -8.13 -9.82 -10.53
CA SER A 3 -7.08 -10.77 -10.90
C SER A 3 -5.71 -10.28 -10.41
N GLY A 4 -4.84 -11.23 -10.10
CA GLY A 4 -3.51 -10.88 -9.63
C GLY A 4 -3.26 -11.34 -8.21
N SER A 5 -2.92 -12.61 -8.05
CA SER A 5 -2.66 -13.18 -6.73
C SER A 5 -1.43 -12.54 -6.09
N SER A 6 -1.63 -11.35 -5.50
CA SER A 6 -0.53 -10.64 -4.86
C SER A 6 -0.87 -10.31 -3.41
N GLY A 7 -0.09 -10.86 -2.49
CA GLY A 7 -0.33 -10.62 -1.07
C GLY A 7 0.73 -9.73 -0.46
N ARG A 8 1.26 -8.80 -1.25
CA ARG A 8 2.29 -7.88 -0.76
C ARG A 8 1.78 -7.05 0.41
N THR A 9 2.69 -6.64 1.28
CA THR A 9 2.33 -5.84 2.44
C THR A 9 3.33 -4.71 2.66
N VAL A 10 2.83 -3.56 3.12
CA VAL A 10 3.68 -2.40 3.37
C VAL A 10 3.14 -1.56 4.51
N LYS A 11 4.04 -1.06 5.35
CA LYS A 11 3.66 -0.23 6.48
C LYS A 11 4.03 1.23 6.25
N ALA A 12 3.21 2.14 6.77
CA ALA A 12 3.45 3.56 6.63
C ALA A 12 4.44 4.06 7.67
N LEU A 13 5.49 4.74 7.21
CA LEU A 13 6.51 5.27 8.11
C LEU A 13 6.13 6.66 8.60
N TYR A 14 5.01 7.18 8.11
CA TYR A 14 4.54 8.50 8.49
C TYR A 14 3.04 8.65 8.21
N ASP A 15 2.39 9.51 8.99
CA ASP A 15 0.96 9.75 8.81
C ASP A 15 0.68 10.45 7.48
N TYR A 16 -0.25 9.89 6.72
CA TYR A 16 -0.61 10.46 5.43
C TYR A 16 -2.10 10.75 5.35
N LYS A 17 -2.48 11.65 4.46
CA LYS A 17 -3.88 12.02 4.29
C LYS A 17 -4.21 12.25 2.82
N ALA A 18 -5.36 11.71 2.38
CA ALA A 18 -5.79 11.86 1.00
C ALA A 18 -5.92 13.32 0.61
N LYS A 19 -5.04 13.78 -0.27
CA LYS A 19 -5.05 15.16 -0.73
C LYS A 19 -6.09 15.37 -1.83
N ARG A 20 -6.16 14.42 -2.76
CA ARG A 20 -7.11 14.49 -3.85
C ARG A 20 -7.77 13.13 -4.09
N SER A 21 -8.63 13.07 -5.10
CA SER A 21 -9.34 11.84 -5.43
C SER A 21 -8.35 10.70 -5.71
N ASP A 22 -8.88 9.49 -5.83
CA ASP A 22 -8.04 8.33 -6.10
C ASP A 22 -6.83 8.31 -5.17
N GLU A 23 -7.07 8.49 -3.89
CA GLU A 23 -5.99 8.49 -2.90
C GLU A 23 -6.34 7.60 -1.71
N LEU A 24 -5.31 7.13 -1.00
CA LEU A 24 -5.51 6.28 0.16
C LEU A 24 -5.19 7.03 1.45
N THR A 25 -6.14 6.98 2.39
CA THR A 25 -5.96 7.66 3.68
C THR A 25 -5.52 6.67 4.75
N PHE A 26 -4.36 6.93 5.34
CA PHE A 26 -3.82 6.06 6.38
C PHE A 26 -3.03 6.87 7.41
N CYS A 27 -2.50 6.18 8.41
CA CYS A 27 -1.72 6.83 9.46
C CYS A 27 -0.40 6.11 9.69
N ARG A 28 0.50 6.76 10.42
CA ARG A 28 1.81 6.19 10.70
C ARG A 28 1.68 4.83 11.41
N GLY A 29 2.10 3.78 10.73
CA GLY A 29 2.01 2.45 11.31
C GLY A 29 1.03 1.55 10.58
N ALA A 30 0.07 2.18 9.90
CA ALA A 30 -0.93 1.42 9.14
C ALA A 30 -0.27 0.39 8.23
N LEU A 31 -1.09 -0.44 7.60
CA LEU A 31 -0.60 -1.48 6.70
C LEU A 31 -1.49 -1.61 5.48
N ILE A 32 -0.89 -1.87 4.32
CA ILE A 32 -1.63 -2.02 3.08
C ILE A 32 -1.27 -3.33 2.39
N HIS A 33 -2.25 -4.22 2.27
CA HIS A 33 -2.04 -5.51 1.63
C HIS A 33 -2.47 -5.46 0.17
N ASN A 34 -2.00 -6.43 -0.62
CA ASN A 34 -2.35 -6.50 -2.04
C ASN A 34 -1.81 -5.27 -2.78
N VAL A 35 -0.51 -5.04 -2.65
CA VAL A 35 0.13 -3.90 -3.32
C VAL A 35 0.49 -4.24 -4.76
N SER A 36 0.02 -3.42 -5.69
CA SER A 36 0.28 -3.63 -7.10
C SER A 36 1.78 -3.48 -7.40
N LYS A 37 2.42 -2.55 -6.71
CA LYS A 37 3.84 -2.30 -6.90
C LYS A 37 4.16 -2.04 -8.37
N GLU A 38 3.30 -1.27 -9.02
CA GLU A 38 3.49 -0.94 -10.43
C GLU A 38 4.74 -0.11 -10.63
N PRO A 39 5.41 -0.30 -11.78
CA PRO A 39 6.64 0.42 -12.11
C PRO A 39 6.38 1.89 -12.40
N GLY A 40 6.37 2.72 -11.35
CA GLY A 40 6.14 4.13 -11.52
C GLY A 40 6.09 4.87 -10.19
N GLY A 41 6.93 4.44 -9.24
CA GLY A 41 6.96 5.07 -7.94
C GLY A 41 5.75 4.72 -7.09
N TRP A 42 4.73 5.56 -7.13
CA TRP A 42 3.51 5.33 -6.35
C TRP A 42 2.94 3.95 -6.66
N TRP A 43 2.20 3.40 -5.70
CA TRP A 43 1.59 2.08 -5.86
C TRP A 43 0.13 2.11 -5.44
N LYS A 44 -0.57 0.99 -5.64
CA LYS A 44 -1.97 0.89 -5.27
C LYS A 44 -2.23 -0.39 -4.47
N GLY A 45 -3.01 -0.26 -3.40
CA GLY A 45 -3.32 -1.40 -2.57
C GLY A 45 -4.66 -1.26 -1.87
N ASP A 46 -4.97 -2.22 -0.99
CA ASP A 46 -6.23 -2.20 -0.25
C ASP A 46 -5.97 -1.98 1.24
N TYR A 47 -6.83 -1.20 1.88
CA TYR A 47 -6.70 -0.91 3.30
C TYR A 47 -8.02 -0.43 3.88
N GLY A 48 -8.59 -1.23 4.78
CA GLY A 48 -9.86 -0.87 5.40
C GLY A 48 -10.93 -0.55 4.38
N THR A 49 -11.64 0.55 4.61
CA THR A 49 -12.72 0.96 3.71
C THR A 49 -12.19 1.14 2.28
N ARG A 50 -10.97 1.67 2.17
CA ARG A 50 -10.36 1.90 0.86
C ARG A 50 -10.05 0.57 0.17
N ILE A 51 -10.06 0.58 -1.16
CA ILE A 51 -9.78 -0.61 -1.93
C ILE A 51 -9.04 -0.27 -3.23
N GLN A 52 -7.78 -0.67 -3.31
CA GLN A 52 -6.97 -0.41 -4.49
C GLN A 52 -6.85 1.09 -4.75
N GLN A 53 -6.47 1.82 -3.71
CA GLN A 53 -6.32 3.27 -3.82
C GLN A 53 -4.84 3.66 -3.94
N TYR A 54 -4.54 4.57 -4.86
CA TYR A 54 -3.17 5.01 -5.08
C TYR A 54 -2.60 5.64 -3.81
N PHE A 55 -1.48 5.11 -3.35
CA PHE A 55 -0.82 5.61 -2.14
C PHE A 55 0.66 5.88 -2.40
N PRO A 56 1.23 6.84 -1.66
CA PRO A 56 2.64 7.21 -1.78
C PRO A 56 3.57 6.13 -1.26
N SER A 57 4.34 5.52 -2.16
CA SER A 57 5.28 4.47 -1.79
C SER A 57 6.42 5.04 -0.95
N ASN A 58 6.59 6.35 -0.99
CA ASN A 58 7.65 7.01 -0.24
C ASN A 58 7.27 7.15 1.24
N TYR A 59 5.99 6.93 1.52
CA TYR A 59 5.50 7.03 2.89
C TYR A 59 5.26 5.64 3.49
N VAL A 60 5.76 4.62 2.81
CA VAL A 60 5.61 3.25 3.28
C VAL A 60 6.85 2.42 2.94
N GLU A 61 7.03 1.33 3.68
CA GLU A 61 8.18 0.45 3.46
C GLU A 61 7.75 -1.01 3.51
N ASP A 62 8.38 -1.83 2.66
CA ASP A 62 8.06 -3.26 2.61
C ASP A 62 8.43 -3.95 3.92
N ILE A 63 7.42 -4.44 4.62
CA ILE A 63 7.64 -5.13 5.89
C ILE A 63 7.72 -6.63 5.70
N SER A 64 7.04 -7.14 4.67
CA SER A 64 7.03 -8.56 4.37
C SER A 64 8.34 -8.99 3.71
N GLY A 65 8.54 -10.29 3.58
CA GLY A 65 9.75 -10.80 2.95
C GLY A 65 9.58 -11.01 1.46
N PRO A 66 10.70 -10.94 0.72
CA PRO A 66 10.71 -11.12 -0.73
C PRO A 66 10.42 -12.56 -1.14
N SER A 67 10.88 -13.50 -0.32
CA SER A 67 10.67 -14.91 -0.60
C SER A 67 9.57 -15.49 0.29
N SER A 68 9.16 -16.72 0.00
CA SER A 68 8.11 -17.38 0.76
C SER A 68 8.33 -17.18 2.26
N GLY A 69 7.28 -17.45 3.04
CA GLY A 69 7.38 -17.29 4.48
C GLY A 69 6.45 -16.21 5.01
N GLY A 1 -12.16 -15.37 -10.09
CA GLY A 1 -10.95 -15.94 -10.64
C GLY A 1 -9.95 -14.87 -11.08
N SER A 2 -8.69 -15.27 -11.24
CA SER A 2 -7.65 -14.33 -11.66
C SER A 2 -6.36 -15.09 -11.97
N SER A 3 -5.47 -14.42 -12.70
CA SER A 3 -4.19 -15.02 -13.08
C SER A 3 -3.24 -15.06 -11.89
N GLY A 4 -3.09 -13.92 -11.23
CA GLY A 4 -2.20 -13.83 -10.07
C GLY A 4 -2.68 -12.83 -9.04
N SER A 5 -2.71 -13.25 -7.78
CA SER A 5 -3.16 -12.39 -6.69
C SER A 5 -1.97 -11.83 -5.92
N SER A 6 -1.89 -10.51 -5.83
CA SER A 6 -0.80 -9.85 -5.12
C SER A 6 -1.05 -9.88 -3.61
N GLY A 7 -0.02 -10.24 -2.86
CA GLY A 7 -0.14 -10.30 -1.41
C GLY A 7 0.94 -9.50 -0.70
N ARG A 8 1.40 -8.43 -1.35
CA ARG A 8 2.43 -7.58 -0.78
C ARG A 8 1.90 -6.81 0.42
N THR A 9 2.77 -6.57 1.39
CA THR A 9 2.39 -5.83 2.59
C THR A 9 3.46 -4.83 3.00
N VAL A 10 3.03 -3.62 3.35
CA VAL A 10 3.96 -2.57 3.75
C VAL A 10 3.39 -1.74 4.89
N LYS A 11 4.25 -1.34 5.82
CA LYS A 11 3.84 -0.54 6.96
C LYS A 11 4.05 0.95 6.70
N ALA A 12 3.11 1.77 7.15
CA ALA A 12 3.20 3.21 6.96
C ALA A 12 4.28 3.81 7.85
N LEU A 13 5.15 4.62 7.25
CA LEU A 13 6.23 5.26 7.99
C LEU A 13 5.86 6.69 8.36
N TYR A 14 4.76 7.18 7.80
CA TYR A 14 4.30 8.53 8.08
C TYR A 14 2.81 8.68 7.76
N ASP A 15 2.11 9.46 8.57
CA ASP A 15 0.68 9.69 8.38
C ASP A 15 0.42 10.40 7.06
N TYR A 16 -0.30 9.73 6.16
CA TYR A 16 -0.62 10.30 4.86
C TYR A 16 -2.13 10.36 4.64
N LYS A 17 -2.63 11.54 4.31
CA LYS A 17 -4.06 11.72 4.09
C LYS A 17 -4.34 11.87 2.59
N ALA A 18 -5.44 11.26 2.14
CA ALA A 18 -5.82 11.32 0.73
C ALA A 18 -6.33 12.72 0.37
N LYS A 19 -5.53 13.43 -0.44
CA LYS A 19 -5.90 14.77 -0.87
C LYS A 19 -7.16 14.76 -1.72
N ARG A 20 -7.31 13.71 -2.54
CA ARG A 20 -8.47 13.57 -3.40
C ARG A 20 -9.06 12.17 -3.30
N SER A 21 -10.07 11.90 -4.12
CA SER A 21 -10.73 10.60 -4.12
C SER A 21 -9.96 9.60 -4.98
N ASP A 22 -8.63 9.72 -4.96
CA ASP A 22 -7.78 8.83 -5.74
C ASP A 22 -6.68 8.24 -4.88
N GLU A 23 -6.24 9.01 -3.88
CA GLU A 23 -5.17 8.58 -2.98
C GLU A 23 -5.72 7.63 -1.93
N LEU A 24 -4.86 7.22 -1.00
CA LEU A 24 -5.25 6.32 0.07
C LEU A 24 -5.18 7.00 1.43
N THR A 25 -6.17 6.74 2.28
CA THR A 25 -6.21 7.34 3.60
C THR A 25 -5.73 6.36 4.67
N PHE A 26 -4.62 6.69 5.31
CA PHE A 26 -4.05 5.84 6.35
C PHE A 26 -3.14 6.64 7.27
N CYS A 27 -2.90 6.11 8.47
CA CYS A 27 -2.04 6.77 9.44
C CYS A 27 -0.71 6.07 9.56
N ARG A 28 0.27 6.75 10.16
CA ARG A 28 1.61 6.18 10.33
C ARG A 28 1.54 4.85 11.07
N GLY A 29 2.19 3.84 10.50
CA GLY A 29 2.19 2.52 11.12
C GLY A 29 1.26 1.55 10.42
N ALA A 30 0.07 2.04 10.06
CA ALA A 30 -0.91 1.21 9.38
C ALA A 30 -0.30 0.48 8.19
N LEU A 31 -0.64 -0.80 8.06
CA LEU A 31 -0.12 -1.61 6.96
C LEU A 31 -1.04 -1.56 5.75
N ILE A 32 -0.47 -1.75 4.57
CA ILE A 32 -1.25 -1.73 3.34
C ILE A 32 -1.00 -2.99 2.50
N HIS A 33 -2.07 -3.76 2.30
CA HIS A 33 -1.97 -5.00 1.53
C HIS A 33 -2.37 -4.76 0.08
N ASN A 34 -2.13 -5.75 -0.76
CA ASN A 34 -2.47 -5.66 -2.18
C ASN A 34 -1.79 -4.45 -2.82
N VAL A 35 -0.48 -4.35 -2.63
CA VAL A 35 0.30 -3.25 -3.19
C VAL A 35 0.73 -3.55 -4.62
N SER A 36 0.29 -2.71 -5.55
CA SER A 36 0.64 -2.89 -6.96
C SER A 36 1.97 -2.22 -7.28
N LYS A 37 3.03 -3.02 -7.29
CA LYS A 37 4.37 -2.51 -7.59
C LYS A 37 4.47 -2.06 -9.04
N GLU A 38 3.92 -0.89 -9.33
CA GLU A 38 3.96 -0.35 -10.70
C GLU A 38 5.38 0.03 -11.10
N PRO A 39 5.65 -0.02 -12.41
CA PRO A 39 6.97 0.31 -12.96
C PRO A 39 7.29 1.80 -12.84
N GLY A 40 6.33 2.57 -12.32
CA GLY A 40 6.54 4.00 -12.17
C GLY A 40 7.05 4.37 -10.80
N GLY A 41 6.14 4.49 -9.83
CA GLY A 41 6.53 4.84 -8.48
C GLY A 41 5.40 4.66 -7.49
N TRP A 42 4.39 5.51 -7.57
CA TRP A 42 3.24 5.44 -6.67
C TRP A 42 2.47 4.14 -6.88
N TRP A 43 2.42 3.31 -5.85
CA TRP A 43 1.71 2.04 -5.92
C TRP A 43 0.28 2.18 -5.41
N LYS A 44 -0.57 1.21 -5.76
CA LYS A 44 -1.97 1.24 -5.34
C LYS A 44 -2.27 0.07 -4.41
N GLY A 45 -2.66 0.38 -3.18
CA GLY A 45 -2.97 -0.66 -2.22
C GLY A 45 -4.35 -0.49 -1.60
N ASP A 46 -4.73 -1.41 -0.73
CA ASP A 46 -6.03 -1.35 -0.07
C ASP A 46 -5.86 -1.16 1.44
N TYR A 47 -6.73 -0.35 2.03
CA TYR A 47 -6.68 -0.08 3.46
C TYR A 47 -8.03 0.45 3.97
N GLY A 48 -8.68 -0.34 4.81
CA GLY A 48 -9.96 0.07 5.35
C GLY A 48 -10.99 0.36 4.27
N THR A 49 -11.84 1.34 4.52
CA THR A 49 -12.88 1.71 3.56
C THR A 49 -12.30 1.84 2.16
N ARG A 50 -11.05 2.24 2.07
CA ARG A 50 -10.38 2.41 0.79
C ARG A 50 -9.98 1.05 0.20
N ILE A 51 -9.96 0.96 -1.12
CA ILE A 51 -9.60 -0.27 -1.80
C ILE A 51 -8.86 0.02 -3.10
N GLN A 52 -7.57 -0.31 -3.12
CA GLN A 52 -6.74 -0.09 -4.30
C GLN A 52 -6.62 1.40 -4.60
N GLN A 53 -6.22 2.17 -3.59
CA GLN A 53 -6.06 3.61 -3.76
C GLN A 53 -4.61 3.97 -4.04
N TYR A 54 -4.39 4.89 -4.98
CA TYR A 54 -3.05 5.31 -5.34
C TYR A 54 -2.32 5.89 -4.14
N PHE A 55 -1.70 5.02 -3.35
CA PHE A 55 -0.97 5.45 -2.16
C PHE A 55 0.53 5.51 -2.44
N PRO A 56 1.25 6.38 -1.69
CA PRO A 56 2.69 6.55 -1.83
C PRO A 56 3.48 5.33 -1.35
N SER A 57 4.36 4.83 -2.20
CA SER A 57 5.18 3.67 -1.86
C SER A 57 6.40 4.09 -1.06
N ASN A 58 6.70 5.39 -1.07
CA ASN A 58 7.85 5.90 -0.34
C ASN A 58 7.50 6.18 1.12
N TYR A 59 6.21 6.33 1.40
CA TYR A 59 5.73 6.59 2.75
C TYR A 59 5.41 5.29 3.48
N VAL A 60 6.00 4.19 3.00
CA VAL A 60 5.78 2.89 3.61
C VAL A 60 7.03 2.02 3.53
N GLU A 61 7.07 0.97 4.34
CA GLU A 61 8.22 0.06 4.35
C GLU A 61 7.76 -1.39 4.23
N ASP A 62 8.48 -2.17 3.43
CA ASP A 62 8.15 -3.58 3.23
C ASP A 62 8.35 -4.37 4.52
N ILE A 63 7.30 -5.04 4.97
CA ILE A 63 7.36 -5.84 6.18
C ILE A 63 7.16 -7.31 5.88
N SER A 64 6.29 -7.60 4.93
CA SER A 64 6.00 -8.99 4.55
C SER A 64 7.26 -9.85 4.62
N GLY A 65 7.36 -10.65 5.68
CA GLY A 65 8.51 -11.51 5.85
C GLY A 65 8.61 -12.08 7.24
N PRO A 66 9.68 -12.83 7.51
CA PRO A 66 9.92 -13.46 8.82
C PRO A 66 10.25 -12.44 9.90
N SER A 67 9.45 -12.43 10.97
CA SER A 67 9.64 -11.50 12.07
C SER A 67 9.10 -12.07 13.37
N SER A 68 9.62 -11.58 14.49
CA SER A 68 9.19 -12.04 15.81
C SER A 68 7.84 -11.44 16.18
N GLY A 69 7.26 -11.93 17.27
CA GLY A 69 5.98 -11.43 17.71
C GLY A 69 4.95 -12.53 17.92
N GLY A 1 -13.18 -13.97 -11.05
CA GLY A 1 -12.78 -13.95 -12.44
C GLY A 1 -11.34 -13.50 -12.62
N SER A 2 -10.43 -14.11 -11.86
CA SER A 2 -9.02 -13.75 -11.93
C SER A 2 -8.14 -14.94 -11.50
N SER A 3 -6.83 -14.77 -11.65
CA SER A 3 -5.89 -15.82 -11.27
C SER A 3 -4.52 -15.23 -10.95
N GLY A 4 -3.79 -15.89 -10.06
CA GLY A 4 -2.47 -15.42 -9.67
C GLY A 4 -2.53 -14.30 -8.66
N SER A 5 -1.93 -14.53 -7.49
CA SER A 5 -1.93 -13.54 -6.43
C SER A 5 -0.56 -13.49 -5.74
N SER A 6 -0.23 -12.32 -5.18
CA SER A 6 1.04 -12.15 -4.50
C SER A 6 0.84 -12.00 -2.99
N GLY A 7 0.05 -11.01 -2.60
CA GLY A 7 -0.21 -10.78 -1.19
C GLY A 7 0.85 -9.93 -0.53
N ARG A 8 1.23 -8.84 -1.19
CA ARG A 8 2.25 -7.94 -0.67
C ARG A 8 1.65 -7.01 0.38
N THR A 9 2.47 -6.61 1.35
CA THR A 9 2.03 -5.72 2.41
C THR A 9 3.08 -4.64 2.70
N VAL A 10 2.60 -3.42 2.95
CA VAL A 10 3.49 -2.30 3.24
C VAL A 10 3.01 -1.51 4.45
N LYS A 11 3.95 -1.01 5.24
CA LYS A 11 3.63 -0.23 6.42
C LYS A 11 3.96 1.25 6.22
N ALA A 12 3.06 2.11 6.68
CA ALA A 12 3.27 3.55 6.55
C ALA A 12 4.43 4.02 7.40
N LEU A 13 5.35 4.77 6.79
CA LEU A 13 6.52 5.28 7.49
C LEU A 13 6.22 6.65 8.12
N TYR A 14 5.14 7.27 7.68
CA TYR A 14 4.74 8.57 8.20
C TYR A 14 3.27 8.84 7.92
N ASP A 15 2.67 9.69 8.76
CA ASP A 15 1.26 10.04 8.60
C ASP A 15 1.01 10.72 7.26
N TYR A 16 0.01 10.22 6.52
CA TYR A 16 -0.33 10.77 5.21
C TYR A 16 -1.84 10.87 5.05
N LYS A 17 -2.32 12.06 4.71
CA LYS A 17 -3.74 12.28 4.52
C LYS A 17 -4.07 12.43 3.03
N ALA A 18 -5.14 11.76 2.61
CA ALA A 18 -5.57 11.82 1.21
C ALA A 18 -6.01 13.22 0.82
N LYS A 19 -5.18 13.90 0.03
CA LYS A 19 -5.50 15.25 -0.41
C LYS A 19 -6.77 15.27 -1.24
N ARG A 20 -6.89 14.33 -2.16
CA ARG A 20 -8.07 14.24 -3.02
C ARG A 20 -8.67 12.84 -2.97
N SER A 21 -9.72 12.62 -3.76
CA SER A 21 -10.40 11.33 -3.80
C SER A 21 -9.55 10.30 -4.54
N ASP A 22 -8.35 10.71 -4.95
CA ASP A 22 -7.45 9.82 -5.67
C ASP A 22 -6.25 9.45 -4.81
N GLU A 23 -6.51 9.21 -3.52
CA GLU A 23 -5.45 8.85 -2.58
C GLU A 23 -6.00 8.01 -1.44
N LEU A 24 -5.14 7.67 -0.49
CA LEU A 24 -5.53 6.87 0.66
C LEU A 24 -5.32 7.64 1.96
N THR A 25 -6.08 7.27 2.99
CA THR A 25 -5.98 7.92 4.29
C THR A 25 -5.46 6.96 5.35
N PHE A 26 -4.20 7.12 5.72
CA PHE A 26 -3.59 6.26 6.73
C PHE A 26 -2.51 7.01 7.51
N CYS A 27 -2.30 6.63 8.75
CA CYS A 27 -1.29 7.27 9.60
C CYS A 27 -0.04 6.40 9.70
N ARG A 28 0.98 6.92 10.38
CA ARG A 28 2.24 6.20 10.54
C ARG A 28 2.01 4.86 11.25
N GLY A 29 2.39 3.78 10.58
CA GLY A 29 2.21 2.45 11.15
C GLY A 29 1.21 1.61 10.38
N ALA A 30 0.19 2.27 9.84
CA ALA A 30 -0.84 1.57 9.07
C ALA A 30 -0.21 0.55 8.12
N LEU A 31 -1.04 -0.37 7.63
CA LEU A 31 -0.57 -1.40 6.70
C LEU A 31 -1.54 -1.58 5.54
N ILE A 32 -1.00 -1.83 4.36
CA ILE A 32 -1.82 -2.02 3.17
C ILE A 32 -1.47 -3.32 2.47
N HIS A 33 -2.47 -4.17 2.28
CA HIS A 33 -2.27 -5.46 1.62
C HIS A 33 -2.51 -5.34 0.11
N ASN A 34 -2.23 -6.41 -0.62
CA ASN A 34 -2.42 -6.43 -2.06
C ASN A 34 -1.66 -5.28 -2.72
N VAL A 35 -0.43 -5.05 -2.26
CA VAL A 35 0.40 -3.98 -2.80
C VAL A 35 1.05 -4.41 -4.11
N SER A 36 0.83 -3.62 -5.16
CA SER A 36 1.39 -3.91 -6.48
C SER A 36 2.51 -2.95 -6.82
N LYS A 37 3.65 -3.11 -6.15
CA LYS A 37 4.80 -2.25 -6.37
C LYS A 37 4.95 -1.92 -7.86
N GLU A 38 4.44 -0.75 -8.24
CA GLU A 38 4.51 -0.32 -9.64
C GLU A 38 5.97 -0.19 -10.09
N PRO A 39 6.17 -0.21 -11.42
CA PRO A 39 7.51 -0.10 -12.00
C PRO A 39 8.10 1.30 -11.84
N GLY A 40 7.28 2.24 -11.39
CA GLY A 40 7.73 3.60 -11.19
C GLY A 40 6.60 4.56 -10.86
N GLY A 41 6.35 4.73 -9.57
CA GLY A 41 5.28 5.62 -9.15
C GLY A 41 4.48 5.06 -8.00
N TRP A 42 3.34 5.68 -7.71
CA TRP A 42 2.47 5.24 -6.63
C TRP A 42 2.20 3.73 -6.73
N TRP A 43 1.71 3.15 -5.64
CA TRP A 43 1.42 1.72 -5.61
C TRP A 43 -0.08 1.48 -5.44
N LYS A 44 -0.51 0.26 -5.74
CA LYS A 44 -1.92 -0.11 -5.63
C LYS A 44 -2.13 -1.13 -4.53
N GLY A 45 -3.02 -0.81 -3.59
CA GLY A 45 -3.30 -1.72 -2.49
C GLY A 45 -4.67 -1.48 -1.88
N ASP A 46 -5.07 -2.37 -0.97
CA ASP A 46 -6.36 -2.26 -0.31
C ASP A 46 -6.19 -1.87 1.16
N TYR A 47 -7.00 -0.93 1.62
CA TYR A 47 -6.94 -0.47 3.00
C TYR A 47 -8.32 -0.08 3.52
N GLY A 48 -8.89 -0.92 4.38
CA GLY A 48 -10.20 -0.66 4.93
C GLY A 48 -11.25 -0.46 3.86
N THR A 49 -12.11 0.54 4.04
CA THR A 49 -13.17 0.82 3.08
C THR A 49 -12.62 0.91 1.66
N ARG A 50 -11.43 1.51 1.52
CA ARG A 50 -10.81 1.66 0.22
C ARG A 50 -10.35 0.30 -0.32
N ILE A 51 -10.24 0.20 -1.64
CA ILE A 51 -9.82 -1.04 -2.28
C ILE A 51 -9.03 -0.75 -3.55
N GLN A 52 -7.76 -1.15 -3.56
CA GLN A 52 -6.90 -0.94 -4.72
C GLN A 52 -6.80 0.55 -5.06
N GLN A 53 -6.46 1.35 -4.06
CA GLN A 53 -6.33 2.80 -4.25
C GLN A 53 -4.87 3.18 -4.50
N TYR A 54 -4.65 4.46 -4.78
CA TYR A 54 -3.30 4.95 -5.05
C TYR A 54 -2.70 5.59 -3.80
N PHE A 55 -1.45 5.27 -3.51
CA PHE A 55 -0.76 5.82 -2.34
C PHE A 55 0.72 6.02 -2.64
N PRO A 56 1.34 6.96 -1.91
CA PRO A 56 2.77 7.28 -2.07
C PRO A 56 3.66 6.15 -1.56
N SER A 57 4.42 5.56 -2.48
CA SER A 57 5.33 4.46 -2.12
C SER A 57 6.50 4.98 -1.28
N ASN A 58 6.64 6.30 -1.24
CA ASN A 58 7.72 6.92 -0.47
C ASN A 58 7.35 7.05 1.01
N TYR A 59 6.06 6.85 1.30
CA TYR A 59 5.57 6.95 2.67
C TYR A 59 5.19 5.58 3.20
N VAL A 60 5.76 4.53 2.61
CA VAL A 60 5.47 3.17 3.03
C VAL A 60 6.65 2.25 2.71
N GLU A 61 6.83 1.22 3.54
CA GLU A 61 7.92 0.26 3.33
C GLU A 61 7.40 -1.17 3.47
N ASP A 62 7.83 -2.03 2.55
CA ASP A 62 7.42 -3.42 2.55
C ASP A 62 7.79 -4.09 3.88
N ILE A 63 6.85 -4.86 4.43
CA ILE A 63 7.08 -5.54 5.70
C ILE A 63 7.03 -7.05 5.51
N SER A 64 6.29 -7.50 4.50
CA SER A 64 6.15 -8.92 4.22
C SER A 64 7.17 -9.36 3.17
N GLY A 65 8.24 -8.60 3.04
CA GLY A 65 9.28 -8.93 2.07
C GLY A 65 10.52 -9.52 2.72
N PRO A 66 11.58 -9.69 1.92
CA PRO A 66 12.85 -10.24 2.40
C PRO A 66 13.59 -9.29 3.33
N SER A 67 13.78 -9.72 4.58
CA SER A 67 14.47 -8.90 5.56
C SER A 67 15.76 -9.57 6.02
N SER A 68 16.84 -8.79 6.02
CA SER A 68 18.15 -9.30 6.43
C SER A 68 18.53 -8.78 7.82
N GLY A 69 19.44 -9.49 8.48
CA GLY A 69 19.88 -9.08 9.80
C GLY A 69 18.72 -8.69 10.70
N GLY A 1 -5.88 -16.37 -16.86
CA GLY A 1 -7.09 -15.68 -16.45
C GLY A 1 -7.19 -15.52 -14.95
N SER A 2 -7.35 -14.28 -14.50
CA SER A 2 -7.46 -13.99 -13.07
C SER A 2 -6.49 -14.86 -12.27
N SER A 3 -5.29 -15.05 -12.82
CA SER A 3 -4.27 -15.86 -12.16
C SER A 3 -3.03 -15.03 -11.82
N GLY A 4 -2.82 -14.79 -10.53
CA GLY A 4 -1.67 -14.01 -10.10
C GLY A 4 -2.02 -13.02 -9.01
N SER A 5 -2.51 -13.54 -7.89
CA SER A 5 -2.89 -12.69 -6.76
C SER A 5 -1.66 -12.23 -5.98
N SER A 6 -1.49 -10.91 -5.89
CA SER A 6 -0.35 -10.34 -5.17
C SER A 6 -0.72 -10.02 -3.74
N GLY A 7 -0.07 -10.70 -2.79
CA GLY A 7 -0.34 -10.48 -1.39
C GLY A 7 0.72 -9.64 -0.72
N ARG A 8 1.24 -8.65 -1.45
CA ARG A 8 2.28 -7.77 -0.93
C ARG A 8 1.74 -6.92 0.22
N THR A 9 2.61 -6.60 1.18
CA THR A 9 2.22 -5.79 2.32
C THR A 9 3.25 -4.70 2.60
N VAL A 10 2.77 -3.53 3.02
CA VAL A 10 3.65 -2.41 3.32
C VAL A 10 3.09 -1.57 4.48
N LYS A 11 3.98 -1.19 5.39
CA LYS A 11 3.58 -0.39 6.55
C LYS A 11 3.87 1.09 6.30
N ALA A 12 3.11 1.95 6.98
CA ALA A 12 3.28 3.40 6.83
C ALA A 12 4.33 3.92 7.79
N LEU A 13 5.25 4.72 7.28
CA LEU A 13 6.32 5.29 8.10
C LEU A 13 5.97 6.71 8.53
N TYR A 14 4.85 7.22 8.04
CA TYR A 14 4.41 8.56 8.37
C TYR A 14 2.93 8.76 8.02
N ASP A 15 2.22 9.49 8.86
CA ASP A 15 0.81 9.75 8.63
C ASP A 15 0.59 10.51 7.32
N TYR A 16 -0.26 9.97 6.47
CA TYR A 16 -0.55 10.59 5.18
C TYR A 16 -2.06 10.79 5.00
N LYS A 17 -2.43 11.96 4.49
CA LYS A 17 -3.83 12.28 4.26
C LYS A 17 -4.14 12.37 2.76
N ALA A 18 -5.16 11.63 2.32
CA ALA A 18 -5.54 11.64 0.92
C ALA A 18 -5.92 13.05 0.46
N LYS A 19 -5.48 13.40 -0.74
CA LYS A 19 -5.76 14.71 -1.31
C LYS A 19 -7.12 14.73 -1.99
N ARG A 20 -8.06 13.96 -1.45
CA ARG A 20 -9.40 13.89 -2.02
C ARG A 20 -9.35 13.86 -3.54
N SER A 21 -8.28 13.30 -4.08
CA SER A 21 -8.10 13.21 -5.53
C SER A 21 -7.75 11.79 -5.94
N ASP A 22 -8.57 10.83 -5.50
CA ASP A 22 -8.36 9.43 -5.83
C ASP A 22 -7.13 8.88 -5.10
N GLU A 23 -6.92 9.34 -3.87
CA GLU A 23 -5.79 8.90 -3.07
C GLU A 23 -6.24 7.98 -1.94
N LEU A 24 -5.27 7.40 -1.23
CA LEU A 24 -5.58 6.50 -0.12
C LEU A 24 -5.25 7.16 1.21
N THR A 25 -6.13 6.99 2.19
CA THR A 25 -5.94 7.57 3.51
C THR A 25 -5.41 6.52 4.49
N PHE A 26 -4.38 6.88 5.24
CA PHE A 26 -3.79 5.97 6.22
C PHE A 26 -2.78 6.71 7.10
N CYS A 27 -2.88 6.50 8.42
CA CYS A 27 -1.99 7.14 9.36
C CYS A 27 -0.78 6.25 9.65
N ARG A 28 0.31 6.87 10.10
CA ARG A 28 1.53 6.13 10.42
C ARG A 28 1.20 4.77 11.02
N GLY A 29 2.03 3.78 10.71
CA GLY A 29 1.81 2.43 11.23
C GLY A 29 0.60 1.77 10.62
N ALA A 30 0.45 1.89 9.30
CA ALA A 30 -0.67 1.29 8.60
C ALA A 30 -0.20 0.30 7.55
N LEU A 31 -0.61 -0.95 7.70
CA LEU A 31 -0.23 -2.01 6.77
C LEU A 31 -1.20 -2.08 5.59
N ILE A 32 -0.68 -2.11 4.38
CA ILE A 32 -1.50 -2.18 3.19
C ILE A 32 -1.22 -3.45 2.40
N HIS A 33 -2.22 -4.34 2.34
CA HIS A 33 -2.08 -5.60 1.62
C HIS A 33 -2.55 -5.45 0.18
N ASN A 34 -2.14 -6.38 -0.68
CA ASN A 34 -2.52 -6.36 -2.08
C ASN A 34 -1.93 -5.15 -2.78
N VAL A 35 -0.61 -4.99 -2.67
CA VAL A 35 0.09 -3.86 -3.29
C VAL A 35 0.50 -4.21 -4.72
N SER A 36 0.27 -3.27 -5.63
CA SER A 36 0.62 -3.47 -7.03
C SER A 36 2.13 -3.39 -7.23
N LYS A 37 2.76 -2.43 -6.56
CA LYS A 37 4.20 -2.24 -6.67
C LYS A 37 4.61 -1.91 -8.10
N GLU A 38 3.81 -1.09 -8.77
CA GLU A 38 4.08 -0.70 -10.15
C GLU A 38 5.54 -0.31 -10.32
N PRO A 39 6.06 -0.47 -11.55
CA PRO A 39 7.45 -0.15 -11.87
C PRO A 39 7.72 1.35 -11.86
N GLY A 40 6.64 2.14 -11.76
CA GLY A 40 6.77 3.58 -11.74
C GLY A 40 7.12 4.11 -10.37
N GLY A 41 6.11 4.65 -9.68
CA GLY A 41 6.33 5.19 -8.35
C GLY A 41 5.20 4.86 -7.40
N TRP A 42 4.05 5.50 -7.61
CA TRP A 42 2.88 5.28 -6.76
C TRP A 42 2.32 3.88 -6.97
N TRP A 43 1.91 3.25 -5.88
CA TRP A 43 1.35 1.90 -5.93
C TRP A 43 -0.10 1.89 -5.48
N LYS A 44 -0.77 0.75 -5.65
CA LYS A 44 -2.17 0.61 -5.26
C LYS A 44 -2.36 -0.58 -4.34
N GLY A 45 -2.96 -0.34 -3.18
CA GLY A 45 -3.20 -1.40 -2.22
C GLY A 45 -4.54 -1.28 -1.53
N ASP A 46 -4.85 -2.23 -0.66
CA ASP A 46 -6.11 -2.23 0.06
C ASP A 46 -5.87 -2.02 1.56
N TYR A 47 -6.42 -0.93 2.09
CA TYR A 47 -6.27 -0.61 3.50
C TYR A 47 -7.60 -0.18 4.11
N GLY A 48 -8.30 -1.13 4.72
CA GLY A 48 -9.58 -0.82 5.33
C GLY A 48 -10.57 -0.23 4.35
N THR A 49 -11.36 0.73 4.81
CA THR A 49 -12.35 1.38 3.97
C THR A 49 -11.85 1.54 2.54
N ARG A 50 -10.57 1.88 2.41
CA ARG A 50 -9.95 2.07 1.10
C ARG A 50 -9.58 0.73 0.48
N ILE A 51 -9.61 0.68 -0.84
CA ILE A 51 -9.28 -0.55 -1.57
C ILE A 51 -8.50 -0.25 -2.85
N GLN A 52 -7.36 -0.89 -3.00
CA GLN A 52 -6.52 -0.69 -4.18
C GLN A 52 -6.54 0.77 -4.63
N GLN A 53 -6.29 1.68 -3.69
CA GLN A 53 -6.28 3.10 -3.98
C GLN A 53 -4.86 3.62 -4.16
N TYR A 54 -4.71 4.63 -5.00
CA TYR A 54 -3.40 5.22 -5.25
C TYR A 54 -2.80 5.81 -3.98
N PHE A 55 -1.68 5.24 -3.53
CA PHE A 55 -1.02 5.71 -2.33
C PHE A 55 0.48 5.85 -2.56
N PRO A 56 1.11 6.76 -1.80
CA PRO A 56 2.56 7.01 -1.91
C PRO A 56 3.39 5.85 -1.38
N SER A 57 4.38 5.43 -2.15
CA SER A 57 5.25 4.32 -1.76
C SER A 57 6.40 4.82 -0.88
N ASN A 58 6.66 6.13 -0.94
CA ASN A 58 7.73 6.72 -0.16
C ASN A 58 7.32 6.88 1.30
N TYR A 59 6.02 6.84 1.55
CA TYR A 59 5.50 6.98 2.90
C TYR A 59 5.22 5.61 3.52
N VAL A 60 5.75 4.56 2.89
CA VAL A 60 5.55 3.20 3.38
C VAL A 60 6.77 2.34 3.07
N GLU A 61 6.92 1.25 3.82
CA GLU A 61 8.03 0.34 3.64
C GLU A 61 7.55 -1.11 3.56
N ASP A 62 8.20 -1.90 2.71
CA ASP A 62 7.85 -3.30 2.55
C ASP A 62 8.23 -4.10 3.78
N ILE A 63 7.22 -4.67 4.44
CA ILE A 63 7.45 -5.47 5.64
C ILE A 63 7.37 -6.96 5.33
N SER A 64 6.48 -7.32 4.41
CA SER A 64 6.30 -8.71 4.03
C SER A 64 7.64 -9.39 3.76
N GLY A 65 7.89 -10.50 4.45
CA GLY A 65 9.14 -11.21 4.28
C GLY A 65 9.18 -12.51 5.06
N PRO A 66 10.15 -13.37 4.75
CA PRO A 66 10.32 -14.66 5.41
C PRO A 66 10.79 -14.51 6.85
N SER A 67 11.84 -13.72 7.06
CA SER A 67 12.39 -13.51 8.39
C SER A 67 11.27 -13.41 9.42
N SER A 68 11.06 -14.49 10.17
CA SER A 68 10.02 -14.53 11.18
C SER A 68 10.63 -14.55 12.58
N GLY A 69 10.36 -13.51 13.37
CA GLY A 69 10.89 -13.44 14.72
C GLY A 69 9.99 -14.10 15.73
N GLY A 1 -16.84 -12.65 -5.47
CA GLY A 1 -15.59 -13.25 -5.04
C GLY A 1 -14.49 -13.13 -6.08
N SER A 2 -13.28 -12.83 -5.63
CA SER A 2 -12.15 -12.68 -6.54
C SER A 2 -11.05 -13.67 -6.20
N SER A 3 -10.37 -14.17 -7.24
CA SER A 3 -9.30 -15.14 -7.05
C SER A 3 -8.21 -14.95 -8.09
N GLY A 4 -7.03 -14.53 -7.64
CA GLY A 4 -5.92 -14.30 -8.54
C GLY A 4 -5.29 -12.94 -8.36
N SER A 5 -5.00 -12.59 -7.11
CA SER A 5 -4.40 -11.29 -6.81
C SER A 5 -3.10 -11.47 -6.02
N SER A 6 -2.36 -10.38 -5.86
CA SER A 6 -1.09 -10.40 -5.13
C SER A 6 -1.34 -10.50 -3.63
N GLY A 7 -0.26 -10.61 -2.87
CA GLY A 7 -0.38 -10.69 -1.43
C GLY A 7 0.72 -9.94 -0.70
N ARG A 8 1.06 -8.76 -1.22
CA ARG A 8 2.10 -7.94 -0.62
C ARG A 8 1.51 -6.94 0.36
N THR A 9 2.27 -6.61 1.40
CA THR A 9 1.82 -5.67 2.42
C THR A 9 2.91 -4.66 2.75
N VAL A 10 2.50 -3.41 2.98
CA VAL A 10 3.44 -2.35 3.31
C VAL A 10 2.93 -1.50 4.47
N LYS A 11 3.82 -1.14 5.38
CA LYS A 11 3.47 -0.32 6.54
C LYS A 11 3.83 1.14 6.30
N ALA A 12 3.04 2.03 6.88
CA ALA A 12 3.28 3.47 6.74
C ALA A 12 4.41 3.93 7.66
N LEU A 13 5.38 4.62 7.08
CA LEU A 13 6.53 5.12 7.84
C LEU A 13 6.24 6.50 8.41
N TYR A 14 5.19 7.14 7.90
CA TYR A 14 4.81 8.47 8.35
C TYR A 14 3.36 8.77 8.00
N ASP A 15 2.70 9.55 8.85
CA ASP A 15 1.30 9.92 8.64
C ASP A 15 1.15 10.69 7.33
N TYR A 16 0.22 10.25 6.48
CA TYR A 16 -0.02 10.90 5.21
C TYR A 16 -1.52 11.07 4.96
N LYS A 17 -1.90 12.27 4.52
CA LYS A 17 -3.30 12.57 4.25
C LYS A 17 -3.59 12.49 2.76
N ALA A 18 -4.73 11.90 2.42
CA ALA A 18 -5.13 11.76 1.02
C ALA A 18 -6.27 12.71 0.67
N LYS A 19 -6.50 12.91 -0.62
CA LYS A 19 -7.56 13.80 -1.07
C LYS A 19 -8.90 13.09 -1.08
N ARG A 20 -8.98 11.98 -0.36
CA ARG A 20 -10.21 11.20 -0.27
C ARG A 20 -10.95 11.19 -1.61
N SER A 21 -10.18 11.29 -2.70
CA SER A 21 -10.76 11.30 -4.04
C SER A 21 -10.04 10.31 -4.95
N ASP A 22 -8.72 10.46 -5.05
CA ASP A 22 -7.91 9.59 -5.88
C ASP A 22 -6.66 9.14 -5.15
N GLU A 23 -6.68 9.26 -3.82
CA GLU A 23 -5.53 8.87 -3.00
C GLU A 23 -5.98 7.95 -1.85
N LEU A 24 -5.03 7.58 -1.01
CA LEU A 24 -5.32 6.71 0.12
C LEU A 24 -4.99 7.39 1.44
N THR A 25 -5.92 7.36 2.38
CA THR A 25 -5.73 7.97 3.68
C THR A 25 -5.22 6.96 4.70
N PHE A 26 -4.20 7.35 5.46
CA PHE A 26 -3.61 6.48 6.47
C PHE A 26 -2.60 7.22 7.32
N CYS A 27 -2.40 6.76 8.54
CA CYS A 27 -1.45 7.39 9.46
C CYS A 27 -0.27 6.46 9.73
N ARG A 28 0.82 7.04 10.21
CA ARG A 28 2.03 6.27 10.51
C ARG A 28 1.67 4.97 11.22
N GLY A 29 2.14 3.85 10.65
CA GLY A 29 1.86 2.56 11.25
C GLY A 29 0.86 1.75 10.43
N ALA A 30 -0.05 2.45 9.77
CA ALA A 30 -1.07 1.79 8.96
C ALA A 30 -0.44 0.71 8.07
N LEU A 31 -1.29 -0.10 7.45
CA LEU A 31 -0.83 -1.17 6.58
C LEU A 31 -1.70 -1.29 5.34
N ILE A 32 -1.08 -1.59 4.20
CA ILE A 32 -1.80 -1.73 2.94
C ILE A 32 -1.52 -3.07 2.29
N HIS A 33 -2.57 -3.86 2.09
CA HIS A 33 -2.43 -5.18 1.48
C HIS A 33 -2.63 -5.09 -0.04
N ASN A 34 -2.24 -6.15 -0.74
CA ASN A 34 -2.38 -6.18 -2.20
C ASN A 34 -1.57 -5.07 -2.86
N VAL A 35 -0.31 -4.95 -2.45
CA VAL A 35 0.57 -3.93 -3.00
C VAL A 35 1.16 -4.37 -4.34
N SER A 36 0.94 -3.56 -5.37
CA SER A 36 1.45 -3.87 -6.71
C SER A 36 2.62 -2.97 -7.07
N LYS A 37 3.84 -3.46 -6.81
CA LYS A 37 5.03 -2.70 -7.11
C LYS A 37 5.11 -2.34 -8.59
N GLU A 38 4.37 -1.31 -8.98
CA GLU A 38 4.35 -0.86 -10.37
C GLU A 38 5.75 -0.48 -10.85
N PRO A 39 5.94 -0.45 -12.17
CA PRO A 39 7.22 -0.12 -12.78
C PRO A 39 7.58 1.36 -12.60
N GLY A 40 6.70 2.09 -11.92
CA GLY A 40 6.93 3.51 -11.69
C GLY A 40 7.13 3.83 -10.23
N GLY A 41 6.51 4.93 -9.78
CA GLY A 41 6.63 5.33 -8.38
C GLY A 41 5.49 4.82 -7.53
N TRP A 42 4.34 5.47 -7.65
CA TRP A 42 3.16 5.08 -6.88
C TRP A 42 2.77 3.63 -7.17
N TRP A 43 2.20 2.96 -6.18
CA TRP A 43 1.78 1.57 -6.33
C TRP A 43 0.28 1.42 -6.09
N LYS A 44 -0.21 0.20 -6.24
CA LYS A 44 -1.63 -0.07 -6.04
C LYS A 44 -1.84 -0.97 -4.82
N GLY A 45 -2.72 -0.53 -3.92
CA GLY A 45 -3.01 -1.31 -2.72
C GLY A 45 -4.35 -0.96 -2.10
N ASP A 46 -4.86 -1.85 -1.26
CA ASP A 46 -6.14 -1.63 -0.61
C ASP A 46 -5.96 -1.55 0.91
N TYR A 47 -6.64 -0.58 1.52
CA TYR A 47 -6.56 -0.38 2.96
C TYR A 47 -7.91 0.00 3.54
N GLY A 48 -8.51 -0.93 4.28
CA GLY A 48 -9.81 -0.68 4.89
C GLY A 48 -10.80 -0.06 3.91
N THR A 49 -11.59 0.88 4.38
CA THR A 49 -12.58 1.55 3.55
C THR A 49 -12.06 1.75 2.14
N ARG A 50 -10.80 2.18 2.04
CA ARG A 50 -10.18 2.42 0.74
C ARG A 50 -9.86 1.10 0.04
N ILE A 51 -9.95 1.11 -1.29
CA ILE A 51 -9.67 -0.08 -2.07
C ILE A 51 -8.96 0.28 -3.38
N GLN A 52 -7.69 -0.10 -3.47
CA GLN A 52 -6.90 0.17 -4.67
C GLN A 52 -6.76 1.68 -4.89
N GLN A 53 -6.40 2.39 -3.82
CA GLN A 53 -6.23 3.84 -3.90
C GLN A 53 -4.74 4.21 -3.93
N TYR A 54 -4.37 5.05 -4.89
CA TYR A 54 -2.99 5.48 -5.04
C TYR A 54 -2.42 5.97 -3.71
N PHE A 55 -1.26 5.46 -3.34
CA PHE A 55 -0.61 5.84 -2.09
C PHE A 55 0.89 6.04 -2.29
N PRO A 56 1.49 6.90 -1.44
CA PRO A 56 2.92 7.19 -1.51
C PRO A 56 3.78 6.01 -1.07
N SER A 57 4.39 5.35 -2.04
CA SER A 57 5.24 4.19 -1.74
C SER A 57 6.44 4.60 -0.90
N ASN A 58 6.80 5.87 -0.96
CA ASN A 58 7.93 6.40 -0.19
C ASN A 58 7.56 6.54 1.28
N TYR A 59 6.28 6.76 1.55
CA TYR A 59 5.79 6.92 2.92
C TYR A 59 5.42 5.57 3.52
N VAL A 60 5.92 4.50 2.92
CA VAL A 60 5.63 3.15 3.40
C VAL A 60 6.83 2.22 3.16
N GLU A 61 6.78 1.05 3.79
CA GLU A 61 7.86 0.07 3.65
C GLU A 61 7.31 -1.35 3.75
N ASP A 62 7.91 -2.26 2.99
CA ASP A 62 7.49 -3.65 2.99
C ASP A 62 7.65 -4.26 4.37
N ILE A 63 6.64 -5.01 4.82
CA ILE A 63 6.67 -5.64 6.12
C ILE A 63 6.41 -7.15 6.01
N SER A 64 5.53 -7.52 5.10
CA SER A 64 5.18 -8.92 4.88
C SER A 64 6.41 -9.80 5.03
N GLY A 65 6.33 -10.78 5.94
CA GLY A 65 7.44 -11.68 6.16
C GLY A 65 7.49 -12.81 5.14
N PRO A 66 8.60 -13.57 5.15
CA PRO A 66 8.79 -14.69 4.24
C PRO A 66 7.87 -15.87 4.54
N SER A 67 6.72 -15.89 3.89
CA SER A 67 5.74 -16.97 4.10
C SER A 67 5.48 -17.72 2.80
N SER A 68 5.81 -19.00 2.80
CA SER A 68 5.61 -19.84 1.62
C SER A 68 4.20 -19.66 1.07
N GLY A 69 3.22 -19.62 1.95
CA GLY A 69 1.84 -19.46 1.53
C GLY A 69 1.18 -18.23 2.14
N GLY A 1 -13.62 -16.61 -11.23
CA GLY A 1 -12.55 -16.81 -10.27
C GLY A 1 -11.24 -16.20 -10.72
N SER A 2 -11.25 -14.91 -11.02
CA SER A 2 -10.05 -14.22 -11.48
C SER A 2 -8.81 -14.75 -10.76
N SER A 3 -7.71 -14.88 -11.51
CA SER A 3 -6.47 -15.38 -10.95
C SER A 3 -5.40 -14.30 -10.96
N GLY A 4 -4.67 -14.17 -9.85
CA GLY A 4 -3.62 -13.17 -9.76
C GLY A 4 -3.62 -12.46 -8.42
N SER A 5 -2.99 -13.07 -7.43
CA SER A 5 -2.92 -12.50 -6.09
C SER A 5 -1.50 -12.56 -5.54
N SER A 6 -0.83 -11.42 -5.52
CA SER A 6 0.54 -11.35 -5.02
C SER A 6 0.57 -11.51 -3.50
N GLY A 7 -0.24 -10.72 -2.82
CA GLY A 7 -0.30 -10.78 -1.36
C GLY A 7 0.79 -9.96 -0.71
N ARG A 8 1.19 -8.87 -1.38
CA ARG A 8 2.23 -8.00 -0.85
C ARG A 8 1.67 -7.07 0.22
N THR A 9 2.50 -6.74 1.21
CA THR A 9 2.09 -5.85 2.30
C THR A 9 3.18 -4.84 2.62
N VAL A 10 2.75 -3.63 2.96
CA VAL A 10 3.69 -2.56 3.30
C VAL A 10 3.14 -1.67 4.40
N LYS A 11 3.99 -1.32 5.37
CA LYS A 11 3.58 -0.47 6.47
C LYS A 11 3.95 0.99 6.20
N ALA A 12 3.17 1.90 6.77
CA ALA A 12 3.40 3.32 6.59
C ALA A 12 4.38 3.85 7.64
N LEU A 13 5.45 4.49 7.16
CA LEU A 13 6.46 5.04 8.05
C LEU A 13 6.20 6.52 8.34
N TYR A 14 5.08 7.02 7.81
CA TYR A 14 4.71 8.42 8.02
C TYR A 14 3.20 8.61 7.80
N ASP A 15 2.62 9.51 8.59
CA ASP A 15 1.20 9.79 8.50
C ASP A 15 0.89 10.61 7.24
N TYR A 16 -0.07 10.13 6.45
CA TYR A 16 -0.45 10.81 5.22
C TYR A 16 -1.96 11.03 5.17
N LYS A 17 -2.37 12.11 4.50
CA LYS A 17 -3.79 12.43 4.38
C LYS A 17 -4.22 12.43 2.92
N ALA A 18 -5.37 11.85 2.63
CA ALA A 18 -5.89 11.79 1.27
C ALA A 18 -6.87 12.92 1.02
N LYS A 19 -6.59 13.72 -0.01
CA LYS A 19 -7.45 14.84 -0.37
C LYS A 19 -8.15 14.59 -1.70
N ARG A 20 -8.08 13.36 -2.17
CA ARG A 20 -8.71 12.99 -3.43
C ARG A 20 -9.28 11.58 -3.37
N SER A 21 -10.42 11.37 -4.02
CA SER A 21 -11.06 10.06 -4.04
C SER A 21 -10.11 8.99 -4.53
N ASP A 22 -9.10 9.39 -5.29
CA ASP A 22 -8.11 8.47 -5.82
C ASP A 22 -7.07 8.12 -4.76
N GLU A 23 -6.44 9.14 -4.19
CA GLU A 23 -5.43 8.94 -3.17
C GLU A 23 -5.96 8.08 -2.03
N LEU A 24 -5.08 7.67 -1.13
CA LEU A 24 -5.47 6.84 0.01
C LEU A 24 -5.04 7.49 1.32
N THR A 25 -5.86 7.32 2.35
CA THR A 25 -5.57 7.89 3.66
C THR A 25 -5.05 6.82 4.62
N PHE A 26 -3.99 7.15 5.34
CA PHE A 26 -3.39 6.22 6.30
C PHE A 26 -2.38 6.92 7.20
N CYS A 27 -2.44 6.63 8.49
CA CYS A 27 -1.53 7.24 9.45
C CYS A 27 -0.28 6.38 9.65
N ARG A 28 0.78 6.99 10.14
CA ARG A 28 2.04 6.29 10.37
C ARG A 28 1.79 4.96 11.09
N GLY A 29 2.04 3.86 10.39
CA GLY A 29 1.85 2.55 10.98
C GLY A 29 0.69 1.80 10.35
N ALA A 30 0.26 2.25 9.17
CA ALA A 30 -0.85 1.62 8.46
C ALA A 30 -0.33 0.67 7.39
N LEU A 31 -0.68 -0.62 7.53
CA LEU A 31 -0.25 -1.63 6.57
C LEU A 31 -1.23 -1.72 5.40
N ILE A 32 -0.68 -1.85 4.20
CA ILE A 32 -1.51 -1.96 3.00
C ILE A 32 -1.29 -3.29 2.29
N HIS A 33 -2.35 -4.08 2.19
CA HIS A 33 -2.27 -5.38 1.53
C HIS A 33 -2.62 -5.26 0.05
N ASN A 34 -2.16 -6.23 -0.73
CA ASN A 34 -2.42 -6.24 -2.17
C ASN A 34 -1.77 -5.03 -2.84
N VAL A 35 -0.53 -4.76 -2.48
CA VAL A 35 0.21 -3.63 -3.04
C VAL A 35 0.64 -3.93 -4.48
N SER A 36 0.70 -2.88 -5.29
CA SER A 36 1.09 -3.03 -6.69
C SER A 36 2.46 -2.40 -6.94
N LYS A 37 3.44 -3.23 -7.28
CA LYS A 37 4.79 -2.75 -7.54
C LYS A 37 4.90 -2.18 -8.95
N GLU A 38 4.33 -1.00 -9.16
CA GLU A 38 4.36 -0.36 -10.47
C GLU A 38 5.78 0.12 -10.80
N PRO A 39 6.03 0.36 -12.09
CA PRO A 39 7.34 0.82 -12.57
C PRO A 39 7.64 2.25 -12.14
N GLY A 40 8.12 2.40 -10.92
CA GLY A 40 8.45 3.73 -10.40
C GLY A 40 7.21 4.60 -10.23
N GLY A 41 6.95 4.99 -8.98
CA GLY A 41 5.79 5.82 -8.70
C GLY A 41 5.05 5.37 -7.47
N TRP A 42 3.82 5.85 -7.32
CA TRP A 42 2.99 5.49 -6.17
C TRP A 42 2.33 4.13 -6.38
N TRP A 43 2.38 3.29 -5.35
CA TRP A 43 1.80 1.95 -5.43
C TRP A 43 0.32 1.99 -5.03
N LYS A 44 -0.41 0.96 -5.44
CA LYS A 44 -1.84 0.87 -5.13
C LYS A 44 -2.13 -0.37 -4.28
N GLY A 45 -3.04 -0.23 -3.33
CA GLY A 45 -3.39 -1.34 -2.47
C GLY A 45 -4.76 -1.17 -1.84
N ASP A 46 -4.93 -1.71 -0.64
CA ASP A 46 -6.20 -1.62 0.07
C ASP A 46 -5.99 -1.26 1.54
N TYR A 47 -6.76 -0.31 2.03
CA TYR A 47 -6.65 0.13 3.42
C TYR A 47 -7.98 0.67 3.93
N GLY A 48 -8.61 -0.07 4.84
CA GLY A 48 -9.87 0.36 5.39
C GLY A 48 -10.97 0.45 4.34
N THR A 49 -11.89 1.39 4.53
CA THR A 49 -13.00 1.57 3.60
C THR A 49 -12.47 1.72 2.17
N ARG A 50 -11.24 2.19 2.04
CA ARG A 50 -10.64 2.38 0.73
C ARG A 50 -10.10 1.06 0.18
N ILE A 51 -10.20 0.88 -1.13
CA ILE A 51 -9.73 -0.34 -1.78
C ILE A 51 -9.09 -0.03 -3.13
N GLN A 52 -7.96 -0.69 -3.40
CA GLN A 52 -7.26 -0.48 -4.67
C GLN A 52 -7.11 1.00 -4.97
N GLN A 53 -6.59 1.75 -4.01
CA GLN A 53 -6.40 3.19 -4.19
C GLN A 53 -4.95 3.51 -4.51
N TYR A 54 -4.63 4.80 -4.59
CA TYR A 54 -3.28 5.23 -4.89
C TYR A 54 -2.56 5.72 -3.64
N PHE A 55 -1.42 5.11 -3.34
CA PHE A 55 -0.63 5.49 -2.18
C PHE A 55 0.86 5.52 -2.50
N PRO A 56 1.57 6.48 -1.88
CA PRO A 56 3.01 6.65 -2.10
C PRO A 56 3.82 5.52 -1.48
N SER A 57 4.72 4.93 -2.27
CA SER A 57 5.55 3.83 -1.81
C SER A 57 6.72 4.35 -0.98
N ASN A 58 7.11 5.60 -1.23
CA ASN A 58 8.22 6.21 -0.51
C ASN A 58 7.81 6.55 0.92
N TYR A 59 6.53 6.31 1.24
CA TYR A 59 6.02 6.60 2.58
C TYR A 59 5.72 5.31 3.34
N VAL A 60 5.99 4.18 2.69
CA VAL A 60 5.76 2.87 3.31
C VAL A 60 6.94 1.93 3.08
N GLU A 61 6.93 0.81 3.79
CA GLU A 61 8.02 -0.17 3.66
C GLU A 61 7.47 -1.59 3.79
N ASP A 62 8.06 -2.51 3.03
CA ASP A 62 7.63 -3.90 3.04
C ASP A 62 7.83 -4.51 4.43
N ILE A 63 6.74 -5.06 4.98
CA ILE A 63 6.80 -5.67 6.30
C ILE A 63 6.68 -7.19 6.21
N SER A 64 6.32 -7.68 5.02
CA SER A 64 6.17 -9.12 4.80
C SER A 64 7.53 -9.77 4.56
N GLY A 65 7.74 -10.92 5.19
CA GLY A 65 9.00 -11.63 5.04
C GLY A 65 8.80 -13.11 4.76
N PRO A 66 9.83 -13.77 4.23
CA PRO A 66 9.79 -15.20 3.92
C PRO A 66 9.77 -16.07 5.17
N SER A 67 9.24 -17.27 5.05
CA SER A 67 9.15 -18.19 6.17
C SER A 67 8.86 -19.61 5.69
N SER A 68 9.87 -20.47 5.74
CA SER A 68 9.72 -21.86 5.30
C SER A 68 9.24 -22.74 6.46
N GLY A 69 10.05 -22.83 7.51
CA GLY A 69 9.68 -23.63 8.66
C GLY A 69 10.52 -23.30 9.88
#